data_4PY3
#
_entry.id   4PY3
#
_cell.length_a   55.810
_cell.length_b   324.160
_cell.length_c   86.130
_cell.angle_alpha   90.00
_cell.angle_beta   109.24
_cell.angle_gamma   90.00
#
_symmetry.space_group_name_H-M   'P 1 21 1'
#
loop_
_entity.id
_entity.type
_entity.pdbx_description
1 polymer 'Bartonella effector protein (Bep) substrate of VirB T4SS'
2 non-polymer 1,2-ETHANEDIOL
3 water water
#
_entity_poly.entity_id   1
_entity_poly.type   'polypeptide(L)'
_entity_poly.pdbx_seq_one_letter_code
;MAHHHHHHMARNYAYPHMNTLKNKHNIMSTKKLAHVCEHYAKKAIINLNKEPLPQKFDSSYLKYIHQRLFESTFEWAGYT
RDFSFTFDDGTVAEMPMMKVPNLDIFYVQGNDIQENLKKFDQLLASKNNLQGLSREEFVDEAAKLFVFLNSIAPFRAGNE
PTQRVFFEKLAEAAGHQLDFSVATEKRIMRACIDGMTLKDNMAYKEMKSLFEDISDPKKIAALKNFLRRIPRLERERLND
E
;
_entity_poly.pdbx_strand_id   A,B,C,D,E,F,G,H,I,J
#
# COMPACT_ATOMS: atom_id res chain seq x y z
N HIS A 8 -37.10 7.13 15.67
CA HIS A 8 -38.60 6.96 15.66
C HIS A 8 -39.31 8.23 15.10
N MET A 9 -38.90 9.41 15.56
CA MET A 9 -39.57 10.66 15.19
C MET A 9 -39.32 11.13 13.75
N ALA A 10 -38.31 10.58 13.08
CA ALA A 10 -37.99 10.97 11.70
C ALA A 10 -39.08 10.61 10.71
N ARG A 11 -39.68 9.43 10.87
CA ARG A 11 -40.80 9.00 10.02
C ARG A 11 -42.00 9.96 10.04
N ASN A 12 -42.13 10.78 11.09
CA ASN A 12 -43.22 11.77 11.18
C ASN A 12 -43.16 12.96 10.23
N TYR A 13 -42.02 13.20 9.57
CA TYR A 13 -41.97 14.15 8.47
C TYR A 13 -42.73 13.62 7.23
N ALA A 14 -42.80 12.31 7.07
CA ALA A 14 -43.48 11.71 5.92
C ALA A 14 -44.86 11.15 6.33
N TYR A 15 -45.72 10.87 5.36
CA TYR A 15 -47.06 10.31 5.67
C TYR A 15 -46.97 8.90 6.25
N PRO A 16 -47.94 8.49 7.09
CA PRO A 16 -47.86 7.14 7.68
C PRO A 16 -48.00 6.01 6.67
N HIS A 17 -48.65 6.31 5.56
CA HIS A 17 -48.96 5.33 4.55
C HIS A 17 -48.21 5.55 3.22
N MET A 18 -47.56 6.70 3.06
CA MET A 18 -46.68 6.93 1.91
C MET A 18 -45.35 7.64 2.26
N ASN A 19 -44.30 7.37 1.49
CA ASN A 19 -42.97 7.99 1.75
C ASN A 19 -42.90 9.45 1.51
N THR A 20 -43.88 9.97 0.80
CA THR A 20 -43.90 11.36 0.45
C THR A 20 -43.90 12.24 1.70
N LEU A 21 -43.22 13.38 1.61
CA LEU A 21 -43.16 14.32 2.72
C LEU A 21 -44.53 14.95 2.93
N LYS A 22 -44.92 15.10 4.19
CA LYS A 22 -46.18 15.76 4.52
C LYS A 22 -46.12 17.19 4.01
N ASN A 23 -47.22 17.65 3.43
CA ASN A 23 -47.26 18.99 2.87
C ASN A 23 -48.64 19.60 2.93
N LYS A 24 -48.68 20.93 2.90
CA LYS A 24 -49.93 21.67 3.05
C LYS A 24 -50.87 21.51 1.86
N HIS A 25 -50.37 20.99 0.75
CA HIS A 25 -51.20 20.78 -0.42
C HIS A 25 -51.92 19.44 -0.39
N ASN A 26 -51.57 18.59 0.58
CA ASN A 26 -52.11 17.23 0.67
C ASN A 26 -51.80 16.43 -0.60
N ILE A 27 -50.63 16.67 -1.18
CA ILE A 27 -50.18 15.97 -2.38
C ILE A 27 -49.39 14.72 -1.99
N MET A 28 -49.77 13.59 -2.60
CA MET A 28 -49.22 12.29 -2.22
C MET A 28 -48.14 11.80 -3.18
N SER A 29 -48.08 12.38 -4.37
CA SER A 29 -47.04 12.03 -5.33
C SER A 29 -45.79 12.87 -5.07
N THR A 30 -44.65 12.22 -4.86
CA THR A 30 -43.39 12.91 -4.64
C THR A 30 -43.00 13.74 -5.88
N LYS A 31 -43.28 13.20 -7.07
CA LYS A 31 -43.00 13.90 -8.32
C LYS A 31 -43.80 15.19 -8.44
N LYS A 32 -45.11 15.11 -8.20
CA LYS A 32 -45.98 16.29 -8.29
C LYS A 32 -45.62 17.30 -7.19
N LEU A 33 -45.30 16.80 -6.00
CA LEU A 33 -44.90 17.67 -4.89
C LEU A 33 -43.67 18.51 -5.28
N ALA A 34 -42.68 17.86 -5.87
CA ALA A 34 -41.47 18.55 -6.35
C ALA A 34 -41.82 19.72 -7.27
N HIS A 35 -42.71 19.49 -8.23
CA HIS A 35 -43.14 20.51 -9.20
C HIS A 35 -43.81 21.70 -8.50
N VAL A 36 -44.81 21.41 -7.67
CA VAL A 36 -45.57 22.44 -6.96
C VAL A 36 -44.63 23.23 -6.07
N CYS A 37 -43.67 22.51 -5.50
CA CYS A 37 -42.67 23.09 -4.64
C CYS A 37 -41.79 24.10 -5.39
N GLU A 38 -41.27 23.70 -6.56
CA GLU A 38 -40.48 24.61 -7.42
C GLU A 38 -41.31 25.84 -7.78
N HIS A 39 -42.60 25.65 -8.03
CA HIS A 39 -43.49 26.76 -8.38
C HIS A 39 -43.55 27.83 -7.30
N TYR A 40 -43.86 27.44 -6.07
CA TYR A 40 -43.98 28.40 -4.97
C TYR A 40 -42.64 29.04 -4.59
N ALA A 41 -41.57 28.25 -4.63
CA ALA A 41 -40.24 28.76 -4.36
C ALA A 41 -39.90 29.91 -5.29
N LYS A 42 -40.19 29.74 -6.58
CA LYS A 42 -39.97 30.79 -7.57
C LYS A 42 -40.78 32.05 -7.26
N LYS A 43 -42.04 31.88 -6.87
CA LYS A 43 -42.88 33.03 -6.52
C LYS A 43 -42.33 33.77 -5.31
N ALA A 44 -41.83 33.02 -4.34
CA ALA A 44 -41.33 33.61 -3.11
C ALA A 44 -40.05 34.39 -3.35
N ILE A 45 -39.21 33.87 -4.25
CA ILE A 45 -37.97 34.54 -4.63
C ILE A 45 -38.25 35.92 -5.22
N ILE A 46 -39.36 36.06 -5.94
CA ILE A 46 -39.73 37.35 -6.52
C ILE A 46 -39.95 38.40 -5.43
N ASN A 47 -40.68 38.04 -4.39
CA ASN A 47 -40.89 38.98 -3.28
C ASN A 47 -39.62 39.16 -2.45
N LEU A 48 -38.92 38.08 -2.22
CA LEU A 48 -37.64 38.14 -1.52
C LEU A 48 -36.63 39.08 -2.19
N ASN A 49 -36.58 39.06 -3.53
CA ASN A 49 -35.66 39.93 -4.26
C ASN A 49 -35.97 41.41 -4.13
N LYS A 50 -37.18 41.75 -3.69
CA LYS A 50 -37.53 43.14 -3.42
C LYS A 50 -37.00 43.63 -2.07
N GLU A 51 -36.53 42.71 -1.22
CA GLU A 51 -36.13 43.15 0.13
C GLU A 51 -34.61 43.50 0.18
N PRO A 52 -34.26 44.48 1.03
CA PRO A 52 -32.84 44.83 1.15
C PRO A 52 -32.04 43.65 1.66
N LEU A 53 -30.77 43.63 1.32
CA LEU A 53 -29.88 42.59 1.79
C LEU A 53 -29.66 42.84 3.27
N PRO A 54 -29.61 41.77 4.07
CA PRO A 54 -29.45 41.95 5.50
C PRO A 54 -28.05 42.43 5.87
N GLN A 55 -27.94 43.12 7.00
CA GLN A 55 -26.63 43.54 7.52
C GLN A 55 -25.81 42.34 8.01
N LYS A 56 -26.46 41.36 8.64
CA LYS A 56 -25.79 40.17 9.14
C LYS A 56 -26.21 38.97 8.32
N PHE A 57 -25.23 38.29 7.72
CA PHE A 57 -25.49 37.04 7.03
C PHE A 57 -25.23 35.93 8.03
N ASP A 58 -26.30 35.27 8.46
CA ASP A 58 -26.22 34.30 9.53
C ASP A 58 -27.32 33.25 9.36
N SER A 59 -27.37 32.30 10.28
CA SER A 59 -28.29 31.18 10.21
C SER A 59 -29.74 31.67 10.31
N SER A 60 -29.98 32.74 11.06
CA SER A 60 -31.31 33.34 11.08
C SER A 60 -31.77 33.73 9.67
N TYR A 61 -30.91 34.38 8.91
CA TYR A 61 -31.24 34.74 7.53
C TYR A 61 -31.45 33.50 6.67
N LEU A 62 -30.60 32.49 6.84
CA LEU A 62 -30.74 31.22 6.15
C LEU A 62 -32.12 30.57 6.42
N LYS A 63 -32.52 30.57 7.69
CA LYS A 63 -33.80 30.04 8.08
C LYS A 63 -34.93 30.83 7.47
N TYR A 64 -34.79 32.16 7.44
CA TYR A 64 -35.81 33.02 6.85
C TYR A 64 -35.99 32.72 5.36
N ILE A 65 -34.88 32.47 4.67
CA ILE A 65 -34.95 32.12 3.25
C ILE A 65 -35.73 30.83 3.08
N HIS A 66 -35.38 29.82 3.87
CA HIS A 66 -36.02 28.52 3.81
C HIS A 66 -37.50 28.68 4.14
N GLN A 67 -37.79 29.52 5.14
CA GLN A 67 -39.16 29.81 5.51
C GLN A 67 -39.93 30.36 4.30
N ARG A 68 -39.36 31.37 3.65
CA ARG A 68 -40.03 31.97 2.50
C ARG A 68 -40.19 31.02 1.33
N LEU A 69 -39.17 30.20 1.11
CA LEU A 69 -39.19 29.29 -0.04
C LEU A 69 -40.20 28.18 0.13
N PHE A 70 -40.44 27.75 1.37
CA PHE A 70 -41.23 26.55 1.62
C PHE A 70 -42.47 26.69 2.52
N GLU A 71 -42.80 27.90 2.97
CA GLU A 71 -43.93 28.09 3.89
C GLU A 71 -45.30 27.75 3.30
N SER A 72 -45.41 27.74 1.96
CA SER A 72 -46.67 27.36 1.32
C SER A 72 -46.82 25.85 1.19
N THR A 73 -45.73 25.12 1.41
CA THR A 73 -45.65 23.69 1.20
C THR A 73 -45.39 22.89 2.48
N PHE A 74 -44.44 23.32 3.29
CA PHE A 74 -44.09 22.58 4.49
C PHE A 74 -44.40 23.36 5.75
N GLU A 75 -45.09 22.72 6.69
CA GLU A 75 -45.45 23.29 7.96
C GLU A 75 -44.21 23.71 8.76
N TRP A 76 -43.13 22.95 8.61
CA TRP A 76 -41.88 23.16 9.35
C TRP A 76 -40.90 24.09 8.62
N ALA A 77 -41.35 24.74 7.54
CA ALA A 77 -40.47 25.63 6.81
C ALA A 77 -39.80 26.58 7.79
N GLY A 78 -38.48 26.70 7.66
CA GLY A 78 -37.71 27.64 8.46
C GLY A 78 -37.13 27.00 9.71
N TYR A 79 -37.69 25.85 10.09
CA TYR A 79 -37.24 25.10 11.25
C TYR A 79 -36.24 24.04 10.83
N THR A 80 -35.16 23.94 11.60
CA THR A 80 -34.10 22.98 11.32
C THR A 80 -34.46 21.61 11.89
N ARG A 81 -33.72 20.58 11.48
CA ARG A 81 -34.13 19.20 11.75
C ARG A 81 -33.77 18.73 13.15
N ASP A 82 -33.13 19.60 13.93
CA ASP A 82 -32.98 19.40 15.36
C ASP A 82 -34.13 20.03 16.15
N PHE A 83 -34.96 20.81 15.48
CA PHE A 83 -36.12 21.39 16.12
C PHE A 83 -37.24 20.34 16.20
N SER A 84 -37.74 20.13 17.40
CA SER A 84 -38.83 19.20 17.62
C SER A 84 -40.09 19.84 17.14
N PHE A 85 -40.54 19.48 15.94
CA PHE A 85 -41.63 20.17 15.30
C PHE A 85 -42.97 19.44 15.47
N THR A 86 -43.98 20.17 15.94
CA THR A 86 -45.32 19.61 16.09
C THR A 86 -46.15 19.95 14.86
N PHE A 87 -46.47 18.92 14.10
CA PHE A 87 -47.39 19.04 12.98
C PHE A 87 -48.81 19.33 13.43
N ASP A 88 -49.59 19.84 12.49
CA ASP A 88 -51.01 20.11 12.68
C ASP A 88 -51.78 18.83 13.09
N ASP A 89 -51.29 17.68 12.62
CA ASP A 89 -51.93 16.39 12.87
C ASP A 89 -51.60 15.83 14.26
N GLY A 90 -50.77 16.54 15.03
CA GLY A 90 -50.46 16.14 16.39
C GLY A 90 -49.12 15.43 16.54
N THR A 91 -48.53 14.96 15.45
CA THR A 91 -47.28 14.22 15.52
C THR A 91 -46.10 15.16 15.66
N VAL A 92 -45.00 14.62 16.17
CA VAL A 92 -43.81 15.41 16.45
C VAL A 92 -42.65 14.86 15.64
N ALA A 93 -42.01 15.71 14.87
CA ALA A 93 -40.95 15.27 13.95
C ALA A 93 -39.60 15.90 14.26
N GLU A 94 -38.58 15.07 14.07
CA GLU A 94 -37.21 15.46 14.32
C GLU A 94 -36.34 14.50 13.50
N MET A 95 -35.21 14.97 13.00
CA MET A 95 -34.32 14.09 12.24
C MET A 95 -32.84 14.35 12.51
N PRO A 96 -32.33 13.76 13.59
CA PRO A 96 -30.92 13.92 13.97
C PRO A 96 -29.93 13.27 13.01
N MET A 97 -30.30 12.15 12.40
CA MET A 97 -29.42 11.45 11.49
C MET A 97 -29.97 11.56 10.08
N MET A 98 -29.16 12.13 9.19
CA MET A 98 -29.50 12.23 7.79
C MET A 98 -28.25 11.86 6.99
N LYS A 99 -28.38 10.85 6.15
CA LYS A 99 -27.25 10.33 5.37
C LYS A 99 -27.10 11.11 4.09
N VAL A 100 -25.87 11.16 3.58
CA VAL A 100 -25.65 11.71 2.25
C VAL A 100 -26.14 10.68 1.25
N PRO A 101 -27.00 11.11 0.31
CA PRO A 101 -27.59 10.14 -0.63
C PRO A 101 -26.54 9.32 -1.39
N ASN A 102 -26.76 8.01 -1.45
CA ASN A 102 -25.90 7.06 -2.20
C ASN A 102 -24.48 6.83 -1.64
N LEU A 103 -24.04 7.63 -0.66
CA LEU A 103 -22.74 7.44 -0.03
C LEU A 103 -22.86 7.03 1.43
N ASP A 104 -21.78 6.49 1.99
CA ASP A 104 -21.77 5.99 3.37
C ASP A 104 -21.20 7.02 4.34
N ILE A 105 -21.65 8.26 4.21
CA ILE A 105 -21.32 9.31 5.18
C ILE A 105 -22.60 10.04 5.65
N PHE A 106 -22.52 10.59 6.84
CA PHE A 106 -23.63 11.34 7.42
C PHE A 106 -23.36 12.83 7.39
N TYR A 107 -24.41 13.62 7.18
CA TYR A 107 -24.35 15.04 7.43
C TYR A 107 -24.18 15.22 8.93
N VAL A 108 -23.96 16.45 9.36
CA VAL A 108 -23.80 16.74 10.78
C VAL A 108 -24.96 16.18 11.59
N GLN A 109 -24.64 15.49 12.68
CA GLN A 109 -25.64 14.95 13.59
C GLN A 109 -26.51 16.06 14.15
N GLY A 110 -27.78 15.76 14.38
CA GLY A 110 -28.75 16.73 14.86
C GLY A 110 -28.30 17.50 16.09
N ASN A 111 -27.69 16.80 17.04
CA ASN A 111 -27.22 17.42 18.28
C ASN A 111 -26.09 18.44 18.11
N ASP A 112 -25.41 18.41 16.96
CA ASP A 112 -24.31 19.34 16.66
C ASP A 112 -24.69 20.46 15.69
N ILE A 113 -25.93 20.47 15.23
CA ILE A 113 -26.35 21.43 14.22
C ILE A 113 -26.17 22.86 14.71
N GLN A 114 -26.63 23.13 15.92
CA GLN A 114 -26.60 24.48 16.48
C GLN A 114 -25.18 25.01 16.64
N GLU A 115 -24.29 24.17 17.15
CA GLU A 115 -22.90 24.58 17.37
C GLU A 115 -22.23 24.88 16.02
N ASN A 116 -22.50 24.05 15.02
CA ASN A 116 -21.95 24.27 13.68
C ASN A 116 -22.51 25.52 13.01
N LEU A 117 -23.81 25.75 13.14
CA LEU A 117 -24.42 26.95 12.56
C LEU A 117 -23.87 28.20 13.26
N LYS A 118 -23.68 28.11 14.58
CA LYS A 118 -23.05 29.19 15.33
C LYS A 118 -21.63 29.45 14.80
N LYS A 119 -20.85 28.39 14.59
CA LYS A 119 -19.50 28.52 14.05
C LYS A 119 -19.52 29.17 12.66
N PHE A 120 -20.48 28.74 11.85
CA PHE A 120 -20.74 29.33 10.53
C PHE A 120 -21.02 30.83 10.62
N ASP A 121 -21.90 31.20 11.54
CA ASP A 121 -22.21 32.62 11.78
C ASP A 121 -20.98 33.43 12.22
N GLN A 122 -20.17 32.86 13.10
CA GLN A 122 -18.95 33.51 13.61
C GLN A 122 -17.92 33.75 12.52
N LEU A 123 -17.70 32.75 11.68
CA LEU A 123 -16.79 32.90 10.55
C LEU A 123 -17.16 34.04 9.62
N LEU A 124 -18.43 34.11 9.25
CA LEU A 124 -18.92 35.18 8.39
C LEU A 124 -18.75 36.55 9.03
N ALA A 125 -19.13 36.65 10.30
CA ALA A 125 -19.03 37.89 11.06
C ALA A 125 -17.56 38.34 11.19
N SER A 126 -16.68 37.38 11.49
CA SER A 126 -15.24 37.66 11.65
C SER A 126 -14.66 38.14 10.34
N LYS A 127 -15.16 37.59 9.24
CA LYS A 127 -14.72 37.98 7.90
C LYS A 127 -15.59 39.08 7.26
N ASN A 128 -16.40 39.76 8.07
CA ASN A 128 -17.23 40.87 7.59
C ASN A 128 -18.05 40.51 6.35
N ASN A 129 -18.74 39.36 6.41
CA ASN A 129 -19.59 38.88 5.32
C ASN A 129 -18.87 38.76 3.97
N LEU A 130 -17.56 38.54 4.05
CA LEU A 130 -16.67 38.47 2.89
C LEU A 130 -16.67 39.74 2.01
N GLN A 131 -16.88 40.90 2.62
CA GLN A 131 -16.82 42.17 1.90
C GLN A 131 -15.40 42.68 1.78
N GLY A 132 -15.19 43.62 0.88
CA GLY A 132 -13.89 44.26 0.71
C GLY A 132 -12.82 43.31 0.21
N LEU A 133 -13.22 42.36 -0.63
CA LEU A 133 -12.29 41.40 -1.20
C LEU A 133 -12.33 41.45 -2.71
N SER A 134 -11.26 40.97 -3.33
CA SER A 134 -11.25 40.77 -4.78
C SER A 134 -12.12 39.58 -5.11
N ARG A 135 -12.54 39.50 -6.36
CA ARG A 135 -13.34 38.38 -6.83
C ARG A 135 -12.66 37.04 -6.56
N GLU A 136 -11.35 36.98 -6.76
CA GLU A 136 -10.58 35.75 -6.49
C GLU A 136 -10.62 35.37 -5.02
N GLU A 137 -10.39 36.35 -4.15
CA GLU A 137 -10.40 36.11 -2.71
C GLU A 137 -11.79 35.72 -2.22
N PHE A 138 -12.81 36.38 -2.74
CA PHE A 138 -14.17 36.07 -2.42
C PHE A 138 -14.50 34.62 -2.80
N VAL A 139 -14.18 34.26 -4.04
CA VAL A 139 -14.37 32.90 -4.53
C VAL A 139 -13.74 31.88 -3.60
N ASP A 140 -12.49 32.12 -3.21
CA ASP A 140 -11.77 31.21 -2.32
C ASP A 140 -12.51 31.06 -0.99
N GLU A 141 -12.81 32.17 -0.34
CA GLU A 141 -13.44 32.12 0.97
C GLU A 141 -14.85 31.56 0.90
N ALA A 142 -15.59 31.99 -0.12
CA ALA A 142 -16.97 31.59 -0.27
C ALA A 142 -17.08 30.09 -0.46
N ALA A 143 -16.20 29.53 -1.29
CA ALA A 143 -16.23 28.11 -1.58
C ALA A 143 -16.04 27.27 -0.32
N LYS A 144 -15.13 27.69 0.55
CA LYS A 144 -14.86 26.99 1.80
C LYS A 144 -16.07 27.00 2.74
N LEU A 145 -16.71 28.16 2.84
CA LEU A 145 -17.92 28.33 3.66
C LEU A 145 -19.11 27.54 3.09
N PHE A 146 -19.18 27.43 1.75
CA PHE A 146 -20.25 26.67 1.10
C PHE A 146 -20.14 25.19 1.40
N VAL A 147 -18.91 24.68 1.31
CA VAL A 147 -18.63 23.28 1.64
C VAL A 147 -19.02 22.99 3.09
N PHE A 148 -18.64 23.89 3.98
CA PHE A 148 -18.95 23.73 5.40
C PHE A 148 -20.47 23.66 5.64
N LEU A 149 -21.19 24.66 5.14
CA LEU A 149 -22.63 24.73 5.31
C LEU A 149 -23.32 23.52 4.70
N ASN A 150 -22.87 23.13 3.52
CA ASN A 150 -23.42 21.97 2.84
C ASN A 150 -23.36 20.71 3.70
N SER A 151 -22.26 20.55 4.43
CA SER A 151 -22.07 19.37 5.28
C SER A 151 -22.96 19.38 6.54
N ILE A 152 -23.45 20.56 6.90
CA ILE A 152 -24.38 20.69 8.03
C ILE A 152 -25.78 20.20 7.66
N ALA A 153 -26.26 20.63 6.49
CA ALA A 153 -27.59 20.29 5.99
C ALA A 153 -28.62 20.46 7.10
N PRO A 154 -28.75 21.69 7.61
CA PRO A 154 -29.57 21.95 8.79
C PRO A 154 -31.08 21.66 8.66
N PHE A 155 -31.61 21.63 7.43
CA PHE A 155 -33.06 21.38 7.25
C PHE A 155 -33.35 19.93 6.83
N ARG A 156 -34.57 19.49 7.12
CA ARG A 156 -35.03 18.16 6.72
C ARG A 156 -34.95 17.98 5.21
N ALA A 157 -35.29 19.04 4.49
CA ALA A 157 -35.20 19.05 3.04
C ALA A 157 -35.15 20.50 2.58
N GLY A 158 -34.78 20.70 1.33
CA GLY A 158 -34.69 22.03 0.75
C GLY A 158 -33.41 22.76 1.09
N ASN A 159 -32.40 22.01 1.52
CA ASN A 159 -31.10 22.62 1.87
C ASN A 159 -30.46 23.28 0.65
N GLU A 160 -30.44 22.57 -0.47
CA GLU A 160 -29.72 23.04 -1.65
C GLU A 160 -30.20 24.41 -2.14
N PRO A 161 -31.50 24.54 -2.52
CA PRO A 161 -31.94 25.84 -3.02
C PRO A 161 -31.83 26.96 -1.99
N THR A 162 -32.01 26.62 -0.71
CA THR A 162 -31.86 27.60 0.36
C THR A 162 -30.42 28.16 0.43
N GLN A 163 -29.43 27.28 0.47
CA GLN A 163 -28.02 27.70 0.56
C GLN A 163 -27.57 28.43 -0.71
N ARG A 164 -28.10 28.06 -1.86
CA ARG A 164 -27.77 28.79 -3.09
C ARG A 164 -28.27 30.23 -3.06
N VAL A 165 -29.52 30.42 -2.64
CA VAL A 165 -30.05 31.79 -2.55
C VAL A 165 -29.22 32.59 -1.54
N PHE A 166 -28.86 31.98 -0.43
CA PHE A 166 -28.07 32.62 0.61
C PHE A 166 -26.74 33.12 0.03
N PHE A 167 -26.03 32.24 -0.68
CA PHE A 167 -24.73 32.60 -1.25
C PHE A 167 -24.82 33.58 -2.40
N GLU A 168 -25.87 33.51 -3.21
CA GLU A 168 -26.08 34.52 -4.24
C GLU A 168 -26.28 35.90 -3.61
N LYS A 169 -27.06 35.95 -2.52
CA LYS A 169 -27.26 37.21 -1.79
C LYS A 169 -25.99 37.70 -1.11
N LEU A 170 -25.20 36.76 -0.59
CA LEU A 170 -23.94 37.08 0.05
C LEU A 170 -22.96 37.70 -0.97
N ALA A 171 -22.88 37.09 -2.15
CA ALA A 171 -22.03 37.59 -3.24
C ALA A 171 -22.41 39.01 -3.64
N GLU A 172 -23.71 39.22 -3.85
CA GLU A 172 -24.23 40.54 -4.18
C GLU A 172 -23.83 41.57 -3.14
N ALA A 173 -24.05 41.27 -1.87
CA ALA A 173 -23.69 42.20 -0.78
C ALA A 173 -22.19 42.42 -0.67
N ALA A 174 -21.41 41.43 -1.11
CA ALA A 174 -19.95 41.53 -1.10
C ALA A 174 -19.38 42.25 -2.33
N GLY A 175 -20.26 42.76 -3.20
CA GLY A 175 -19.84 43.47 -4.39
C GLY A 175 -19.53 42.57 -5.59
N HIS A 176 -19.88 41.30 -5.51
CA HIS A 176 -19.64 40.37 -6.60
C HIS A 176 -20.96 39.73 -7.05
N GLN A 177 -20.89 38.58 -7.72
CA GLN A 177 -22.08 37.89 -8.25
C GLN A 177 -21.85 36.39 -8.20
N LEU A 178 -22.92 35.65 -7.93
CA LEU A 178 -22.95 34.20 -8.09
C LEU A 178 -24.27 33.81 -8.72
N ASP A 179 -24.21 33.02 -9.79
CA ASP A 179 -25.42 32.49 -10.39
C ASP A 179 -25.28 30.99 -10.60
N PHE A 180 -25.82 30.22 -9.66
CA PHE A 180 -25.70 28.76 -9.71
C PHE A 180 -26.36 28.17 -10.96
N SER A 181 -27.38 28.85 -11.51
CA SER A 181 -28.07 28.34 -12.72
C SER A 181 -27.14 28.32 -13.92
N VAL A 182 -26.00 29.00 -13.86
CA VAL A 182 -25.05 28.99 -14.97
C VAL A 182 -24.30 27.67 -15.06
N ALA A 183 -24.36 26.87 -13.99
CA ALA A 183 -23.65 25.58 -13.93
C ALA A 183 -24.62 24.42 -13.80
N THR A 184 -24.20 23.26 -14.31
CA THR A 184 -25.01 22.05 -14.29
C THR A 184 -25.21 21.48 -12.88
N GLU A 185 -26.33 20.78 -12.68
CA GLU A 185 -26.63 20.16 -11.38
C GLU A 185 -25.61 19.08 -11.06
N LYS A 186 -25.21 18.32 -12.07
CA LYS A 186 -24.19 17.28 -11.93
C LYS A 186 -22.88 17.82 -11.37
N ARG A 187 -22.47 19.00 -11.84
CA ARG A 187 -21.21 19.60 -11.43
C ARG A 187 -21.28 20.12 -10.00
N ILE A 188 -22.37 20.80 -9.67
CA ILE A 188 -22.58 21.33 -8.33
C ILE A 188 -22.54 20.19 -7.31
N MET A 189 -23.22 19.10 -7.64
CA MET A 189 -23.22 17.92 -6.78
C MET A 189 -21.81 17.35 -6.62
N ARG A 190 -21.10 17.19 -7.74
CA ARG A 190 -19.73 16.69 -7.73
C ARG A 190 -18.84 17.51 -6.78
N ALA A 191 -18.99 18.82 -6.84
CA ALA A 191 -18.22 19.70 -5.96
C ALA A 191 -18.59 19.51 -4.50
N CYS A 192 -19.89 19.37 -4.21
CA CYS A 192 -20.33 19.11 -2.85
C CYS A 192 -19.74 17.80 -2.33
N ILE A 193 -19.76 16.77 -3.17
CA ILE A 193 -19.28 15.45 -2.78
C ILE A 193 -17.78 15.50 -2.49
N ASP A 194 -17.01 16.11 -3.40
CA ASP A 194 -15.59 16.32 -3.18
C ASP A 194 -15.34 17.03 -1.86
N GLY A 195 -16.12 18.07 -1.60
CA GLY A 195 -16.05 18.79 -0.35
C GLY A 195 -16.18 17.94 0.91
N MET A 196 -16.96 16.84 0.83
CA MET A 196 -17.19 15.97 1.98
C MET A 196 -16.34 14.70 2.00
N THR A 197 -15.66 14.39 0.89
CA THR A 197 -14.86 13.18 0.79
C THR A 197 -13.34 13.39 0.72
N LEU A 198 -12.87 14.43 0.03
CA LEU A 198 -11.42 14.58 -0.20
C LEU A 198 -10.65 15.15 0.99
N LYS A 199 -9.38 14.78 1.09
CA LYS A 199 -8.49 15.28 2.15
C LYS A 199 -8.37 16.81 2.16
N ASP A 200 -7.97 17.34 3.31
CA ASP A 200 -7.94 18.78 3.62
C ASP A 200 -7.88 19.74 2.41
N ASN A 201 -6.76 19.71 1.68
CA ASN A 201 -6.52 20.69 0.60
C ASN A 201 -7.51 20.56 -0.52
N MET A 202 -7.62 19.33 -1.02
CA MET A 202 -8.33 19.05 -2.27
C MET A 202 -9.84 19.21 -2.17
N ALA A 203 -10.39 19.11 -0.96
CA ALA A 203 -11.85 19.15 -0.77
C ALA A 203 -12.51 20.36 -1.41
N TYR A 204 -11.85 21.52 -1.29
CA TYR A 204 -12.40 22.81 -1.72
C TYR A 204 -12.16 23.09 -3.22
N LYS A 205 -11.29 22.31 -3.87
CA LYS A 205 -10.79 22.65 -5.21
C LYS A 205 -11.91 22.75 -6.25
N GLU A 206 -12.69 21.69 -6.40
CA GLU A 206 -13.80 21.73 -7.35
C GLU A 206 -14.84 22.79 -7.04
N MET A 207 -15.02 23.12 -5.76
CA MET A 207 -15.96 24.16 -5.38
C MET A 207 -15.43 25.52 -5.78
N LYS A 208 -14.14 25.73 -5.55
CA LYS A 208 -13.44 26.94 -6.02
C LYS A 208 -13.58 27.10 -7.53
N SER A 209 -13.29 26.02 -8.24
CA SER A 209 -13.42 26.00 -9.70
C SER A 209 -14.84 26.36 -10.15
N LEU A 210 -15.84 25.77 -9.51
CA LEU A 210 -17.24 26.09 -9.79
C LEU A 210 -17.54 27.56 -9.55
N PHE A 211 -17.12 28.06 -8.39
CA PHE A 211 -17.37 29.45 -8.00
C PHE A 211 -16.69 30.45 -8.94
N GLU A 212 -15.46 30.13 -9.37
CA GLU A 212 -14.80 30.93 -10.40
C GLU A 212 -15.72 31.11 -11.59
N ASP A 213 -16.27 30.01 -12.09
CA ASP A 213 -17.14 30.08 -13.27
C ASP A 213 -18.40 30.83 -13.04
N ILE A 214 -19.11 30.50 -11.96
CA ILE A 214 -20.45 31.08 -11.75
C ILE A 214 -20.41 32.50 -11.20
N SER A 215 -19.21 32.98 -10.84
CA SER A 215 -19.01 34.38 -10.46
C SER A 215 -18.47 35.25 -11.60
N ASP A 216 -18.24 34.63 -12.75
CA ASP A 216 -17.67 35.33 -13.90
C ASP A 216 -18.76 36.07 -14.70
N PRO A 217 -18.76 37.42 -14.66
CA PRO A 217 -19.81 38.21 -15.31
C PRO A 217 -20.07 37.86 -16.76
N LYS A 218 -19.02 37.40 -17.45
CA LYS A 218 -19.15 36.89 -18.81
C LYS A 218 -20.04 35.66 -18.88
N LYS A 219 -20.40 35.05 -17.74
CA LYS A 219 -21.55 34.10 -17.69
C LYS A 219 -22.71 34.53 -18.61
N ILE A 220 -22.92 35.85 -18.73
CA ILE A 220 -23.85 36.40 -19.71
C ILE A 220 -23.43 36.05 -21.14
N HIS B 8 16.94 46.85 -46.43
CA HIS B 8 15.96 45.75 -46.13
C HIS B 8 14.49 46.17 -46.33
N MET B 9 13.61 45.17 -46.54
CA MET B 9 12.17 45.36 -46.78
C MET B 9 11.23 44.18 -46.43
N ALA B 10 10.09 44.59 -45.91
CA ALA B 10 9.08 43.66 -45.44
C ALA B 10 8.48 42.83 -46.56
N ARG B 11 8.26 43.46 -47.71
CA ARG B 11 7.73 42.77 -48.88
C ARG B 11 8.58 41.56 -49.29
N ASN B 12 9.86 41.56 -48.92
CA ASN B 12 10.76 40.47 -49.31
C ASN B 12 10.56 39.13 -48.61
N TYR B 13 9.76 39.10 -47.54
CA TYR B 13 9.30 37.83 -46.97
C TYR B 13 8.29 37.13 -47.88
N ALA B 14 7.55 37.91 -48.67
CA ALA B 14 6.52 37.34 -49.55
C ALA B 14 7.02 37.35 -50.99
N TYR B 15 6.36 36.60 -51.86
CA TYR B 15 6.74 36.54 -53.29
C TYR B 15 6.45 37.89 -53.97
N PRO B 16 7.16 38.20 -55.05
CA PRO B 16 7.02 39.59 -55.56
C PRO B 16 5.64 39.99 -56.10
N HIS B 17 4.80 39.03 -56.46
CA HIS B 17 3.51 39.36 -57.05
C HIS B 17 2.42 39.23 -55.98
N MET B 18 2.72 38.51 -54.91
CA MET B 18 1.68 37.92 -54.04
C MET B 18 1.89 38.25 -52.59
N ASN B 19 0.84 38.04 -51.81
CA ASN B 19 0.95 38.00 -50.34
C ASN B 19 1.49 36.68 -49.74
N THR B 20 1.50 35.58 -50.50
CA THR B 20 2.00 34.30 -49.98
C THR B 20 3.47 34.39 -49.54
N LEU B 21 3.76 33.82 -48.38
CA LEU B 21 5.11 33.82 -47.84
C LEU B 21 6.03 32.90 -48.62
N LYS B 22 7.24 33.37 -48.87
CA LYS B 22 8.23 32.56 -49.57
C LYS B 22 8.48 31.32 -48.74
N ASN B 23 8.59 30.18 -49.39
CA ASN B 23 8.80 28.94 -48.69
C ASN B 23 9.60 27.94 -49.50
N LYS B 24 10.22 27.00 -48.79
CA LYS B 24 11.10 26.00 -49.40
C LYS B 24 10.36 25.01 -50.28
N HIS B 25 9.04 24.96 -50.18
CA HIS B 25 8.25 24.04 -51.01
C HIS B 25 7.87 24.67 -52.35
N ASN B 26 8.12 25.97 -52.51
CA ASN B 26 7.70 26.71 -53.71
C ASN B 26 6.19 26.67 -53.89
N ILE B 27 5.46 26.68 -52.79
CA ILE B 27 4.00 26.66 -52.81
C ILE B 27 3.47 28.09 -52.85
N MET B 28 2.56 28.35 -53.79
CA MET B 28 2.04 29.70 -54.03
C MET B 28 0.68 29.96 -53.38
N SER B 29 -0.02 28.90 -53.01
CA SER B 29 -1.31 29.05 -52.35
C SER B 29 -1.09 29.18 -50.85
N THR B 30 -1.61 30.25 -50.26
CA THR B 30 -1.52 30.44 -48.82
C THR B 30 -2.24 29.33 -48.06
N LYS B 31 -3.39 28.90 -48.58
CA LYS B 31 -4.15 27.81 -47.98
C LYS B 31 -3.34 26.52 -47.95
N LYS B 32 -2.79 26.12 -49.10
CA LYS B 32 -2.01 24.90 -49.18
C LYS B 32 -0.76 24.98 -48.30
N LEU B 33 -0.12 26.16 -48.30
CA LEU B 33 1.06 26.37 -47.48
C LEU B 33 0.75 26.12 -46.01
N ALA B 34 -0.36 26.67 -45.53
CA ALA B 34 -0.80 26.46 -44.15
C ALA B 34 -0.87 24.97 -43.82
N HIS B 35 -1.49 24.18 -44.69
CA HIS B 35 -1.64 22.75 -44.47
C HIS B 35 -0.28 22.00 -44.41
N VAL B 36 0.58 22.25 -45.39
CA VAL B 36 1.91 21.62 -45.45
C VAL B 36 2.72 22.03 -44.23
N CYS B 37 2.53 23.25 -43.82
CA CYS B 37 3.17 23.82 -42.66
C CYS B 37 2.77 23.08 -41.38
N GLU B 38 1.46 22.91 -41.17
CA GLU B 38 0.97 22.15 -40.02
C GLU B 38 1.52 20.72 -40.03
N HIS B 39 1.64 20.13 -41.22
CA HIS B 39 2.16 18.78 -41.35
C HIS B 39 3.59 18.65 -40.78
N TYR B 40 4.50 19.50 -41.23
CA TYR B 40 5.90 19.44 -40.81
C TYR B 40 6.08 19.81 -39.35
N ALA B 41 5.30 20.79 -38.90
CA ALA B 41 5.32 21.21 -37.50
C ALA B 41 4.99 20.02 -36.58
N LYS B 42 3.95 19.25 -36.93
CA LYS B 42 3.57 18.06 -36.18
C LYS B 42 4.68 17.01 -36.15
N LYS B 43 5.34 16.80 -37.28
CA LYS B 43 6.47 15.86 -37.33
C LYS B 43 7.60 16.30 -36.43
N ALA B 44 7.90 17.61 -36.42
CA ALA B 44 9.02 18.15 -35.66
C ALA B 44 8.74 18.05 -34.16
N ILE B 45 7.47 18.22 -33.79
CA ILE B 45 7.06 18.13 -32.39
C ILE B 45 7.37 16.73 -31.86
N ILE B 46 7.24 15.72 -32.71
CA ILE B 46 7.46 14.34 -32.28
C ILE B 46 8.91 14.16 -31.83
N ASN B 47 9.85 14.67 -32.62
CA ASN B 47 11.26 14.63 -32.22
C ASN B 47 11.56 15.57 -31.07
N LEU B 48 10.98 16.75 -31.09
CA LEU B 48 11.12 17.68 -30.00
C LEU B 48 10.67 17.13 -28.64
N ASN B 49 9.57 16.38 -28.63
CA ASN B 49 9.07 15.79 -27.39
C ASN B 49 9.97 14.74 -26.80
N LYS B 50 10.90 14.21 -27.59
CA LYS B 50 11.89 13.27 -27.06
C LYS B 50 12.99 13.99 -26.29
N GLU B 51 13.05 15.31 -26.37
CA GLU B 51 14.18 16.05 -25.78
C GLU B 51 13.89 16.43 -24.35
N PRO B 52 14.92 16.44 -23.50
CA PRO B 52 14.72 16.95 -22.15
C PRO B 52 14.30 18.40 -22.16
N LEU B 53 13.57 18.79 -21.14
CA LEU B 53 13.15 20.15 -20.97
C LEU B 53 14.40 20.96 -20.61
N PRO B 54 14.53 22.16 -21.16
CA PRO B 54 15.73 22.94 -20.92
C PRO B 54 15.77 23.46 -19.50
N GLN B 55 16.98 23.72 -19.01
CA GLN B 55 17.14 24.35 -17.69
C GLN B 55 16.71 25.80 -17.68
N LYS B 56 17.00 26.52 -18.77
CA LYS B 56 16.58 27.93 -18.89
C LYS B 56 15.50 28.05 -19.92
N PHE B 57 14.37 28.60 -19.53
CA PHE B 57 13.31 28.94 -20.47
C PHE B 57 13.50 30.39 -20.86
N ASP B 58 13.93 30.59 -22.11
CA ASP B 58 14.32 31.89 -22.57
C ASP B 58 14.07 32.00 -24.05
N SER B 59 14.40 33.14 -24.62
CA SER B 59 14.19 33.38 -26.02
C SER B 59 14.95 32.45 -26.91
N SER B 60 16.17 32.10 -26.49
CA SER B 60 16.95 31.12 -27.26
C SER B 60 16.14 29.83 -27.46
N TYR B 61 15.51 29.34 -26.39
CA TYR B 61 14.68 28.14 -26.47
C TYR B 61 13.45 28.37 -27.37
N LEU B 62 12.83 29.54 -27.22
CA LEU B 62 11.74 29.96 -28.10
C LEU B 62 12.15 29.90 -29.58
N LYS B 63 13.31 30.45 -29.88
CA LYS B 63 13.80 30.47 -31.27
C LYS B 63 14.09 29.07 -31.77
N TYR B 64 14.64 28.23 -30.90
CA TYR B 64 14.93 26.86 -31.26
C TYR B 64 13.63 26.11 -31.59
N ILE B 65 12.56 26.38 -30.83
CA ILE B 65 11.28 25.74 -31.11
C ILE B 65 10.79 26.16 -32.48
N HIS B 66 10.85 27.47 -32.74
CA HIS B 66 10.42 28.00 -34.03
C HIS B 66 11.26 27.42 -35.15
N GLN B 67 12.56 27.31 -34.89
CA GLN B 67 13.48 26.71 -35.87
C GLN B 67 13.06 25.29 -36.22
N ARG B 68 12.82 24.48 -35.19
CA ARG B 68 12.38 23.11 -35.40
C ARG B 68 11.02 23.02 -36.10
N LEU B 69 10.09 23.89 -35.73
CA LEU B 69 8.75 23.83 -36.26
C LEU B 69 8.70 24.19 -37.74
N PHE B 70 9.58 25.10 -38.15
CA PHE B 70 9.46 25.72 -39.47
C PHE B 70 10.66 25.57 -40.41
N GLU B 71 11.70 24.86 -40.00
CA GLU B 71 12.95 24.79 -40.83
C GLU B 71 12.77 24.04 -42.15
N SER B 72 11.70 23.25 -42.28
CA SER B 72 11.39 22.58 -43.55
C SER B 72 10.62 23.47 -44.53
N THR B 73 10.10 24.58 -44.03
CA THR B 73 9.21 25.45 -44.77
C THR B 73 9.78 26.87 -44.98
N PHE B 74 10.33 27.47 -43.93
CA PHE B 74 10.83 28.84 -44.04
C PHE B 74 12.32 28.92 -43.83
N GLU B 75 12.97 29.59 -44.78
CA GLU B 75 14.43 29.77 -44.75
C GLU B 75 14.86 30.49 -43.48
N TRP B 76 14.02 31.40 -43.00
CA TRP B 76 14.31 32.24 -41.83
C TRP B 76 13.86 31.62 -40.51
N ALA B 77 13.47 30.35 -40.53
CA ALA B 77 12.98 29.71 -39.30
C ALA B 77 13.99 29.92 -38.18
N GLY B 78 13.51 30.35 -37.02
CA GLY B 78 14.34 30.56 -35.85
C GLY B 78 14.87 31.99 -35.73
N TYR B 79 14.82 32.73 -36.84
CA TYR B 79 15.24 34.12 -36.87
C TYR B 79 14.04 35.02 -36.61
N THR B 80 14.24 36.05 -35.78
CA THR B 80 13.22 37.02 -35.49
C THR B 80 13.13 38.09 -36.56
N ARG B 81 12.07 38.88 -36.53
CA ARG B 81 11.79 39.81 -37.66
C ARG B 81 12.59 41.11 -37.60
N ASP B 82 13.39 41.27 -36.56
CA ASP B 82 14.40 42.32 -36.51
C ASP B 82 15.72 41.83 -37.10
N PHE B 83 15.82 40.54 -37.38
CA PHE B 83 17.01 40.00 -38.02
C PHE B 83 16.95 40.28 -39.52
N SER B 84 18.00 40.94 -40.05
CA SER B 84 18.07 41.27 -41.50
C SER B 84 18.44 39.95 -42.19
N PHE B 85 17.45 39.27 -42.76
CA PHE B 85 17.63 37.91 -43.29
C PHE B 85 17.88 37.91 -44.80
N THR B 86 18.92 37.22 -45.23
CA THR B 86 19.20 37.07 -46.66
C THR B 86 18.62 35.76 -47.17
N PHE B 87 17.64 35.88 -48.06
CA PHE B 87 17.07 34.72 -48.74
C PHE B 87 18.02 34.13 -49.76
N ASP B 88 17.75 32.89 -50.14
CA ASP B 88 18.50 32.18 -51.18
C ASP B 88 18.46 32.92 -52.53
N ASP B 89 17.39 33.66 -52.76
CA ASP B 89 17.19 34.41 -54.00
C ASP B 89 17.94 35.74 -54.03
N GLY B 90 18.65 36.08 -52.95
CA GLY B 90 19.46 37.32 -52.90
C GLY B 90 18.81 38.49 -52.18
N THR B 91 17.49 38.42 -51.96
CA THR B 91 16.78 39.53 -51.31
C THR B 91 16.96 39.49 -49.79
N VAL B 92 16.75 40.65 -49.17
CA VAL B 92 16.99 40.81 -47.74
C VAL B 92 15.69 41.25 -47.07
N ALA B 93 15.26 40.51 -46.06
CA ALA B 93 13.96 40.75 -45.45
C ALA B 93 14.06 41.10 -43.99
N GLU B 94 13.19 42.01 -43.60
CA GLU B 94 13.11 42.51 -42.26
C GLU B 94 11.70 43.07 -42.09
N MET B 95 11.13 42.95 -40.89
CA MET B 95 9.79 43.48 -40.68
C MET B 95 9.61 44.14 -39.32
N PRO B 96 9.99 45.42 -39.22
CA PRO B 96 9.90 46.15 -37.95
C PRO B 96 8.47 46.46 -37.52
N MET B 97 7.59 46.69 -38.47
CA MET B 97 6.20 47.01 -38.16
C MET B 97 5.30 45.86 -38.59
N MET B 98 4.59 45.29 -37.62
CA MET B 98 3.65 44.23 -37.88
C MET B 98 2.39 44.50 -37.11
N LYS B 99 1.29 44.56 -37.84
CA LYS B 99 0.01 44.91 -37.29
C LYS B 99 -0.70 43.68 -36.79
N VAL B 100 -1.54 43.87 -35.79
CA VAL B 100 -2.40 42.81 -35.31
C VAL B 100 -3.46 42.60 -36.39
N PRO B 101 -3.65 41.34 -36.85
CA PRO B 101 -4.60 41.10 -37.94
C PRO B 101 -5.98 41.65 -37.66
N ASN B 102 -6.53 42.36 -38.66
CA ASN B 102 -7.89 42.92 -38.63
C ASN B 102 -8.12 44.09 -37.66
N LEU B 103 -7.17 44.37 -36.77
CA LEU B 103 -7.29 45.48 -35.81
C LEU B 103 -6.27 46.58 -36.13
N ASP B 104 -6.52 47.79 -35.62
CA ASP B 104 -5.63 48.92 -35.86
C ASP B 104 -4.61 49.11 -34.72
N ILE B 105 -4.03 48.01 -34.26
CA ILE B 105 -3.00 48.01 -33.21
C ILE B 105 -1.74 47.32 -33.73
N PHE B 106 -0.57 47.72 -33.24
CA PHE B 106 0.70 47.13 -33.67
C PHE B 106 1.33 46.27 -32.58
N TYR B 107 1.96 45.17 -32.98
CA TYR B 107 2.87 44.45 -32.10
C TYR B 107 4.10 45.31 -31.83
N VAL B 108 4.96 44.84 -30.92
CA VAL B 108 6.20 45.56 -30.58
C VAL B 108 6.98 45.89 -31.86
N GLN B 109 7.41 47.15 -31.96
CA GLN B 109 8.26 47.59 -33.07
C GLN B 109 9.54 46.78 -33.11
N GLY B 110 10.02 46.54 -34.33
CA GLY B 110 11.22 45.74 -34.55
C GLY B 110 12.42 46.15 -33.72
N ASN B 111 12.62 47.46 -33.60
CA ASN B 111 13.76 47.98 -32.86
C ASN B 111 13.71 47.73 -31.35
N ASP B 112 12.54 47.37 -30.82
CA ASP B 112 12.36 47.06 -29.40
C ASP B 112 12.23 45.57 -29.11
N ILE B 113 12.33 44.73 -30.13
CA ILE B 113 12.12 43.30 -29.93
C ILE B 113 13.13 42.73 -28.96
N GLN B 114 14.41 43.05 -29.16
CA GLN B 114 15.48 42.47 -28.35
C GLN B 114 15.38 42.85 -26.88
N GLU B 115 15.08 44.11 -26.63
CA GLU B 115 14.95 44.60 -25.27
C GLU B 115 13.78 43.91 -24.55
N ASN B 116 12.65 43.77 -25.24
CA ASN B 116 11.49 43.06 -24.70
C ASN B 116 11.74 41.57 -24.47
N LEU B 117 12.40 40.90 -25.41
CA LEU B 117 12.74 39.48 -25.23
C LEU B 117 13.68 39.31 -24.04
N LYS B 118 14.63 40.23 -23.91
CA LYS B 118 15.53 40.21 -22.76
C LYS B 118 14.75 40.36 -21.45
N LYS B 119 13.82 41.31 -21.41
CA LYS B 119 12.97 41.50 -20.23
C LYS B 119 12.15 40.24 -19.93
N PHE B 120 11.62 39.63 -20.98
CA PHE B 120 10.94 38.35 -20.89
C PHE B 120 11.81 37.26 -20.26
N ASP B 121 13.03 37.13 -20.74
CA ASP B 121 13.99 36.17 -20.18
C ASP B 121 14.30 36.44 -18.70
N GLN B 122 14.45 37.71 -18.34
CA GLN B 122 14.75 38.11 -16.97
C GLN B 122 13.62 37.79 -16.00
N LEU B 123 12.38 38.06 -16.40
CA LEU B 123 11.20 37.73 -15.61
C LEU B 123 11.12 36.24 -15.26
N LEU B 124 11.30 35.40 -16.28
CA LEU B 124 11.29 33.96 -16.09
C LEU B 124 12.39 33.47 -15.16
N ALA B 125 13.60 33.98 -15.39
CA ALA B 125 14.77 33.61 -14.59
C ALA B 125 14.60 34.03 -13.14
N SER B 126 14.10 35.24 -12.94
CA SER B 126 13.90 35.80 -11.61
C SER B 126 12.79 35.02 -10.87
N LYS B 127 11.81 34.52 -11.61
CA LYS B 127 10.75 33.68 -11.03
C LYS B 127 11.04 32.19 -11.15
N ASN B 128 12.29 31.82 -11.42
CA ASN B 128 12.69 30.42 -11.48
C ASN B 128 11.80 29.56 -12.38
N ASN B 129 11.56 30.06 -13.59
CA ASN B 129 10.75 29.37 -14.59
C ASN B 129 9.35 28.98 -14.08
N LEU B 130 8.87 29.75 -13.11
CA LEU B 130 7.58 29.53 -12.46
C LEU B 130 7.44 28.19 -11.77
N GLN B 131 8.56 27.65 -11.28
CA GLN B 131 8.53 26.40 -10.53
C GLN B 131 8.18 26.65 -9.07
N GLY B 132 7.80 25.58 -8.38
CA GLY B 132 7.50 25.64 -6.96
C GLY B 132 6.28 26.48 -6.63
N LEU B 133 5.30 26.46 -7.52
CA LEU B 133 4.07 27.22 -7.34
C LEU B 133 2.87 26.30 -7.38
N SER B 134 1.79 26.75 -6.76
CA SER B 134 0.50 26.06 -6.87
C SER B 134 -0.05 26.31 -8.26
N ARG B 135 -0.94 25.44 -8.70
CA ARG B 135 -1.55 25.56 -10.01
C ARG B 135 -2.18 26.94 -10.23
N GLU B 136 -2.82 27.46 -9.19
CA GLU B 136 -3.44 28.78 -9.24
C GLU B 136 -2.40 29.87 -9.47
N GLU B 137 -1.32 29.81 -8.69
CA GLU B 137 -0.24 30.81 -8.80
C GLU B 137 0.45 30.73 -10.15
N PHE B 138 0.69 29.50 -10.61
CA PHE B 138 1.26 29.28 -11.92
C PHE B 138 0.39 29.90 -13.01
N VAL B 139 -0.91 29.58 -12.97
CA VAL B 139 -1.87 30.12 -13.94
C VAL B 139 -1.80 31.64 -13.99
N ASP B 140 -1.80 32.26 -12.82
CA ASP B 140 -1.74 33.72 -12.74
C ASP B 140 -0.48 34.26 -13.41
N GLU B 141 0.67 33.74 -13.00
CA GLU B 141 1.96 34.24 -13.48
C GLU B 141 2.16 33.91 -14.96
N ALA B 142 1.76 32.71 -15.36
CA ALA B 142 1.93 32.26 -16.73
C ALA B 142 1.09 33.10 -17.70
N ALA B 143 -0.14 33.39 -17.31
CA ALA B 143 -1.02 34.20 -18.15
C ALA B 143 -0.45 35.59 -18.46
N LYS B 144 0.15 36.22 -17.45
CA LYS B 144 0.75 37.54 -17.59
C LYS B 144 1.93 37.53 -18.56
N LEU B 145 2.77 36.50 -18.44
CA LEU B 145 3.90 36.30 -19.32
C LEU B 145 3.49 35.94 -20.74
N PHE B 146 2.39 35.21 -20.89
CA PHE B 146 1.87 34.84 -22.21
C PHE B 146 1.40 36.08 -22.96
N VAL B 147 0.67 36.93 -22.25
CA VAL B 147 0.19 38.19 -22.81
C VAL B 147 1.36 39.04 -23.29
N PHE B 148 2.39 39.12 -22.45
CA PHE B 148 3.56 39.91 -22.75
C PHE B 148 4.24 39.41 -24.02
N LEU B 149 4.54 38.11 -24.05
CA LEU B 149 5.21 37.52 -25.19
C LEU B 149 4.40 37.63 -26.46
N ASN B 150 3.11 37.41 -26.34
CA ASN B 150 2.23 37.55 -27.46
C ASN B 150 2.31 38.92 -28.11
N SER B 151 2.43 39.98 -27.29
CA SER B 151 2.47 41.34 -27.81
C SER B 151 3.79 41.66 -28.51
N ILE B 152 4.82 40.87 -28.23
CA ILE B 152 6.10 41.01 -28.88
C ILE B 152 6.06 40.50 -30.31
N ALA B 153 5.48 39.29 -30.47
CA ALA B 153 5.39 38.63 -31.76
C ALA B 153 6.72 38.68 -32.51
N PRO B 154 7.76 38.06 -31.94
CA PRO B 154 9.14 38.27 -32.40
C PRO B 154 9.43 37.71 -33.80
N PHE B 155 8.62 36.77 -34.27
CA PHE B 155 8.83 36.19 -35.59
C PHE B 155 7.89 36.77 -36.65
N ARG B 156 8.31 36.66 -37.90
CA ARG B 156 7.52 37.16 -39.03
C ARG B 156 6.16 36.43 -39.09
N ALA B 157 6.20 35.13 -38.80
CA ALA B 157 5.01 34.32 -38.72
C ALA B 157 5.33 33.10 -37.88
N GLY B 158 4.28 32.38 -37.50
CA GLY B 158 4.44 31.20 -36.70
C GLY B 158 4.61 31.50 -35.22
N ASN B 159 4.25 32.71 -34.80
CA ASN B 159 4.36 33.07 -33.39
C ASN B 159 3.47 32.18 -32.53
N GLU B 160 2.21 32.01 -32.94
CA GLU B 160 1.20 31.37 -32.09
C GLU B 160 1.62 29.93 -31.72
N PRO B 161 1.82 29.04 -32.71
CA PRO B 161 2.19 27.67 -32.35
C PRO B 161 3.52 27.58 -31.60
N THR B 162 4.45 28.48 -31.89
CA THR B 162 5.73 28.51 -31.20
C THR B 162 5.58 28.84 -29.71
N GLN B 163 4.85 29.91 -29.42
CA GLN B 163 4.62 30.29 -28.01
C GLN B 163 3.78 29.26 -27.25
N ARG B 164 2.85 28.59 -27.92
CA ARG B 164 2.05 27.56 -27.24
C ARG B 164 2.92 26.39 -26.84
N VAL B 165 3.82 25.94 -27.73
CA VAL B 165 4.69 24.82 -27.40
C VAL B 165 5.58 25.23 -26.25
N PHE B 166 6.07 26.46 -26.28
CA PHE B 166 6.95 26.99 -25.24
C PHE B 166 6.24 26.92 -23.88
N PHE B 167 5.01 27.43 -23.82
CA PHE B 167 4.27 27.46 -22.56
C PHE B 167 3.82 26.07 -22.08
N GLU B 168 3.48 25.18 -23.00
CA GLU B 168 3.19 23.82 -22.61
C GLU B 168 4.41 23.17 -21.97
N LYS B 169 5.58 23.40 -22.56
CA LYS B 169 6.85 22.88 -22.01
C LYS B 169 7.22 23.53 -20.69
N LEU B 170 6.94 24.83 -20.57
CA LEU B 170 7.14 25.55 -19.31
C LEU B 170 6.24 24.98 -18.18
N ALA B 171 4.97 24.76 -18.48
CA ALA B 171 4.01 24.18 -17.52
C ALA B 171 4.45 22.80 -17.04
N GLU B 172 4.81 21.94 -17.98
CA GLU B 172 5.35 20.62 -17.66
C GLU B 172 6.54 20.72 -16.72
N ALA B 173 7.52 21.55 -17.05
CA ALA B 173 8.71 21.69 -16.20
C ALA B 173 8.38 22.28 -14.83
N ALA B 174 7.30 23.06 -14.77
CA ALA B 174 6.84 23.68 -13.52
C ALA B 174 5.97 22.74 -12.68
N GLY B 175 5.80 21.50 -13.12
CA GLY B 175 5.01 20.52 -12.40
C GLY B 175 3.51 20.60 -12.68
N HIS B 176 3.12 21.35 -13.71
CA HIS B 176 1.72 21.46 -14.06
C HIS B 176 1.52 21.04 -15.53
N GLN B 177 0.42 21.47 -16.13
CA GLN B 177 0.08 21.10 -17.49
C GLN B 177 -0.66 22.24 -18.15
N LEU B 178 -0.42 22.39 -19.45
CA LEU B 178 -1.21 23.26 -20.30
C LEU B 178 -1.47 22.54 -21.63
N ASP B 179 -2.73 22.49 -22.04
CA ASP B 179 -3.05 21.97 -23.37
C ASP B 179 -3.97 22.92 -24.10
N PHE B 180 -3.35 23.73 -24.97
CA PHE B 180 -4.10 24.75 -25.72
C PHE B 180 -5.18 24.15 -26.62
N SER B 181 -4.97 22.90 -27.06
CA SER B 181 -5.92 22.25 -27.95
C SER B 181 -7.25 21.94 -27.24
N VAL B 182 -7.29 22.07 -25.92
CA VAL B 182 -8.52 21.91 -25.17
C VAL B 182 -9.47 23.09 -25.34
N ALA B 183 -8.95 24.21 -25.82
CA ALA B 183 -9.72 25.44 -25.97
C ALA B 183 -9.79 25.87 -27.42
N THR B 184 -10.89 26.55 -27.75
CA THR B 184 -11.17 27.01 -29.11
C THR B 184 -10.24 28.12 -29.56
N GLU B 185 -10.01 28.19 -30.87
CA GLU B 185 -9.11 29.22 -31.45
C GLU B 185 -9.68 30.62 -31.23
N LYS B 186 -11.00 30.74 -31.39
CA LYS B 186 -11.71 31.99 -31.15
C LYS B 186 -11.44 32.54 -29.74
N ARG B 187 -11.43 31.65 -28.75
CA ARG B 187 -11.27 32.05 -27.35
C ARG B 187 -9.83 32.48 -27.06
N ILE B 188 -8.89 31.71 -27.57
CA ILE B 188 -7.47 32.03 -27.41
C ILE B 188 -7.17 33.41 -28.01
N MET B 189 -7.70 33.67 -29.21
CA MET B 189 -7.53 34.98 -29.88
C MET B 189 -8.19 36.09 -29.04
N ARG B 190 -9.41 35.86 -28.57
CA ARG B 190 -10.13 36.82 -27.71
C ARG B 190 -9.26 37.22 -26.50
N ALA B 191 -8.63 36.23 -25.87
CA ALA B 191 -7.79 36.48 -24.70
C ALA B 191 -6.55 37.29 -25.08
N CYS B 192 -5.94 36.95 -26.22
CA CYS B 192 -4.79 37.71 -26.71
C CYS B 192 -5.17 39.15 -26.99
N ILE B 193 -6.32 39.37 -27.62
CA ILE B 193 -6.77 40.71 -27.94
C ILE B 193 -7.00 41.52 -26.67
N ASP B 194 -7.72 40.93 -25.71
CA ASP B 194 -7.95 41.60 -24.43
C ASP B 194 -6.62 42.00 -23.80
N GLY B 195 -5.67 41.08 -23.85
CA GLY B 195 -4.32 41.32 -23.35
C GLY B 195 -3.63 42.53 -23.93
N MET B 196 -3.95 42.87 -25.19
CA MET B 196 -3.35 44.02 -25.86
C MET B 196 -4.19 45.29 -25.87
N THR B 197 -5.47 45.18 -25.51
CA THR B 197 -6.37 46.33 -25.56
C THR B 197 -6.81 46.86 -24.20
N LEU B 198 -7.07 45.99 -23.23
CA LEU B 198 -7.68 46.42 -21.96
C LEU B 198 -6.68 47.07 -20.99
N LYS B 199 -7.19 47.95 -20.14
CA LYS B 199 -6.39 48.62 -19.12
C LYS B 199 -5.72 47.64 -18.15
N ASP B 200 -4.67 48.12 -17.50
CA ASP B 200 -3.76 47.31 -16.64
C ASP B 200 -4.35 46.03 -16.06
N ASN B 201 -5.33 46.16 -15.18
CA ASN B 201 -5.85 45.01 -14.43
C ASN B 201 -6.59 44.00 -15.31
N MET B 202 -7.52 44.51 -16.12
CA MET B 202 -8.47 43.68 -16.86
C MET B 202 -7.79 42.91 -18.04
N ALA B 203 -6.64 43.39 -18.53
CA ALA B 203 -5.95 42.79 -19.68
C ALA B 203 -5.71 41.29 -19.54
N TYR B 204 -5.31 40.88 -18.34
CA TYR B 204 -4.92 39.50 -18.09
C TYR B 204 -6.07 38.56 -17.77
N LYS B 205 -7.25 39.11 -17.52
CA LYS B 205 -8.35 38.32 -16.94
C LYS B 205 -8.74 37.16 -17.81
N GLU B 206 -9.11 37.44 -19.05
CA GLU B 206 -9.50 36.36 -19.95
C GLU B 206 -8.42 35.34 -20.21
N MET B 207 -7.16 35.77 -20.16
CA MET B 207 -6.04 34.84 -20.31
C MET B 207 -5.94 33.93 -19.08
N LYS B 208 -6.09 34.51 -17.88
CA LYS B 208 -6.15 33.75 -16.63
C LYS B 208 -7.26 32.70 -16.69
N SER B 209 -8.44 33.15 -17.08
CA SER B 209 -9.59 32.28 -17.23
C SER B 209 -9.29 31.12 -18.20
N LEU B 210 -8.70 31.44 -19.35
CA LEU B 210 -8.33 30.42 -20.33
C LEU B 210 -7.34 29.42 -19.72
N PHE B 211 -6.29 29.94 -19.07
CA PHE B 211 -5.27 29.09 -18.46
C PHE B 211 -5.83 28.19 -17.35
N GLU B 212 -6.74 28.73 -16.53
CA GLU B 212 -7.45 27.93 -15.54
C GLU B 212 -8.03 26.69 -16.20
N ASP B 213 -8.75 26.90 -17.31
CA ASP B 213 -9.41 25.82 -18.02
C ASP B 213 -8.43 24.82 -18.66
N ILE B 214 -7.43 25.32 -19.39
CA ILE B 214 -6.53 24.43 -20.12
C ILE B 214 -5.44 23.79 -19.25
N SER B 215 -5.33 24.23 -18.00
CA SER B 215 -4.45 23.59 -17.03
C SER B 215 -5.17 22.60 -16.10
N ASP B 216 -6.49 22.45 -16.28
CA ASP B 216 -7.34 21.60 -15.43
C ASP B 216 -7.36 20.13 -15.86
N PRO B 217 -6.71 19.25 -15.10
CA PRO B 217 -6.58 17.83 -15.48
C PRO B 217 -7.90 17.14 -15.83
N LYS B 218 -8.99 17.59 -15.20
CA LYS B 218 -10.32 17.08 -15.54
C LYS B 218 -10.65 17.47 -16.98
N LYS B 219 -10.83 18.78 -17.21
CA LYS B 219 -11.14 19.35 -18.52
C LYS B 219 -10.32 18.78 -19.68
N ILE B 220 -9.02 18.55 -19.46
CA ILE B 220 -8.16 17.86 -20.40
C ILE B 220 -8.65 16.42 -20.63
N HIS C 8 9.70 -19.71 13.77
CA HIS C 8 11.17 -19.60 13.45
C HIS C 8 11.76 -20.94 12.96
N MET C 9 11.47 -22.02 13.70
CA MET C 9 12.09 -23.33 13.44
C MET C 9 11.59 -24.02 12.17
N ALA C 10 10.47 -23.58 11.61
CA ALA C 10 9.92 -24.20 10.39
C ALA C 10 10.83 -24.01 9.17
N ARG C 11 11.42 -22.82 9.03
CA ARG C 11 12.37 -22.54 7.92
C ARG C 11 13.57 -23.52 7.88
N ASN C 12 13.88 -24.14 9.01
CA ASN C 12 15.00 -25.10 9.07
C ASN C 12 14.81 -26.42 8.35
N TYR C 13 13.57 -26.75 7.95
CA TYR C 13 13.35 -27.90 7.06
C TYR C 13 13.86 -27.60 5.66
N ALA C 14 13.85 -26.35 5.26
CA ALA C 14 14.31 -25.95 3.92
C ALA C 14 15.75 -25.37 3.99
N TYR C 15 16.42 -25.24 2.84
CA TYR C 15 17.79 -24.65 2.81
C TYR C 15 17.77 -23.16 3.15
N PRO C 16 18.87 -22.63 3.73
CA PRO C 16 18.86 -21.20 4.10
C PRO C 16 18.82 -20.26 2.90
N HIS C 17 19.30 -20.75 1.75
CA HIS C 17 19.41 -19.95 0.54
C HIS C 17 18.45 -20.39 -0.58
N MET C 18 17.77 -21.54 -0.41
CA MET C 18 16.70 -21.96 -1.35
C MET C 18 15.46 -22.58 -0.66
N ASN C 19 14.29 -22.39 -1.26
CA ASN C 19 13.01 -22.86 -0.66
C ASN C 19 12.85 -24.39 -0.74
N THR C 20 13.74 -25.05 -1.44
CA THR C 20 13.75 -26.51 -1.49
C THR C 20 14.00 -27.18 -0.15
N LEU C 21 13.36 -28.31 0.07
CA LEU C 21 13.51 -29.05 1.31
C LEU C 21 14.89 -29.68 1.39
N LYS C 22 15.49 -29.61 2.57
CA LYS C 22 16.80 -30.21 2.78
C LYS C 22 16.69 -31.69 2.53
N ASN C 23 17.68 -32.27 1.87
CA ASN C 23 17.64 -33.68 1.54
C ASN C 23 19.02 -34.27 1.47
N LYS C 24 19.08 -35.60 1.64
CA LYS C 24 20.36 -36.33 1.69
C LYS C 24 21.06 -36.38 0.34
N HIS C 25 20.35 -36.06 -0.74
CA HIS C 25 20.97 -36.05 -2.07
C HIS C 25 21.66 -34.73 -2.38
N ASN C 26 21.47 -33.72 -1.53
CA ASN C 26 21.97 -32.37 -1.77
C ASN C 26 21.43 -31.80 -3.09
N ILE C 27 20.19 -32.13 -3.39
CA ILE C 27 19.52 -31.64 -4.60
C ILE C 27 18.80 -30.33 -4.29
N MET C 28 19.04 -29.32 -5.12
CA MET C 28 18.53 -27.97 -4.89
C MET C 28 17.30 -27.63 -5.70
N SER C 29 17.03 -28.40 -6.76
CA SER C 29 15.82 -28.20 -7.55
C SER C 29 14.67 -28.98 -6.94
N THR C 30 13.56 -28.28 -6.64
CA THR C 30 12.38 -28.93 -6.09
C THR C 30 11.79 -29.95 -7.07
N LYS C 31 11.83 -29.61 -8.36
CA LYS C 31 11.34 -30.52 -9.39
C LYS C 31 12.15 -31.82 -9.43
N LYS C 32 13.47 -31.71 -9.46
CA LYS C 32 14.34 -32.89 -9.51
C LYS C 32 14.21 -33.70 -8.22
N LEU C 33 14.10 -33.01 -7.09
CA LEU C 33 13.92 -33.66 -5.80
C LEU C 33 12.66 -34.55 -5.81
N ALA C 34 11.56 -34.01 -6.31
CA ALA C 34 10.32 -34.75 -6.44
C ALA C 34 10.52 -36.07 -7.19
N HIS C 35 11.22 -36.00 -8.32
CA HIS C 35 11.46 -37.19 -9.15
C HIS C 35 12.30 -38.25 -8.44
N VAL C 36 13.43 -37.83 -7.87
CA VAL C 36 14.32 -38.73 -7.14
C VAL C 36 13.57 -39.35 -5.96
N CYS C 37 12.73 -38.54 -5.34
CA CYS C 37 11.91 -38.95 -4.23
C CYS C 37 10.94 -40.06 -4.62
N GLU C 38 10.22 -39.87 -5.71
CA GLU C 38 9.34 -40.90 -6.22
C GLU C 38 10.10 -42.19 -6.54
N HIS C 39 11.32 -42.04 -7.06
CA HIS C 39 12.14 -43.20 -7.39
C HIS C 39 12.40 -44.09 -6.17
N TYR C 40 12.92 -43.51 -5.10
CA TYR C 40 13.26 -44.26 -3.89
C TYR C 40 12.04 -44.80 -3.18
N ALA C 41 10.97 -44.03 -3.18
CA ALA C 41 9.71 -44.47 -2.60
C ALA C 41 9.23 -45.77 -3.25
N LYS C 42 9.30 -45.83 -4.57
CA LYS C 42 8.92 -47.05 -5.29
C LYS C 42 9.80 -48.22 -4.93
N LYS C 43 11.10 -48.00 -4.81
CA LYS C 43 12.02 -49.07 -4.44
C LYS C 43 11.73 -49.59 -3.05
N ALA C 44 11.38 -48.69 -2.14
CA ALA C 44 11.11 -49.07 -0.76
C ALA C 44 9.81 -49.86 -0.67
N ILE C 45 8.82 -49.51 -1.49
CA ILE C 45 7.55 -50.20 -1.52
C ILE C 45 7.74 -51.67 -1.90
N ILE C 46 8.71 -51.94 -2.76
CA ILE C 46 8.99 -53.31 -3.16
C ILE C 46 9.39 -54.17 -1.96
N ASN C 47 10.28 -53.65 -1.13
CA ASN C 47 10.68 -54.39 0.07
C ASN C 47 9.58 -54.40 1.10
N LEU C 48 8.92 -53.29 1.27
CA LEU C 48 7.78 -53.20 2.17
C LEU C 48 6.68 -54.23 1.84
N ASN C 49 6.40 -54.43 0.55
CA ASN C 49 5.38 -55.40 0.14
C ASN C 49 5.73 -56.85 0.46
N LYS C 50 6.99 -57.13 0.75
CA LYS C 50 7.39 -58.46 1.20
C LYS C 50 7.09 -58.69 2.67
N GLU C 51 6.72 -57.65 3.39
CA GLU C 51 6.53 -57.79 4.83
C GLU C 51 5.10 -58.20 5.16
N PRO C 52 4.91 -58.99 6.23
CA PRO C 52 3.54 -59.28 6.66
C PRO C 52 2.83 -58.01 7.09
N LEU C 53 1.52 -58.02 6.95
CA LEU C 53 0.72 -56.92 7.39
C LEU C 53 0.75 -56.91 8.90
N PRO C 54 0.86 -55.72 9.50
CA PRO C 54 0.91 -55.67 10.96
C PRO C 54 -0.41 -56.08 11.63
N GLN C 55 -0.32 -56.56 12.86
CA GLN C 55 -1.52 -56.86 13.67
C GLN C 55 -2.26 -55.59 14.07
N LYS C 56 -1.52 -54.53 14.42
CA LYS C 56 -2.11 -53.27 14.81
C LYS C 56 -1.85 -52.22 13.75
N PHE C 57 -2.92 -51.63 13.20
CA PHE C 57 -2.80 -50.52 12.29
C PHE C 57 -2.91 -49.27 13.12
N ASP C 58 -1.79 -48.57 13.25
CA ASP C 58 -1.69 -47.44 14.15
C ASP C 58 -0.65 -46.45 13.63
N SER C 59 -0.47 -45.37 14.37
CA SER C 59 0.44 -44.28 13.98
C SER C 59 1.89 -44.75 13.90
N SER C 60 2.26 -45.70 14.77
CA SER C 60 3.59 -46.31 14.66
C SER C 60 3.81 -46.93 13.29
N TYR C 61 2.84 -47.68 12.79
CA TYR C 61 2.94 -48.26 11.45
C TYR C 61 2.99 -47.18 10.37
N LEU C 62 2.17 -46.15 10.53
CA LEU C 62 2.18 -45.01 9.62
C LEU C 62 3.57 -44.34 9.55
N LYS C 63 4.18 -44.15 10.71
CA LYS C 63 5.51 -43.56 10.79
C LYS C 63 6.55 -44.46 10.14
N TYR C 64 6.41 -45.78 10.36
CA TYR C 64 7.33 -46.73 9.76
C TYR C 64 7.23 -46.69 8.23
N ILE C 65 6.02 -46.54 7.70
CA ILE C 65 5.85 -46.44 6.26
C ILE C 65 6.56 -45.19 5.72
N HIS C 66 6.32 -44.07 6.40
CA HIS C 66 6.94 -42.82 6.01
C HIS C 66 8.46 -42.96 6.10
N GLN C 67 8.93 -43.61 7.15
CA GLN C 67 10.36 -43.84 7.33
C GLN C 67 10.91 -44.60 6.13
N ARG C 68 10.25 -45.68 5.76
CA ARG C 68 10.72 -46.49 4.64
C ARG C 68 10.65 -45.75 3.31
N LEU C 69 9.59 -44.98 3.12
CA LEU C 69 9.42 -44.26 1.87
C LEU C 69 10.44 -43.17 1.67
N PHE C 70 10.89 -42.53 2.76
CA PHE C 70 11.67 -41.30 2.66
C PHE C 70 13.05 -41.29 3.32
N GLU C 71 13.49 -42.41 3.89
CA GLU C 71 14.76 -42.45 4.63
C GLU C 71 16.00 -42.23 3.75
N SER C 72 15.89 -42.44 2.44
CA SER C 72 17.00 -42.19 1.54
C SER C 72 17.10 -40.72 1.15
N THR C 73 16.03 -39.96 1.43
CA THR C 73 15.89 -38.58 0.99
C THR C 73 15.84 -37.56 2.14
N PHE C 74 15.04 -37.85 3.17
CA PHE C 74 14.90 -36.90 4.27
C PHE C 74 15.42 -37.46 5.59
N GLU C 75 16.24 -36.67 6.25
CA GLU C 75 16.85 -37.04 7.52
C GLU C 75 15.78 -37.32 8.58
N TRP C 76 14.67 -36.58 8.50
CA TRP C 76 13.59 -36.65 9.47
C TRP C 76 12.53 -37.68 9.08
N ALA C 77 12.79 -38.49 8.06
CA ALA C 77 11.80 -39.50 7.66
C ALA C 77 11.32 -40.28 8.88
N GLY C 78 10.01 -40.41 9.02
CA GLY C 78 9.40 -41.20 10.09
C GLY C 78 9.06 -40.34 11.31
N TYR C 79 9.64 -39.15 11.38
CA TYR C 79 9.39 -38.21 12.47
C TYR C 79 8.30 -37.22 12.06
N THR C 80 7.38 -36.96 12.97
CA THR C 80 6.27 -36.07 12.72
C THR C 80 6.68 -34.64 12.98
N ARG C 81 5.87 -33.69 12.54
CA ARG C 81 6.30 -32.29 12.50
C ARG C 81 6.19 -31.58 13.85
N ASP C 82 5.69 -32.30 14.85
CA ASP C 82 5.78 -31.87 16.25
C ASP C 82 7.07 -32.36 16.92
N PHE C 83 7.78 -33.26 16.25
CA PHE C 83 9.06 -33.71 16.76
C PHE C 83 10.15 -32.67 16.45
N SER C 84 10.86 -32.27 17.50
CA SER C 84 11.95 -31.31 17.35
C SER C 84 13.13 -32.03 16.78
N PHE C 85 13.35 -31.88 15.48
CA PHE C 85 14.34 -32.68 14.79
C PHE C 85 15.68 -31.93 14.61
N THR C 86 16.77 -32.57 15.00
CA THR C 86 18.12 -32.01 14.80
C THR C 86 18.74 -32.55 13.52
N PHE C 87 18.91 -31.66 12.56
CA PHE C 87 19.58 -31.99 11.32
C PHE C 87 21.07 -32.20 11.54
N ASP C 88 21.69 -32.86 10.56
CA ASP C 88 23.12 -33.12 10.54
C ASP C 88 23.92 -31.80 10.58
N ASP C 89 23.32 -30.74 10.04
CA ASP C 89 23.96 -29.44 9.97
C ASP C 89 23.89 -28.64 11.28
N GLY C 90 23.23 -29.19 12.29
CA GLY C 90 23.14 -28.54 13.61
C GLY C 90 21.83 -27.82 13.86
N THR C 91 21.06 -27.53 12.82
CA THR C 91 19.79 -26.79 12.98
C THR C 91 18.67 -27.70 13.47
N VAL C 92 17.67 -27.09 14.08
CA VAL C 92 16.57 -27.80 14.71
C VAL C 92 15.27 -27.38 14.05
N ALA C 93 14.52 -28.36 13.56
CA ALA C 93 13.31 -28.06 12.78
C ALA C 93 12.05 -28.62 13.43
N GLU C 94 10.99 -27.82 13.33
CA GLU C 94 9.66 -28.19 13.82
C GLU C 94 8.69 -27.38 13.00
N MET C 95 7.49 -27.90 12.80
CA MET C 95 6.48 -27.16 12.08
C MET C 95 5.08 -27.37 12.66
N PRO C 96 4.76 -26.60 13.72
CA PRO C 96 3.45 -26.68 14.36
C PRO C 96 2.30 -26.18 13.49
N MET C 97 2.54 -25.18 12.65
CA MET C 97 1.50 -24.62 11.80
C MET C 97 1.79 -24.96 10.36
N MET C 98 0.85 -25.66 9.74
CA MET C 98 0.94 -26.00 8.34
C MET C 98 -0.43 -25.76 7.72
N LYS C 99 -0.46 -24.90 6.72
CA LYS C 99 -1.71 -24.50 6.08
C LYS C 99 -2.07 -25.46 4.99
N VAL C 100 -3.37 -25.57 4.71
CA VAL C 100 -3.82 -26.31 3.55
C VAL C 100 -3.53 -25.47 2.33
N PRO C 101 -2.87 -26.05 1.32
CA PRO C 101 -2.44 -25.22 0.17
C PRO C 101 -3.61 -24.49 -0.49
N ASN C 102 -3.40 -23.21 -0.77
CA ASN C 102 -4.37 -22.35 -1.48
C ASN C 102 -5.67 -22.01 -0.72
N LEU C 103 -5.93 -22.69 0.40
CA LEU C 103 -7.14 -22.41 1.21
C LEU C 103 -6.75 -21.77 2.54
N ASP C 104 -7.70 -21.10 3.19
CA ASP C 104 -7.46 -20.41 4.46
C ASP C 104 -7.83 -21.28 5.66
N ILE C 105 -7.42 -22.55 5.62
CA ILE C 105 -7.59 -23.44 6.74
C ILE C 105 -6.25 -24.09 7.11
N PHE C 106 -6.11 -24.44 8.37
CA PHE C 106 -4.91 -25.09 8.87
C PHE C 106 -5.16 -26.57 9.12
N TYR C 107 -4.14 -27.39 8.85
CA TYR C 107 -4.13 -28.76 9.33
C TYR C 107 -4.03 -28.69 10.85
N VAL C 108 -4.16 -29.84 11.49
CA VAL C 108 -4.07 -29.90 12.95
C VAL C 108 -2.79 -29.22 13.45
N GLN C 109 -2.93 -28.34 14.45
CA GLN C 109 -1.78 -27.67 15.07
C GLN C 109 -0.84 -28.70 15.68
N GLY C 110 0.45 -28.39 15.61
CA GLY C 110 1.49 -29.29 16.07
C GLY C 110 1.29 -29.84 17.46
N ASN C 111 0.85 -28.99 18.37
CA ASN C 111 0.62 -29.41 19.75
C ASN C 111 -0.53 -30.42 19.96
N ASP C 112 -1.39 -30.57 18.95
CA ASP C 112 -2.52 -31.50 19.00
C ASP C 112 -2.30 -32.77 18.17
N ILE C 113 -1.14 -32.87 17.51
CA ILE C 113 -0.90 -33.99 16.62
C ILE C 113 -0.98 -35.33 17.35
N GLN C 114 -0.31 -35.40 18.49
CA GLN C 114 -0.24 -36.65 19.26
C GLN C 114 -1.61 -37.12 19.75
N GLU C 115 -2.42 -36.20 20.28
CA GLU C 115 -3.75 -36.55 20.78
C GLU C 115 -4.63 -37.05 19.63
N ASN C 116 -4.56 -36.39 18.48
CA ASN C 116 -5.31 -36.82 17.30
C ASN C 116 -4.87 -38.17 16.75
N LEU C 117 -3.56 -38.39 16.69
CA LEU C 117 -3.03 -39.68 16.23
C LEU C 117 -3.45 -40.79 17.19
N LYS C 118 -3.41 -40.49 18.48
CA LYS C 118 -3.92 -41.43 19.49
C LYS C 118 -5.39 -41.74 19.24
N LYS C 119 -6.19 -40.71 18.99
CA LYS C 119 -7.64 -40.93 18.73
C LYS C 119 -7.84 -41.79 17.48
N PHE C 120 -7.04 -41.50 16.46
CA PHE C 120 -6.99 -42.29 15.23
C PHE C 120 -6.68 -43.76 15.51
N ASP C 121 -5.65 -44.01 16.32
CA ASP C 121 -5.29 -45.37 16.73
C ASP C 121 -6.44 -46.09 17.48
N GLN C 122 -7.10 -45.37 18.37
CA GLN C 122 -8.20 -45.94 19.13
C GLN C 122 -9.39 -46.32 18.30
N LEU C 123 -9.77 -45.45 17.35
CA LEU C 123 -10.87 -45.74 16.44
C LEU C 123 -10.65 -47.03 15.67
N LEU C 124 -9.45 -47.18 15.12
CA LEU C 124 -9.09 -48.39 14.38
C LEU C 124 -9.13 -49.65 15.25
N ALA C 125 -8.52 -49.55 16.44
CA ALA C 125 -8.48 -50.66 17.39
C ALA C 125 -9.89 -51.07 17.84
N SER C 126 -10.71 -50.08 18.13
CA SER C 126 -12.08 -50.30 18.59
C SER C 126 -12.93 -50.92 17.47
N LYS C 127 -12.63 -50.58 16.22
CA LYS C 127 -13.28 -51.19 15.05
C LYS C 127 -12.49 -52.37 14.46
N ASN C 128 -11.55 -52.92 15.21
CA ASN C 128 -10.82 -54.11 14.80
C ASN C 128 -10.22 -53.97 13.40
N ASN C 129 -9.54 -52.84 13.16
CA ASN C 129 -8.88 -52.56 11.88
C ASN C 129 -9.82 -52.66 10.68
N LEU C 130 -11.11 -52.42 10.93
CA LEU C 130 -12.18 -52.53 9.94
C LEU C 130 -12.31 -53.90 9.28
N GLN C 131 -11.97 -54.96 10.03
CA GLN C 131 -12.12 -56.32 9.54
C GLN C 131 -13.54 -56.81 9.74
N GLY C 132 -13.88 -57.89 9.04
CA GLY C 132 -15.19 -58.52 9.18
C GLY C 132 -16.34 -57.65 8.71
N LEU C 133 -16.09 -56.86 7.68
CA LEU C 133 -17.10 -55.98 7.11
C LEU C 133 -17.31 -56.27 5.65
N SER C 134 -18.49 -55.90 5.15
CA SER C 134 -18.76 -55.95 3.72
C SER C 134 -17.99 -54.80 3.06
N ARG C 135 -17.76 -54.93 1.76
CA ARG C 135 -17.04 -53.92 0.99
C ARG C 135 -17.68 -52.53 1.16
N GLU C 136 -19.01 -52.49 1.16
CA GLU C 136 -19.74 -51.24 1.36
C GLU C 136 -19.46 -50.63 2.73
N GLU C 137 -19.53 -51.45 3.78
CA GLU C 137 -19.30 -51.00 5.15
C GLU C 137 -17.85 -50.52 5.32
N PHE C 138 -16.93 -51.28 4.75
CA PHE C 138 -15.52 -50.92 4.79
C PHE C 138 -15.28 -49.56 4.14
N VAL C 139 -15.81 -49.41 2.93
CA VAL C 139 -15.72 -48.15 2.19
C VAL C 139 -16.20 -46.98 3.04
N ASP C 140 -17.37 -47.14 3.65
CA ASP C 140 -17.94 -46.10 4.49
C ASP C 140 -17.01 -45.73 5.65
N GLU C 141 -16.59 -46.74 6.42
CA GLU C 141 -15.77 -46.51 7.60
C GLU C 141 -14.36 -46.01 7.24
N ALA C 142 -13.81 -46.58 6.18
CA ALA C 142 -12.47 -46.22 5.74
C ALA C 142 -12.42 -44.77 5.27
N ALA C 143 -13.43 -44.34 4.53
CA ALA C 143 -13.47 -42.98 4.00
C ALA C 143 -13.46 -41.94 5.12
N LYS C 144 -14.20 -42.21 6.18
CA LYS C 144 -14.27 -41.31 7.33
C LYS C 144 -12.92 -41.17 8.02
N LEU C 145 -12.25 -42.31 8.18
CA LEU C 145 -10.93 -42.35 8.83
C LEU C 145 -9.85 -41.70 7.97
N PHE C 146 -10.01 -41.81 6.66
CA PHE C 146 -9.07 -41.19 5.72
C PHE C 146 -9.17 -39.68 5.80
N VAL C 147 -10.41 -39.17 5.83
CA VAL C 147 -10.65 -37.74 5.98
C VAL C 147 -10.04 -37.21 7.28
N PHE C 148 -10.25 -37.95 8.36
CA PHE C 148 -9.70 -37.57 9.66
C PHE C 148 -8.16 -37.49 9.61
N LEU C 149 -7.51 -38.56 9.17
CA LEU C 149 -6.05 -38.62 9.13
C LEU C 149 -5.49 -37.55 8.22
N ASN C 150 -6.15 -37.35 7.09
CA ASN C 150 -5.73 -36.34 6.16
C ASN C 150 -5.66 -34.95 6.81
N SER C 151 -6.62 -34.66 7.67
CA SER C 151 -6.67 -33.33 8.32
C SER C 151 -5.54 -33.15 9.37
N ILE C 152 -4.97 -34.27 9.84
CA ILE C 152 -3.89 -34.23 10.82
C ILE C 152 -2.59 -33.86 10.15
N ALA C 153 -2.31 -34.48 9.00
CA ALA C 153 -1.11 -34.23 8.23
C ALA C 153 0.09 -34.22 9.16
N PRO C 154 0.32 -35.36 9.84
CA PRO C 154 1.35 -35.43 10.88
C PRO C 154 2.80 -35.17 10.44
N PHE C 155 3.11 -35.35 9.15
CA PHE C 155 4.51 -35.15 8.68
C PHE C 155 4.71 -33.80 7.99
N ARG C 156 5.94 -33.34 7.97
CA ARG C 156 6.29 -32.10 7.30
C ARG C 156 5.95 -32.17 5.82
N ALA C 157 6.19 -33.33 5.24
CA ALA C 157 5.84 -33.58 3.85
C ALA C 157 5.74 -35.09 3.65
N GLY C 158 5.21 -35.49 2.51
CA GLY C 158 5.05 -36.90 2.19
C GLY C 158 3.84 -37.55 2.87
N ASN C 159 2.90 -36.73 3.34
CA ASN C 159 1.70 -37.23 3.99
C ASN C 159 0.88 -38.08 3.02
N GLU C 160 0.68 -37.57 1.81
CA GLU C 160 -0.24 -38.21 0.88
C GLU C 160 0.17 -39.66 0.55
N PRO C 161 1.37 -39.86 -0.01
CA PRO C 161 1.75 -41.24 -0.38
C PRO C 161 1.84 -42.16 0.83
N THR C 162 2.21 -41.62 1.98
CA THR C 162 2.26 -42.41 3.21
C THR C 162 0.87 -42.93 3.61
N GLN C 163 -0.10 -42.03 3.67
CA GLN C 163 -1.51 -42.37 4.01
C GLN C 163 -2.09 -43.36 3.03
N ARG C 164 -1.79 -43.19 1.75
CA ARG C 164 -2.33 -44.09 0.74
C ARG C 164 -1.82 -45.50 0.92
N VAL C 165 -0.51 -45.64 1.14
CA VAL C 165 0.04 -46.97 1.37
C VAL C 165 -0.62 -47.60 2.61
N PHE C 166 -0.80 -46.79 3.66
CA PHE C 166 -1.37 -47.25 4.91
C PHE C 166 -2.79 -47.82 4.65
N PHE C 167 -3.61 -47.05 3.93
CA PHE C 167 -4.97 -47.48 3.66
C PHE C 167 -5.05 -48.64 2.68
N GLU C 168 -4.15 -48.71 1.71
CA GLU C 168 -4.11 -49.89 0.82
C GLU C 168 -3.80 -51.15 1.63
N LYS C 169 -2.85 -51.04 2.57
CA LYS C 169 -2.51 -52.16 3.45
C LYS C 169 -3.66 -52.52 4.40
N LEU C 170 -4.36 -51.50 4.87
CA LEU C 170 -5.49 -51.70 5.75
C LEU C 170 -6.60 -52.46 5.02
N ALA C 171 -6.88 -52.04 3.78
CA ALA C 171 -7.90 -52.68 2.95
C ALA C 171 -7.57 -54.16 2.71
N GLU C 172 -6.33 -54.42 2.34
CA GLU C 172 -5.85 -55.79 2.14
C GLU C 172 -6.07 -56.64 3.40
N ALA C 173 -5.65 -56.14 4.55
CA ALA C 173 -5.81 -56.88 5.81
C ALA C 173 -7.27 -57.06 6.19
N ALA C 174 -8.13 -56.14 5.74
CA ALA C 174 -9.57 -56.21 6.00
C ALA C 174 -10.32 -57.11 5.01
N GLY C 175 -9.58 -57.76 4.10
CA GLY C 175 -10.17 -58.63 3.11
C GLY C 175 -10.69 -57.94 1.87
N HIS C 176 -10.35 -56.67 1.69
CA HIS C 176 -10.76 -55.93 0.51
C HIS C 176 -9.54 -55.38 -0.24
N GLN C 177 -9.73 -54.36 -1.06
CA GLN C 177 -8.68 -53.78 -1.86
C GLN C 177 -8.91 -52.29 -2.02
N LEU C 178 -7.82 -51.53 -2.06
CA LEU C 178 -7.83 -50.13 -2.46
C LEU C 178 -6.65 -49.87 -3.38
N ASP C 179 -6.89 -49.27 -4.53
CA ASP C 179 -5.79 -48.85 -5.39
C ASP C 179 -5.98 -47.40 -5.81
N PHE C 180 -5.31 -46.49 -5.11
CA PHE C 180 -5.45 -45.06 -5.36
C PHE C 180 -5.02 -44.69 -6.78
N SER C 181 -4.10 -45.46 -7.36
CA SER C 181 -3.62 -45.16 -8.71
C SER C 181 -4.70 -45.35 -9.78
N VAL C 182 -5.82 -45.97 -9.42
CA VAL C 182 -6.94 -46.12 -10.32
C VAL C 182 -7.72 -44.82 -10.51
N ALA C 183 -7.49 -43.85 -9.61
CA ALA C 183 -8.18 -42.55 -9.64
C ALA C 183 -7.23 -41.39 -9.85
N THR C 184 -7.74 -40.33 -10.48
CA THR C 184 -6.95 -39.13 -10.77
C THR C 184 -6.53 -38.38 -9.52
N GLU C 185 -5.41 -37.67 -9.63
CA GLU C 185 -4.94 -36.85 -8.53
C GLU C 185 -5.91 -35.72 -8.20
N LYS C 186 -6.47 -35.12 -9.25
CA LYS C 186 -7.46 -34.05 -9.12
C LYS C 186 -8.65 -34.48 -8.27
N ARG C 187 -9.10 -35.71 -8.47
CA ARG C 187 -10.28 -36.23 -7.78
C ARG C 187 -9.97 -36.51 -6.31
N ILE C 188 -8.83 -37.15 -6.07
CA ILE C 188 -8.41 -37.45 -4.70
C ILE C 188 -8.31 -36.15 -3.88
N MET C 189 -7.71 -35.13 -4.48
CA MET C 189 -7.57 -33.83 -3.83
C MET C 189 -8.95 -33.22 -3.55
N ARG C 190 -9.83 -33.24 -4.56
CA ARG C 190 -11.22 -32.74 -4.41
C ARG C 190 -11.92 -33.38 -3.20
N ALA C 191 -11.74 -34.69 -3.06
CA ALA C 191 -12.34 -35.41 -1.94
C ALA C 191 -11.73 -34.99 -0.60
N CYS C 192 -10.41 -34.81 -0.56
CA CYS C 192 -9.75 -34.35 0.66
C CYS C 192 -10.28 -32.97 1.05
N ILE C 193 -10.42 -32.10 0.07
CA ILE C 193 -10.86 -30.72 0.32
C ILE C 193 -12.30 -30.71 0.84
N ASP C 194 -13.17 -31.46 0.18
CA ASP C 194 -14.57 -31.62 0.65
C ASP C 194 -14.59 -32.11 2.09
N GLY C 195 -13.74 -33.08 2.40
CA GLY C 195 -13.60 -33.60 3.74
C GLY C 195 -13.29 -32.55 4.80
N MET C 196 -12.56 -31.51 4.42
CA MET C 196 -12.15 -30.47 5.37
C MET C 196 -13.02 -29.22 5.33
N THR C 197 -13.87 -29.08 4.32
CA THR C 197 -14.69 -27.89 4.16
C THR C 197 -16.21 -28.09 4.37
N LEU C 198 -16.77 -29.22 3.93
CA LEU C 198 -18.24 -29.39 3.95
C LEU C 198 -18.80 -29.76 5.32
N LYS C 199 -20.04 -29.38 5.55
CA LYS C 199 -20.75 -29.68 6.80
C LYS C 199 -20.82 -31.19 7.08
N ASP C 200 -21.00 -31.51 8.36
CA ASP C 200 -20.94 -32.87 8.89
C ASP C 200 -21.19 -34.02 7.90
N ASN C 201 -22.40 -34.13 7.37
CA ASN C 201 -22.80 -35.27 6.55
C ASN C 201 -22.05 -35.32 5.22
N MET C 202 -22.03 -34.19 4.52
CA MET C 202 -21.52 -34.11 3.15
C MET C 202 -20.02 -34.25 3.03
N ALA C 203 -19.29 -33.96 4.10
CA ALA C 203 -17.81 -33.98 4.06
C ALA C 203 -17.23 -35.29 3.52
N TYR C 204 -17.86 -36.40 3.91
CA TYR C 204 -17.34 -37.72 3.60
C TYR C 204 -17.81 -38.24 2.24
N LYS C 205 -18.80 -37.58 1.64
CA LYS C 205 -19.54 -38.10 0.49
C LYS C 205 -18.59 -38.40 -0.71
N GLU C 206 -17.85 -37.38 -1.15
CA GLU C 206 -16.91 -37.59 -2.25
C GLU C 206 -15.82 -38.60 -1.95
N MET C 207 -15.42 -38.72 -0.68
CA MET C 207 -14.40 -39.69 -0.30
C MET C 207 -14.99 -41.09 -0.39
N LYS C 208 -16.24 -41.24 0.09
CA LYS C 208 -16.99 -42.51 -0.06
C LYS C 208 -17.10 -42.92 -1.52
N SER C 209 -17.51 -41.97 -2.35
CA SER C 209 -17.61 -42.18 -3.80
C SER C 209 -16.27 -42.61 -4.40
N LEU C 210 -15.18 -41.94 -4.03
CA LEU C 210 -13.84 -42.31 -4.49
C LEU C 210 -13.49 -43.73 -4.06
N PHE C 211 -13.69 -44.03 -2.78
CA PHE C 211 -13.38 -45.35 -2.24
C PHE C 211 -14.21 -46.47 -2.88
N GLU C 212 -15.49 -46.21 -3.14
CA GLU C 212 -16.32 -47.15 -3.92
C GLU C 212 -15.60 -47.54 -5.19
N ASP C 213 -15.15 -46.54 -5.94
CA ASP C 213 -14.49 -46.75 -7.23
C ASP C 213 -13.15 -47.47 -7.11
N ILE C 214 -12.29 -47.02 -6.21
CA ILE C 214 -10.93 -47.59 -6.12
C ILE C 214 -10.87 -48.90 -5.35
N SER C 215 -11.99 -49.30 -4.72
CA SER C 215 -12.10 -50.62 -4.10
C SER C 215 -12.80 -51.66 -4.98
N ASP C 216 -13.21 -51.24 -6.18
CA ASP C 216 -13.96 -52.09 -7.11
C ASP C 216 -13.01 -52.96 -7.95
N PRO C 217 -12.96 -54.28 -7.69
CA PRO C 217 -12.04 -55.17 -8.39
C PRO C 217 -12.07 -55.07 -9.91
N LYS C 218 -13.23 -54.75 -10.48
CA LYS C 218 -13.36 -54.53 -11.93
C LYS C 218 -12.52 -53.31 -12.32
N LYS C 219 -12.93 -52.14 -11.83
CA LYS C 219 -12.27 -50.85 -12.08
C LYS C 219 -10.76 -50.87 -11.85
N ILE C 220 -10.32 -51.60 -10.81
CA ILE C 220 -8.93 -51.70 -10.42
C ILE C 220 -8.23 -52.78 -11.24
N ALA C 221 -8.92 -53.29 -12.27
CA ALA C 221 -8.40 -54.24 -13.24
C ALA C 221 -8.40 -53.67 -14.67
N ALA C 222 -9.17 -52.61 -14.93
CA ALA C 222 -9.19 -52.01 -16.31
C ALA C 222 -7.74 -51.76 -16.72
N LEU C 223 -7.04 -50.97 -15.91
CA LEU C 223 -5.60 -50.76 -16.06
C LEU C 223 -4.82 -52.08 -16.21
N HIS D 8 -55.06 52.60 -5.18
CA HIS D 8 -55.40 51.53 -6.16
C HIS D 8 -54.97 50.14 -5.68
N MET D 9 -53.73 50.02 -5.25
CA MET D 9 -53.14 48.73 -4.89
C MET D 9 -53.68 48.10 -3.60
N ALA D 10 -54.35 48.88 -2.75
CA ALA D 10 -54.89 48.36 -1.49
C ALA D 10 -55.98 47.32 -1.69
N ARG D 11 -56.86 47.54 -2.67
CA ARG D 11 -57.92 46.59 -3.03
C ARG D 11 -57.38 45.19 -3.35
N ASN D 12 -56.12 45.09 -3.77
CA ASN D 12 -55.52 43.80 -4.12
C ASN D 12 -55.23 42.84 -2.97
N TYR D 13 -55.29 43.32 -1.73
CA TYR D 13 -55.27 42.41 -0.57
C TYR D 13 -56.58 41.62 -0.45
N ALA D 14 -57.67 42.19 -0.95
CA ALA D 14 -58.97 41.54 -0.85
C ALA D 14 -59.37 40.97 -2.20
N TYR D 15 -60.37 40.09 -2.22
CA TYR D 15 -60.83 39.50 -3.48
C TYR D 15 -61.50 40.55 -4.36
N PRO D 16 -61.51 40.36 -5.68
CA PRO D 16 -62.04 41.45 -6.52
C PRO D 16 -63.53 41.86 -6.34
N HIS D 17 -64.35 40.97 -5.79
CA HIS D 17 -65.78 41.25 -5.64
C HIS D 17 -66.16 41.63 -4.20
N MET D 18 -65.43 41.08 -3.24
CA MET D 18 -65.78 41.13 -1.82
C MET D 18 -64.73 41.90 -1.06
N ASN D 19 -65.06 42.22 0.19
CA ASN D 19 -64.11 42.71 1.19
C ASN D 19 -63.23 41.66 1.87
N THR D 20 -63.58 40.39 1.75
CA THR D 20 -62.81 39.33 2.40
C THR D 20 -61.37 39.33 1.91
N LEU D 21 -60.45 39.16 2.86
CA LEU D 21 -59.02 39.13 2.54
C LEU D 21 -58.65 37.85 1.79
N LYS D 22 -57.81 37.99 0.77
CA LYS D 22 -57.33 36.84 0.04
C LYS D 22 -56.59 35.93 1.00
N ASN D 23 -56.82 34.63 0.88
CA ASN D 23 -56.19 33.67 1.77
C ASN D 23 -55.94 32.34 1.11
N LYS D 24 -54.97 31.60 1.65
CA LYS D 24 -54.54 30.34 1.06
C LYS D 24 -55.59 29.24 1.17
N HIS D 25 -56.61 29.44 2.00
CA HIS D 25 -57.67 28.46 2.16
C HIS D 25 -58.78 28.66 1.14
N ASN D 26 -58.73 29.74 0.37
CA ASN D 26 -59.79 30.10 -0.59
C ASN D 26 -61.14 30.26 0.10
N ILE D 27 -61.11 30.77 1.33
CA ILE D 27 -62.32 31.00 2.12
C ILE D 27 -62.86 32.39 1.85
N MET D 28 -64.16 32.48 1.54
CA MET D 28 -64.80 33.72 1.12
C MET D 28 -65.57 34.41 2.25
N SER D 29 -65.89 33.68 3.31
CA SER D 29 -66.59 34.26 4.46
C SER D 29 -65.57 34.85 5.42
N THR D 30 -65.71 36.14 5.75
CA THR D 30 -64.82 36.80 6.69
C THR D 30 -64.93 36.16 8.08
N LYS D 31 -66.14 35.77 8.46
CA LYS D 31 -66.36 35.11 9.75
C LYS D 31 -65.60 33.78 9.83
N LYS D 32 -65.77 32.93 8.81
CA LYS D 32 -65.10 31.63 8.78
C LYS D 32 -63.60 31.80 8.72
N LEU D 33 -63.13 32.77 7.94
CA LEU D 33 -61.71 33.04 7.82
C LEU D 33 -61.10 33.37 9.19
N ALA D 34 -61.78 34.22 9.94
CA ALA D 34 -61.35 34.56 11.30
C ALA D 34 -61.13 33.30 12.16
N HIS D 35 -62.08 32.37 12.12
CA HIS D 35 -61.95 31.13 12.92
C HIS D 35 -60.79 30.28 12.52
N VAL D 36 -60.68 30.01 11.23
CA VAL D 36 -59.60 29.18 10.69
C VAL D 36 -58.26 29.83 11.02
N CYS D 37 -58.25 31.14 10.95
CA CYS D 37 -57.09 31.95 11.26
C CYS D 37 -56.66 31.77 12.72
N GLU D 38 -57.60 31.89 13.65
CA GLU D 38 -57.32 31.66 15.07
C GLU D 38 -56.79 30.24 15.31
N HIS D 39 -57.35 29.28 14.58
CA HIS D 39 -56.91 27.89 14.69
C HIS D 39 -55.41 27.72 14.40
N TYR D 40 -54.97 28.19 13.23
CA TYR D 40 -53.56 28.04 12.82
C TYR D 40 -52.60 28.84 13.67
N ALA D 41 -53.04 30.04 14.06
CA ALA D 41 -52.25 30.87 14.95
C ALA D 41 -51.92 30.14 16.24
N LYS D 42 -52.93 29.48 16.83
CA LYS D 42 -52.73 28.71 18.05
C LYS D 42 -51.72 27.58 17.85
N LYS D 43 -51.81 26.89 16.72
CA LYS D 43 -50.85 25.82 16.43
C LYS D 43 -49.43 26.33 16.28
N ALA D 44 -49.29 27.49 15.67
CA ALA D 44 -47.97 28.07 15.43
C ALA D 44 -47.35 28.52 16.75
N ILE D 45 -48.18 29.03 17.64
CA ILE D 45 -47.71 29.47 18.95
C ILE D 45 -47.08 28.31 19.71
N ILE D 46 -47.61 27.11 19.53
CA ILE D 46 -47.08 25.94 20.21
C ILE D 46 -45.62 25.70 19.82
N ASN D 47 -45.34 25.76 18.53
CA ASN D 47 -43.96 25.59 18.07
C ASN D 47 -43.10 26.79 18.44
N LEU D 48 -43.66 27.98 18.29
CA LEU D 48 -42.98 29.21 18.67
C LEU D 48 -42.53 29.20 20.14
N ASN D 49 -43.39 28.69 21.02
CA ASN D 49 -43.06 28.64 22.44
C ASN D 49 -41.91 27.71 22.79
N LYS D 50 -41.55 26.82 21.86
CA LYS D 50 -40.38 25.97 22.05
C LYS D 50 -39.08 26.69 21.73
N GLU D 51 -39.16 27.88 21.16
CA GLU D 51 -37.96 28.57 20.73
C GLU D 51 -37.41 29.47 21.83
N PRO D 52 -36.07 29.61 21.89
CA PRO D 52 -35.51 30.56 22.84
C PRO D 52 -35.95 31.97 22.54
N LEU D 53 -35.98 32.80 23.57
CA LEU D 53 -36.32 34.20 23.41
C LEU D 53 -35.15 34.86 22.71
N PRO D 54 -35.44 35.77 21.77
CA PRO D 54 -34.35 36.39 21.02
C PRO D 54 -33.54 37.35 21.89
N GLN D 55 -32.27 37.57 21.52
CA GLN D 55 -31.43 38.56 22.19
C GLN D 55 -31.90 39.99 21.91
N LYS D 56 -32.31 40.26 20.67
CA LYS D 56 -32.79 41.58 20.27
C LYS D 56 -34.30 41.52 20.01
N PHE D 57 -35.04 42.34 20.74
CA PHE D 57 -36.46 42.50 20.50
C PHE D 57 -36.62 43.67 19.55
N ASP D 58 -36.99 43.36 18.32
CA ASP D 58 -37.02 44.37 17.27
C ASP D 58 -38.09 44.00 16.22
N SER D 59 -38.21 44.83 15.20
CA SER D 59 -39.22 44.67 14.17
C SER D 59 -39.01 43.36 13.39
N SER D 60 -37.76 42.94 13.21
CA SER D 60 -37.50 41.64 12.60
C SER D 60 -38.16 40.50 13.36
N TYR D 61 -38.05 40.50 14.69
CA TYR D 61 -38.72 39.50 15.51
C TYR D 61 -40.24 39.61 15.40
N LEU D 62 -40.75 40.85 15.41
CA LEU D 62 -42.18 41.10 15.23
C LEU D 62 -42.68 40.48 13.91
N LYS D 63 -41.92 40.71 12.85
CA LYS D 63 -42.29 40.19 11.53
C LYS D 63 -42.26 38.68 11.53
N TYR D 64 -41.27 38.09 12.20
CA TYR D 64 -41.16 36.65 12.27
C TYR D 64 -42.37 36.07 12.99
N ILE D 65 -42.83 36.73 14.04
CA ILE D 65 -43.99 36.26 14.78
C ILE D 65 -45.20 36.27 13.87
N HIS D 66 -45.38 37.37 13.16
CA HIS D 66 -46.51 37.51 12.25
C HIS D 66 -46.40 36.44 11.18
N GLN D 67 -45.19 36.21 10.69
CA GLN D 67 -44.96 35.20 9.68
C GLN D 67 -45.45 33.85 10.18
N ARG D 68 -45.02 33.48 11.39
CA ARG D 68 -45.40 32.19 11.95
C ARG D 68 -46.88 32.08 12.23
N LEU D 69 -47.48 33.17 12.71
CA LEU D 69 -48.90 33.16 13.04
C LEU D 69 -49.79 33.03 11.81
N PHE D 70 -49.37 33.59 10.68
CA PHE D 70 -50.24 33.72 9.52
C PHE D 70 -49.78 33.07 8.22
N GLU D 71 -48.64 32.39 8.21
CA GLU D 71 -48.10 31.82 6.97
C GLU D 71 -48.96 30.71 6.35
N SER D 72 -49.85 30.11 7.13
CA SER D 72 -50.79 29.10 6.59
C SER D 72 -52.03 29.73 5.94
N THR D 73 -52.23 31.01 6.19
CA THR D 73 -53.44 31.72 5.79
C THR D 73 -53.17 32.86 4.80
N PHE D 74 -52.16 33.68 5.06
CA PHE D 74 -51.88 34.83 4.19
C PHE D 74 -50.54 34.72 3.51
N GLU D 75 -50.56 34.91 2.20
CA GLU D 75 -49.36 34.84 1.37
C GLU D 75 -48.32 35.87 1.82
N TRP D 76 -48.80 37.02 2.28
CA TRP D 76 -47.94 38.16 2.67
C TRP D 76 -47.55 38.11 4.16
N ALA D 77 -47.84 36.99 4.83
CA ALA D 77 -47.48 36.89 6.24
C ALA D 77 -46.03 37.32 6.43
N GLY D 78 -45.79 38.21 7.40
CA GLY D 78 -44.45 38.63 7.78
C GLY D 78 -44.04 39.91 7.06
N TYR D 79 -44.75 40.23 5.98
CA TYR D 79 -44.49 41.44 5.20
C TYR D 79 -45.40 42.57 5.66
N THR D 80 -44.82 43.75 5.81
CA THR D 80 -45.54 44.92 6.28
C THR D 80 -46.26 45.59 5.11
N ARG D 81 -47.16 46.50 5.42
CA ARG D 81 -48.09 47.01 4.39
C ARG D 81 -47.49 48.09 3.51
N ASP D 82 -46.25 48.46 3.80
CA ASP D 82 -45.44 49.28 2.90
C ASP D 82 -44.64 48.41 1.92
N PHE D 83 -44.63 47.10 2.15
CA PHE D 83 -43.99 46.19 1.22
C PHE D 83 -44.90 45.92 0.03
N SER D 84 -44.36 46.14 -1.15
CA SER D 84 -45.11 45.92 -2.36
C SER D 84 -45.12 44.41 -2.64
N PHE D 85 -46.24 43.77 -2.30
CA PHE D 85 -46.33 42.31 -2.30
C PHE D 85 -46.97 41.76 -3.57
N THR D 86 -46.30 40.80 -4.22
CA THR D 86 -46.86 40.14 -5.39
C THR D 86 -47.54 38.84 -4.98
N PHE D 87 -48.87 38.82 -5.15
CA PHE D 87 -49.65 37.61 -4.91
C PHE D 87 -49.38 36.56 -5.97
N ASP D 88 -49.74 35.33 -5.64
CA ASP D 88 -49.67 34.20 -6.55
C ASP D 88 -50.50 34.45 -7.84
N ASP D 89 -51.57 35.22 -7.71
CA ASP D 89 -52.48 35.51 -8.82
C ASP D 89 -51.94 36.61 -9.75
N GLY D 90 -50.78 37.17 -9.44
CA GLY D 90 -50.15 38.18 -10.29
C GLY D 90 -50.34 39.61 -9.84
N THR D 91 -51.31 39.85 -8.96
CA THR D 91 -51.60 41.22 -8.49
C THR D 91 -50.60 41.67 -7.44
N VAL D 92 -50.49 42.99 -7.29
CA VAL D 92 -49.51 43.60 -6.40
C VAL D 92 -50.25 44.44 -5.37
N ALA D 93 -49.99 44.17 -4.09
CA ALA D 93 -50.74 44.83 -3.03
C ALA D 93 -49.85 45.64 -2.11
N GLU D 94 -50.41 46.75 -1.68
CA GLU D 94 -49.74 47.68 -0.81
C GLU D 94 -50.83 48.50 -0.13
N MET D 95 -50.63 48.89 1.12
CA MET D 95 -51.64 49.70 1.81
C MET D 95 -51.03 50.79 2.69
N PRO D 96 -50.71 51.94 2.07
CA PRO D 96 -50.14 53.07 2.80
C PRO D 96 -51.10 53.75 3.78
N MET D 97 -52.38 53.78 3.44
CA MET D 97 -53.37 54.42 4.31
C MET D 97 -54.28 53.36 4.91
N MET D 98 -54.28 53.29 6.23
CA MET D 98 -55.17 52.38 6.95
C MET D 98 -55.79 53.11 8.11
N LYS D 99 -57.12 53.13 8.12
CA LYS D 99 -57.89 53.83 9.12
C LYS D 99 -58.11 52.96 10.34
N VAL D 100 -58.24 53.61 11.48
CA VAL D 100 -58.64 52.91 12.70
C VAL D 100 -60.11 52.54 12.54
N PRO D 101 -60.47 51.26 12.77
CA PRO D 101 -61.86 50.84 12.58
C PRO D 101 -62.86 51.67 13.38
N ASN D 102 -63.94 52.08 12.70
CA ASN D 102 -65.04 52.83 13.30
C ASN D 102 -64.74 54.29 13.70
N LEU D 103 -63.47 54.70 13.71
CA LEU D 103 -63.10 56.09 14.01
C LEU D 103 -62.50 56.79 12.80
N ASP D 104 -62.48 58.11 12.83
CA ASP D 104 -61.95 58.92 11.72
C ASP D 104 -60.48 59.32 11.93
N ILE D 105 -59.67 58.38 12.42
CA ILE D 105 -58.23 58.59 12.61
C ILE D 105 -57.46 57.54 11.83
N PHE D 106 -56.25 57.88 11.42
CA PHE D 106 -55.40 56.97 10.65
C PHE D 106 -54.23 56.42 11.47
N TYR D 107 -53.88 55.17 11.22
CA TYR D 107 -52.59 54.64 11.68
C TYR D 107 -51.46 55.31 10.91
N VAL D 108 -50.22 55.04 11.28
CA VAL D 108 -49.06 55.61 10.61
C VAL D 108 -49.13 55.38 9.11
N GLN D 109 -48.90 56.43 8.33
CA GLN D 109 -48.86 56.32 6.87
C GLN D 109 -47.77 55.36 6.42
N GLY D 110 -48.04 54.64 5.33
CA GLY D 110 -47.14 53.62 4.82
C GLY D 110 -45.71 54.08 4.66
N ASN D 111 -45.52 55.29 4.14
CA ASN D 111 -44.19 55.83 3.90
C ASN D 111 -43.37 56.10 5.17
N ASP D 112 -44.04 56.14 6.32
CA ASP D 112 -43.38 56.38 7.61
C ASP D 112 -43.24 55.13 8.45
N ILE D 113 -43.70 53.99 7.95
CA ILE D 113 -43.67 52.77 8.75
C ILE D 113 -42.26 52.38 9.15
N GLN D 114 -41.35 52.40 8.19
CA GLN D 114 -39.97 51.96 8.43
C GLN D 114 -39.26 52.83 9.46
N GLU D 115 -39.44 54.14 9.35
CA GLU D 115 -38.80 55.07 10.26
C GLU D 115 -39.32 54.85 11.68
N ASN D 116 -40.63 54.66 11.81
CA ASN D 116 -41.25 54.40 13.11
C ASN D 116 -40.81 53.07 13.72
N LEU D 117 -40.76 52.04 12.89
CA LEU D 117 -40.31 50.73 13.37
C LEU D 117 -38.85 50.81 13.81
N LYS D 118 -38.04 51.54 13.05
CA LYS D 118 -36.65 51.79 13.43
C LYS D 118 -36.57 52.50 14.78
N LYS D 119 -37.38 53.53 14.97
CA LYS D 119 -37.43 54.25 16.24
C LYS D 119 -37.85 53.32 17.38
N PHE D 120 -38.85 52.48 17.12
CA PHE D 120 -39.29 51.45 18.04
C PHE D 120 -38.14 50.52 18.44
N ASP D 121 -37.39 50.04 17.44
CA ASP D 121 -36.23 49.18 17.69
C ASP D 121 -35.16 49.87 18.54
N GLN D 122 -34.91 51.15 18.26
CA GLN D 122 -33.92 51.91 19.01
C GLN D 122 -34.28 52.13 20.44
N LEU D 123 -35.53 52.47 20.71
CA LEU D 123 -35.99 52.62 22.07
C LEU D 123 -35.79 51.38 22.90
N LEU D 124 -36.17 50.22 22.36
CA LEU D 124 -36.00 48.96 23.08
C LEU D 124 -34.54 48.67 23.34
N ALA D 125 -33.71 48.84 22.31
CA ALA D 125 -32.27 48.60 22.43
C ALA D 125 -31.62 49.52 23.46
N SER D 126 -32.00 50.79 23.42
CA SER D 126 -31.49 51.82 24.31
C SER D 126 -31.91 51.53 25.78
N LYS D 127 -33.10 50.96 25.94
CA LYS D 127 -33.58 50.54 27.25
C LYS D 127 -33.30 49.05 27.58
N ASN D 128 -32.40 48.42 26.82
CA ASN D 128 -32.00 47.03 27.07
C ASN D 128 -33.19 46.08 27.19
N ASN D 129 -34.11 46.17 26.22
CA ASN D 129 -35.31 45.31 26.16
C ASN D 129 -36.15 45.36 27.44
N LEU D 130 -36.08 46.50 28.14
CA LEU D 130 -36.76 46.73 29.42
C LEU D 130 -36.37 45.73 30.52
N GLN D 131 -35.14 45.24 30.48
CA GLN D 131 -34.64 44.36 31.54
C GLN D 131 -34.16 45.13 32.73
N GLY D 132 -33.99 44.42 33.83
CA GLY D 132 -33.42 44.99 35.03
C GLY D 132 -34.30 46.06 35.64
N LEU D 133 -35.60 45.90 35.51
CA LEU D 133 -36.57 46.85 36.05
C LEU D 133 -37.52 46.17 37.02
N SER D 134 -38.11 46.97 37.90
CA SER D 134 -39.18 46.48 38.75
C SER D 134 -40.42 46.29 37.90
N ARG D 135 -41.35 45.49 38.41
CA ARG D 135 -42.62 45.25 37.72
C ARG D 135 -43.34 46.57 37.41
N GLU D 136 -43.31 47.52 38.35
CA GLU D 136 -43.94 48.82 38.16
C GLU D 136 -43.28 49.61 37.02
N GLU D 137 -41.95 49.66 37.02
CA GLU D 137 -41.19 50.37 35.99
C GLU D 137 -41.38 49.72 34.63
N PHE D 138 -41.37 48.39 34.60
CA PHE D 138 -41.62 47.65 33.37
C PHE D 138 -42.99 47.99 32.81
N VAL D 139 -44.02 47.90 33.66
CA VAL D 139 -45.38 48.22 33.27
C VAL D 139 -45.47 49.60 32.62
N ASP D 140 -44.85 50.59 33.28
CA ASP D 140 -44.85 51.96 32.77
C ASP D 140 -44.22 52.03 31.38
N GLU D 141 -43.01 51.52 31.26
CA GLU D 141 -42.27 51.60 30.01
C GLU D 141 -42.91 50.76 28.90
N ALA D 142 -43.38 49.57 29.27
CA ALA D 142 -43.99 48.67 28.31
C ALA D 142 -45.28 49.26 27.72
N ALA D 143 -46.10 49.85 28.58
CA ALA D 143 -47.37 50.44 28.14
C ALA D 143 -47.17 51.52 27.09
N LYS D 144 -46.16 52.35 27.28
CA LYS D 144 -45.86 53.41 26.33
C LYS D 144 -45.43 52.87 24.99
N LEU D 145 -44.57 51.85 25.00
CA LEU D 145 -44.13 51.22 23.75
C LEU D 145 -45.25 50.51 23.06
N PHE D 146 -46.17 49.93 23.82
CA PHE D 146 -47.30 49.21 23.25
C PHE D 146 -48.20 50.18 22.49
N VAL D 147 -48.46 51.32 23.11
CA VAL D 147 -49.26 52.36 22.48
C VAL D 147 -48.60 52.81 21.18
N PHE D 148 -47.30 53.02 21.23
CA PHE D 148 -46.55 53.47 20.08
C PHE D 148 -46.66 52.46 18.93
N LEU D 149 -46.35 51.21 19.22
CA LEU D 149 -46.39 50.16 18.21
C LEU D 149 -47.78 49.98 17.65
N ASN D 150 -48.77 50.02 18.53
CA ASN D 150 -50.15 49.89 18.11
C ASN D 150 -50.53 50.93 17.06
N SER D 151 -50.03 52.16 17.22
CA SER D 151 -50.35 53.25 16.31
C SER D 151 -49.67 53.09 14.94
N ILE D 152 -48.62 52.29 14.89
CA ILE D 152 -47.91 52.00 13.64
C ILE D 152 -48.70 51.04 12.78
N ALA D 153 -49.20 49.97 13.41
CA ALA D 153 -49.99 48.94 12.74
C ALA D 153 -49.31 48.53 11.43
N PRO D 154 -48.11 47.96 11.53
CA PRO D 154 -47.25 47.78 10.37
C PRO D 154 -47.78 46.76 9.36
N PHE D 155 -48.66 45.86 9.80
CA PHE D 155 -49.19 44.83 8.89
C PHE D 155 -50.58 45.18 8.37
N ARG D 156 -50.93 44.60 7.23
CA ARG D 156 -52.25 44.79 6.64
C ARG D 156 -53.35 44.32 7.58
N ALA D 157 -53.08 43.22 8.28
CA ALA D 157 -53.97 42.69 9.31
C ALA D 157 -53.18 41.78 10.23
N GLY D 158 -53.78 41.42 11.34
CA GLY D 158 -53.14 40.55 12.33
C GLY D 158 -52.18 41.29 13.24
N ASN D 159 -52.31 42.61 13.31
CA ASN D 159 -51.44 43.42 14.16
C ASN D 159 -51.62 43.04 15.61
N GLU D 160 -52.88 42.94 16.05
CA GLU D 160 -53.17 42.76 17.48
C GLU D 160 -52.52 41.50 18.06
N PRO D 161 -52.87 40.32 17.53
CA PRO D 161 -52.28 39.10 18.11
C PRO D 161 -50.76 39.05 17.99
N THR D 162 -50.22 39.64 16.93
CA THR D 162 -48.78 39.69 16.74
C THR D 162 -48.08 40.52 17.81
N GLN D 163 -48.57 41.74 18.05
CA GLN D 163 -48.00 42.61 19.09
C GLN D 163 -48.19 42.04 20.50
N ARG D 164 -49.29 41.36 20.76
CA ARG D 164 -49.48 40.72 22.08
C ARG D 164 -48.45 39.63 22.33
N VAL D 165 -48.23 38.77 21.36
CA VAL D 165 -47.23 37.72 21.52
C VAL D 165 -45.86 38.35 21.74
N PHE D 166 -45.56 39.40 21.00
CA PHE D 166 -44.29 40.10 21.12
C PHE D 166 -44.10 40.61 22.54
N PHE D 167 -45.10 41.29 23.08
CA PHE D 167 -45.00 41.86 24.41
C PHE D 167 -45.00 40.81 25.52
N GLU D 168 -45.74 39.72 25.35
CA GLU D 168 -45.67 38.63 26.31
C GLU D 168 -44.26 38.04 26.36
N LYS D 169 -43.65 37.88 25.19
CA LYS D 169 -42.28 37.40 25.11
C LYS D 169 -41.28 38.39 25.68
N LEU D 170 -41.53 39.67 25.46
CA LEU D 170 -40.70 40.74 26.00
C LEU D 170 -40.74 40.75 27.53
N ALA D 171 -41.94 40.62 28.09
CA ALA D 171 -42.14 40.56 29.53
C ALA D 171 -41.39 39.39 30.15
N GLU D 172 -41.56 38.21 29.56
CA GLU D 172 -40.87 37.01 30.00
C GLU D 172 -39.36 37.24 30.03
N ALA D 173 -38.80 37.75 28.94
CA ALA D 173 -37.34 37.99 28.86
C ALA D 173 -36.89 39.07 29.84
N ALA D 174 -37.79 39.99 30.20
CA ALA D 174 -37.51 41.04 31.17
C ALA D 174 -37.67 40.60 32.62
N GLY D 175 -37.97 39.32 32.84
CA GLY D 175 -38.15 38.78 34.18
C GLY D 175 -39.53 39.01 34.76
N HIS D 176 -40.49 39.40 33.93
CA HIS D 176 -41.85 39.59 34.40
C HIS D 176 -42.81 38.71 33.59
N GLN D 177 -44.09 39.07 33.59
CA GLN D 177 -45.12 38.33 32.88
C GLN D 177 -46.18 39.28 32.35
N LEU D 178 -46.73 38.94 31.19
CA LEU D 178 -47.92 39.58 30.65
C LEU D 178 -48.82 38.51 30.06
N ASP D 179 -50.08 38.50 30.46
CA ASP D 179 -51.06 37.60 29.85
C ASP D 179 -52.29 38.37 29.43
N PHE D 180 -52.36 38.74 28.16
CA PHE D 180 -53.46 39.54 27.63
C PHE D 180 -54.81 38.82 27.77
N SER D 181 -54.79 37.49 27.79
CA SER D 181 -56.03 36.71 27.90
C SER D 181 -56.70 36.88 29.28
N VAL D 182 -55.99 37.46 30.24
CA VAL D 182 -56.56 37.74 31.55
C VAL D 182 -57.50 38.94 31.53
N ALA D 183 -57.44 39.72 30.45
CA ALA D 183 -58.27 40.92 30.31
C ALA D 183 -59.20 40.82 29.10
N THR D 184 -60.33 41.50 29.21
CA THR D 184 -61.36 41.50 28.19
C THR D 184 -60.93 42.23 26.90
N GLU D 185 -61.49 41.80 25.77
CA GLU D 185 -61.16 42.40 24.47
C GLU D 185 -61.62 43.86 24.42
N LYS D 186 -62.79 44.13 24.98
CA LYS D 186 -63.34 45.48 25.08
C LYS D 186 -62.38 46.44 25.78
N ARG D 187 -61.74 45.96 26.85
CA ARG D 187 -60.83 46.79 27.65
C ARG D 187 -59.54 47.08 26.90
N ILE D 188 -58.97 46.04 26.30
CA ILE D 188 -57.73 46.18 25.53
C ILE D 188 -57.93 47.19 24.40
N MET D 189 -59.07 47.09 23.71
CA MET D 189 -59.40 48.03 22.64
C MET D 189 -59.54 49.45 23.19
N ARG D 190 -60.27 49.60 24.29
CA ARG D 190 -60.46 50.91 24.94
C ARG D 190 -59.10 51.56 25.25
N ALA D 191 -58.16 50.77 25.75
CA ALA D 191 -56.83 51.28 26.06
C ALA D 191 -56.07 51.70 24.80
N CYS D 192 -56.17 50.90 23.73
CA CYS D 192 -55.55 51.26 22.46
C CYS D 192 -56.12 52.56 21.91
N ILE D 193 -57.44 52.70 21.98
CA ILE D 193 -58.11 53.90 21.48
C ILE D 193 -57.67 55.12 22.27
N ASP D 194 -57.68 55.02 23.59
CA ASP D 194 -57.19 56.11 24.45
C ASP D 194 -55.77 56.50 24.05
N GLY D 195 -54.93 55.49 23.83
CA GLY D 195 -53.56 55.70 23.39
C GLY D 195 -53.41 56.53 22.13
N MET D 196 -54.39 56.45 21.24
CA MET D 196 -54.36 57.21 19.97
C MET D 196 -55.19 58.49 19.96
N THR D 197 -56.04 58.70 20.97
CA THR D 197 -56.91 59.87 20.98
C THR D 197 -56.57 60.89 22.05
N LEU D 198 -56.16 60.45 23.24
CA LEU D 198 -55.98 61.38 24.37
C LEU D 198 -54.67 62.17 24.32
N LYS D 199 -54.69 63.37 24.90
CA LYS D 199 -53.51 64.24 24.96
C LYS D 199 -52.34 63.56 25.68
N ASP D 200 -51.13 64.07 25.40
CA ASP D 200 -49.85 63.49 25.85
C ASP D 200 -49.90 62.60 27.09
N ASN D 201 -50.22 63.19 28.24
CA ASN D 201 -50.13 62.47 29.51
C ASN D 201 -51.15 61.33 29.63
N MET D 202 -52.42 61.65 29.34
CA MET D 202 -53.55 60.76 29.58
C MET D 202 -53.58 59.54 28.65
N ALA D 203 -52.95 59.64 27.49
CA ALA D 203 -52.97 58.58 26.49
C ALA D 203 -52.57 57.21 27.02
N TYR D 204 -51.55 57.19 27.86
CA TYR D 204 -50.96 55.95 28.35
C TYR D 204 -51.66 55.36 29.58
N LYS D 205 -52.54 56.14 30.20
CA LYS D 205 -53.06 55.77 31.52
C LYS D 205 -53.78 54.45 31.51
N GLU D 206 -54.80 54.33 30.66
CA GLU D 206 -55.57 53.11 30.54
C GLU D 206 -54.71 51.89 30.18
N MET D 207 -53.67 52.12 29.39
CA MET D 207 -52.76 51.03 29.01
C MET D 207 -51.91 50.59 30.21
N LYS D 208 -51.42 51.57 30.96
CA LYS D 208 -50.72 51.27 32.19
C LYS D 208 -51.58 50.48 33.17
N SER D 209 -52.81 50.94 33.37
CA SER D 209 -53.78 50.26 34.22
C SER D 209 -54.00 48.81 33.77
N LEU D 210 -54.19 48.62 32.47
CA LEU D 210 -54.32 47.28 31.90
C LEU D 210 -53.10 46.42 32.21
N PHE D 211 -51.92 46.97 31.94
CA PHE D 211 -50.66 46.24 32.13
C PHE D 211 -50.41 45.87 33.58
N GLU D 212 -50.74 46.78 34.49
CA GLU D 212 -50.71 46.46 35.92
C GLU D 212 -51.47 45.18 36.18
N ASP D 213 -52.71 45.09 35.67
CA ASP D 213 -53.53 43.90 35.90
C ASP D 213 -53.00 42.65 35.28
N ILE D 214 -52.66 42.73 33.99
CA ILE D 214 -52.27 41.52 33.26
C ILE D 214 -50.83 41.08 33.55
N SER D 215 -50.08 41.91 34.27
CA SER D 215 -48.74 41.51 34.74
C SER D 215 -48.76 41.00 36.21
N ASP D 216 -49.94 40.99 36.83
CA ASP D 216 -50.08 40.57 38.24
C ASP D 216 -50.21 39.04 38.37
N PRO D 217 -49.17 38.38 38.92
CA PRO D 217 -49.15 36.91 39.03
C PRO D 217 -50.39 36.28 39.68
N LYS D 218 -51.01 37.00 40.61
CA LYS D 218 -52.25 36.54 41.23
C LYS D 218 -53.34 36.37 40.18
N LYS D 219 -53.73 37.49 39.57
CA LYS D 219 -54.79 37.53 38.55
C LYS D 219 -54.66 36.43 37.50
N ILE D 220 -53.43 36.06 37.15
CA ILE D 220 -53.20 34.87 36.33
C ILE D 220 -53.60 33.58 37.09
N ALA D 221 -54.90 33.47 37.43
CA ALA D 221 -55.41 32.27 38.13
C ALA D 221 -55.60 31.06 37.22
N ALA D 222 -55.85 31.30 35.94
CA ALA D 222 -56.00 30.25 34.93
C ALA D 222 -57.06 29.20 35.30
N LEU D 223 -58.28 29.70 35.53
CA LEU D 223 -59.41 28.84 35.94
C LEU D 223 -59.55 27.56 35.09
N HIS E 7 -49.21 -38.45 3.29
CA HIS E 7 -49.33 -36.98 3.04
C HIS E 7 -49.01 -36.63 1.57
N HIS E 8 -50.05 -36.26 0.84
CA HIS E 8 -50.00 -35.99 -0.60
C HIS E 8 -50.65 -34.69 -0.94
N MET E 9 -50.77 -33.82 0.06
CA MET E 9 -51.34 -32.50 -0.13
C MET E 9 -50.45 -31.56 -0.96
N ALA E 10 -49.18 -31.90 -1.15
CA ALA E 10 -48.26 -31.06 -1.92
C ALA E 10 -48.64 -30.96 -3.40
N ARG E 11 -49.06 -32.07 -3.99
CA ARG E 11 -49.52 -32.09 -5.38
C ARG E 11 -50.69 -31.11 -5.66
N ASN E 12 -51.41 -30.70 -4.61
CA ASN E 12 -52.53 -29.77 -4.79
C ASN E 12 -52.19 -28.30 -5.08
N TYR E 13 -50.91 -27.92 -4.90
CA TYR E 13 -50.44 -26.64 -5.42
C TYR E 13 -50.39 -26.64 -6.95
N ALA E 14 -50.17 -27.80 -7.57
CA ALA E 14 -50.08 -27.88 -9.03
C ALA E 14 -51.39 -28.45 -9.62
N TYR E 15 -51.59 -28.30 -10.92
CA TYR E 15 -52.82 -28.82 -11.56
C TYR E 15 -52.86 -30.36 -11.49
N PRO E 16 -54.05 -30.96 -11.43
CA PRO E 16 -54.11 -32.43 -11.42
C PRO E 16 -53.58 -33.11 -12.66
N HIS E 17 -53.61 -32.40 -13.79
CA HIS E 17 -53.22 -32.95 -15.09
C HIS E 17 -51.94 -32.31 -15.65
N MET E 18 -51.42 -31.24 -15.03
CA MET E 18 -50.10 -30.66 -15.40
C MET E 18 -49.24 -30.21 -14.22
N ASN E 19 -47.92 -30.26 -14.37
CA ASN E 19 -47.00 -29.86 -13.28
C ASN E 19 -47.00 -28.40 -12.93
N THR E 20 -47.54 -27.59 -13.82
CA THR E 20 -47.58 -26.17 -13.62
C THR E 20 -48.34 -25.81 -12.36
N LEU E 21 -47.89 -24.77 -11.69
CA LEU E 21 -48.53 -24.31 -10.48
C LEU E 21 -49.89 -23.68 -10.80
N LYS E 22 -50.88 -23.97 -9.96
CA LYS E 22 -52.19 -23.39 -10.15
C LYS E 22 -52.07 -21.90 -10.05
N ASN E 23 -52.78 -21.19 -10.92
CA ASN E 23 -52.72 -19.74 -10.91
C ASN E 23 -54.01 -19.10 -11.36
N LYS E 24 -54.21 -17.85 -10.96
CA LYS E 24 -55.45 -17.12 -11.23
C LYS E 24 -55.60 -16.75 -12.71
N HIS E 25 -54.54 -16.86 -13.49
CA HIS E 25 -54.62 -16.59 -14.92
C HIS E 25 -55.08 -17.82 -15.73
N ASN E 26 -55.18 -18.98 -15.09
CA ASN E 26 -55.48 -20.24 -15.77
C ASN E 26 -54.47 -20.55 -16.86
N ILE E 27 -53.21 -20.19 -16.62
CA ILE E 27 -52.11 -20.44 -17.55
C ILE E 27 -51.46 -21.80 -17.28
N MET E 28 -51.32 -22.61 -18.32
CA MET E 28 -50.86 -23.98 -18.18
C MET E 28 -49.39 -24.16 -18.51
N SER E 29 -48.81 -23.20 -19.22
CA SER E 29 -47.39 -23.26 -19.55
C SER E 29 -46.58 -22.65 -18.41
N THR E 30 -45.63 -23.40 -17.89
CA THR E 30 -44.77 -22.90 -16.83
C THR E 30 -43.93 -21.71 -17.31
N LYS E 31 -43.47 -21.76 -18.57
CA LYS E 31 -42.68 -20.67 -19.17
C LYS E 31 -43.52 -19.38 -19.23
N LYS E 32 -44.74 -19.47 -19.76
CA LYS E 32 -45.61 -18.29 -19.86
C LYS E 32 -45.99 -17.76 -18.48
N LEU E 33 -46.25 -18.68 -17.54
CA LEU E 33 -46.59 -18.30 -16.17
C LEU E 33 -45.48 -17.46 -15.55
N ALA E 34 -44.24 -17.92 -15.70
CA ALA E 34 -43.08 -17.18 -15.20
C ALA E 34 -43.08 -15.74 -15.70
N HIS E 35 -43.30 -15.54 -17.00
CA HIS E 35 -43.28 -14.21 -17.62
C HIS E 35 -44.39 -13.30 -17.07
N VAL E 36 -45.62 -13.81 -17.04
CA VAL E 36 -46.77 -13.06 -16.51
C VAL E 36 -46.55 -12.72 -15.04
N CYS E 37 -45.95 -13.66 -14.34
CA CYS E 37 -45.62 -13.51 -12.94
C CYS E 37 -44.65 -12.37 -12.71
N GLU E 38 -43.57 -12.34 -13.49
CA GLU E 38 -42.62 -11.25 -13.40
C GLU E 38 -43.28 -9.91 -13.70
N HIS E 39 -44.21 -9.91 -14.66
CA HIS E 39 -44.92 -8.69 -15.03
C HIS E 39 -45.66 -8.08 -13.84
N TYR E 40 -46.50 -8.87 -13.19
CA TYR E 40 -47.31 -8.37 -12.07
C TYR E 40 -46.46 -8.02 -10.85
N ALA E 41 -45.42 -8.79 -10.60
CA ALA E 41 -44.50 -8.51 -9.52
C ALA E 41 -43.89 -7.12 -9.67
N LYS E 42 -43.46 -6.79 -10.89
CA LYS E 42 -42.92 -5.47 -11.19
C LYS E 42 -43.93 -4.35 -10.93
N LYS E 43 -45.18 -4.57 -11.33
CA LYS E 43 -46.25 -3.59 -11.09
C LYS E 43 -46.48 -3.37 -9.62
N ALA E 44 -46.44 -4.45 -8.85
CA ALA E 44 -46.70 -4.38 -7.42
C ALA E 44 -45.58 -3.66 -6.69
N ILE E 45 -44.35 -3.87 -7.15
CA ILE E 45 -43.18 -3.22 -6.58
C ILE E 45 -43.31 -1.70 -6.69
N ILE E 46 -43.93 -1.23 -7.77
CA ILE E 46 -44.12 0.20 -7.96
C ILE E 46 -44.97 0.80 -6.84
N ASN E 47 -46.07 0.16 -6.52
CA ASN E 47 -46.90 0.63 -5.42
C ASN E 47 -46.26 0.39 -4.06
N LEU E 48 -45.65 -0.77 -3.89
CA LEU E 48 -44.90 -1.07 -2.68
C LEU E 48 -43.78 -0.01 -2.40
N ASN E 49 -43.09 0.46 -3.44
CA ASN E 49 -42.02 1.47 -3.25
C ASN E 49 -42.52 2.83 -2.79
N LYS E 50 -43.83 3.07 -2.91
CA LYS E 50 -44.42 4.29 -2.39
C LYS E 50 -44.67 4.22 -0.89
N GLU E 51 -44.54 3.05 -0.30
CA GLU E 51 -44.95 2.92 1.11
C GLU E 51 -43.73 3.12 2.04
N PRO E 52 -43.95 3.71 3.23
CA PRO E 52 -42.88 3.85 4.17
C PRO E 52 -42.32 2.50 4.55
N LEU E 53 -41.07 2.50 4.93
CA LEU E 53 -40.41 1.31 5.38
C LEU E 53 -40.98 0.99 6.75
N PRO E 54 -41.18 -0.29 7.04
CA PRO E 54 -41.80 -0.64 8.30
C PRO E 54 -40.84 -0.42 9.47
N GLN E 55 -41.38 -0.21 10.65
CA GLN E 55 -40.60 -0.11 11.87
C GLN E 55 -39.99 -1.46 12.26
N LYS E 56 -40.74 -2.54 12.07
CA LYS E 56 -40.28 -3.88 12.38
C LYS E 56 -40.07 -4.66 11.12
N PHE E 57 -38.86 -5.17 10.91
CA PHE E 57 -38.57 -6.06 9.82
C PHE E 57 -38.71 -7.47 10.35
N ASP E 58 -39.77 -8.14 9.93
CA ASP E 58 -40.11 -9.43 10.48
C ASP E 58 -40.84 -10.25 9.42
N SER E 59 -41.24 -11.45 9.80
CA SER E 59 -41.91 -12.36 8.88
C SER E 59 -43.20 -11.83 8.36
N SER E 60 -43.92 -11.12 9.22
CA SER E 60 -45.19 -10.52 8.80
C SER E 60 -44.93 -9.59 7.60
N TYR E 61 -43.87 -8.79 7.64
CA TYR E 61 -43.51 -7.94 6.50
C TYR E 61 -43.11 -8.77 5.28
N LEU E 62 -42.33 -9.83 5.52
CA LEU E 62 -41.95 -10.76 4.45
C LEU E 62 -43.17 -11.35 3.74
N LYS E 63 -44.15 -11.78 4.53
CA LYS E 63 -45.39 -12.32 3.99
C LYS E 63 -46.18 -11.28 3.20
N TYR E 64 -46.20 -10.06 3.72
CA TYR E 64 -46.87 -8.97 3.03
C TYR E 64 -46.24 -8.69 1.67
N ILE E 65 -44.91 -8.75 1.61
CA ILE E 65 -44.22 -8.56 0.32
C ILE E 65 -44.62 -9.64 -0.67
N HIS E 66 -44.59 -10.88 -0.21
CA HIS E 66 -44.96 -12.02 -1.03
C HIS E 66 -46.41 -11.89 -1.48
N GLN E 67 -47.28 -11.47 -0.55
CA GLN E 67 -48.67 -11.21 -0.87
C GLN E 67 -48.78 -10.21 -2.01
N ARG E 68 -48.09 -9.08 -1.88
CA ARG E 68 -48.17 -8.04 -2.90
C ARG E 68 -47.58 -8.48 -4.24
N LEU E 69 -46.49 -9.22 -4.18
CA LEU E 69 -45.83 -9.66 -5.41
C LEU E 69 -46.64 -10.67 -6.18
N PHE E 70 -47.42 -11.51 -5.48
CA PHE E 70 -48.04 -12.67 -6.10
C PHE E 70 -49.55 -12.80 -6.01
N GLU E 71 -50.22 -11.83 -5.42
CA GLU E 71 -51.68 -11.87 -5.26
C GLU E 71 -52.48 -11.92 -6.54
N SER E 72 -51.92 -11.41 -7.62
CA SER E 72 -52.62 -11.44 -8.92
C SER E 72 -52.48 -12.79 -9.62
N THR E 73 -51.56 -13.60 -9.13
CA THR E 73 -51.19 -14.86 -9.74
C THR E 73 -51.50 -16.10 -8.88
N PHE E 74 -51.16 -16.06 -7.59
CA PHE E 74 -51.36 -17.22 -6.73
C PHE E 74 -52.36 -16.93 -5.63
N GLU E 75 -53.33 -17.83 -5.50
CA GLU E 75 -54.38 -17.72 -4.49
C GLU E 75 -53.79 -17.70 -3.07
N TRP E 76 -52.72 -18.45 -2.88
CA TRP E 76 -52.07 -18.61 -1.58
C TRP E 76 -51.00 -17.52 -1.32
N ALA E 77 -50.92 -16.49 -2.15
CA ALA E 77 -49.90 -15.46 -1.97
C ALA E 77 -49.92 -14.97 -0.53
N GLY E 78 -48.76 -14.89 0.09
CA GLY E 78 -48.62 -14.39 1.45
C GLY E 78 -48.70 -15.48 2.51
N TYR E 79 -49.22 -16.65 2.12
CA TYR E 79 -49.31 -17.79 3.00
C TYR E 79 -48.07 -18.68 2.82
N THR E 80 -47.52 -19.13 3.92
CA THR E 80 -46.36 -20.01 3.92
C THR E 80 -46.78 -21.47 3.66
N ARG E 81 -45.80 -22.32 3.36
CA ARG E 81 -46.13 -23.69 2.92
C ARG E 81 -46.49 -24.66 4.05
N ASP E 82 -46.45 -24.18 5.29
CA ASP E 82 -46.99 -24.89 6.44
C ASP E 82 -48.44 -24.52 6.67
N PHE E 83 -48.93 -23.51 5.97
CA PHE E 83 -50.31 -23.12 6.04
C PHE E 83 -51.16 -24.03 5.18
N SER E 84 -52.17 -24.64 5.79
CA SER E 84 -53.06 -25.54 5.07
C SER E 84 -54.08 -24.74 4.26
N PHE E 85 -53.81 -24.60 2.97
CA PHE E 85 -54.48 -23.61 2.14
C PHE E 85 -55.62 -24.25 1.33
N THR E 86 -56.79 -23.66 1.39
CA THR E 86 -57.95 -24.15 0.61
C THR E 86 -58.11 -23.35 -0.67
N PHE E 87 -57.88 -24.02 -1.79
CA PHE E 87 -58.03 -23.42 -3.10
C PHE E 87 -59.51 -23.21 -3.42
N ASP E 88 -59.76 -22.35 -4.39
CA ASP E 88 -61.08 -22.06 -4.91
C ASP E 88 -61.78 -23.36 -5.44
N ASP E 89 -60.97 -24.31 -5.91
CA ASP E 89 -61.45 -25.55 -6.49
C ASP E 89 -61.79 -26.60 -5.43
N GLY E 90 -61.59 -26.30 -4.15
CA GLY E 90 -61.96 -27.20 -3.05
C GLY E 90 -60.81 -28.02 -2.49
N THR E 91 -59.68 -28.07 -3.21
CA THR E 91 -58.52 -28.83 -2.73
C THR E 91 -57.69 -28.06 -1.70
N VAL E 92 -56.93 -28.82 -0.90
CA VAL E 92 -56.21 -28.28 0.25
C VAL E 92 -54.74 -28.58 0.05
N ALA E 93 -53.92 -27.54 0.08
CA ALA E 93 -52.51 -27.69 -0.22
C ALA E 93 -51.60 -27.32 0.93
N GLU E 94 -50.53 -28.08 1.03
CA GLU E 94 -49.54 -27.90 2.07
C GLU E 94 -48.25 -28.56 1.56
N MET E 95 -47.11 -28.03 1.91
CA MET E 95 -45.84 -28.62 1.48
C MET E 95 -44.74 -28.59 2.54
N PRO E 96 -44.76 -29.57 3.45
CA PRO E 96 -43.78 -29.64 4.53
C PRO E 96 -42.37 -29.97 4.06
N MET E 97 -42.25 -30.77 3.01
CA MET E 97 -40.95 -31.17 2.50
C MET E 97 -40.71 -30.53 1.16
N MET E 98 -39.67 -29.72 1.08
CA MET E 98 -39.27 -29.10 -0.17
C MET E 98 -37.75 -29.22 -0.28
N LYS E 99 -37.34 -29.86 -1.37
CA LYS E 99 -35.92 -30.13 -1.59
C LYS E 99 -35.26 -28.96 -2.25
N VAL E 100 -33.95 -28.83 -2.02
CA VAL E 100 -33.17 -27.87 -2.77
C VAL E 100 -32.98 -28.44 -4.15
N PRO E 101 -33.29 -27.65 -5.19
CA PRO E 101 -33.22 -28.18 -6.55
C PRO E 101 -31.86 -28.77 -6.90
N ASN E 102 -31.87 -29.97 -7.48
CA ASN E 102 -30.66 -30.67 -7.97
C ASN E 102 -29.70 -31.20 -6.88
N LEU E 103 -29.88 -30.80 -5.63
CA LEU E 103 -29.05 -31.26 -4.52
C LEU E 103 -29.83 -32.17 -3.60
N ASP E 104 -29.12 -32.97 -2.79
CA ASP E 104 -29.74 -33.91 -1.87
C ASP E 104 -29.88 -33.33 -0.47
N ILE E 105 -30.33 -32.08 -0.38
CA ILE E 105 -30.59 -31.45 0.90
C ILE E 105 -32.00 -30.84 0.88
N PHE E 106 -32.58 -30.74 2.05
CA PHE E 106 -33.91 -30.19 2.20
C PHE E 106 -33.83 -28.80 2.81
N TYR E 107 -34.75 -27.92 2.39
CA TYR E 107 -35.03 -26.71 3.13
C TYR E 107 -35.65 -27.10 4.46
N VAL E 108 -35.82 -26.13 5.34
CA VAL E 108 -36.43 -26.38 6.63
C VAL E 108 -37.78 -27.12 6.47
N GLN E 109 -37.95 -28.17 7.25
CA GLN E 109 -39.21 -28.92 7.27
C GLN E 109 -40.36 -28.03 7.67
N GLY E 110 -41.53 -28.31 7.10
CA GLY E 110 -42.71 -27.50 7.33
C GLY E 110 -42.99 -27.24 8.80
N ASN E 111 -42.84 -28.29 9.61
CA ASN E 111 -43.17 -28.21 11.02
C ASN E 111 -42.24 -27.31 11.83
N ASP E 112 -41.08 -26.94 11.26
CA ASP E 112 -40.13 -26.06 11.90
C ASP E 112 -40.13 -24.64 11.31
N ILE E 113 -40.98 -24.38 10.32
CA ILE E 113 -40.96 -23.09 9.65
C ILE E 113 -41.23 -21.95 10.62
N GLN E 114 -42.28 -22.10 11.43
CA GLN E 114 -42.68 -21.05 12.35
C GLN E 114 -41.59 -20.70 13.38
N GLU E 115 -40.96 -21.73 13.94
CA GLU E 115 -39.93 -21.55 14.96
C GLU E 115 -38.73 -20.83 14.38
N ASN E 116 -38.34 -21.22 13.17
CA ASN E 116 -37.25 -20.55 12.44
C ASN E 116 -37.56 -19.12 12.04
N LEU E 117 -38.76 -18.85 11.55
CA LEU E 117 -39.15 -17.49 11.25
C LEU E 117 -39.18 -16.63 12.50
N LYS E 118 -39.65 -17.19 13.61
CA LYS E 118 -39.61 -16.50 14.88
C LYS E 118 -38.16 -16.16 15.25
N LYS E 119 -37.26 -17.12 15.12
CA LYS E 119 -35.86 -16.89 15.46
C LYS E 119 -35.25 -15.80 14.57
N PHE E 120 -35.59 -15.85 13.30
CA PHE E 120 -35.26 -14.81 12.33
C PHE E 120 -35.74 -13.43 12.77
N ASP E 121 -37.01 -13.34 13.17
CA ASP E 121 -37.57 -12.09 13.71
C ASP E 121 -36.80 -11.58 14.95
N GLN E 122 -36.46 -12.48 15.86
CA GLN E 122 -35.76 -12.15 17.11
C GLN E 122 -34.34 -11.61 16.86
N LEU E 123 -33.62 -12.24 15.95
CA LEU E 123 -32.27 -11.79 15.55
C LEU E 123 -32.29 -10.36 15.04
N LEU E 124 -33.23 -10.08 14.14
CA LEU E 124 -33.37 -8.73 13.58
C LEU E 124 -33.72 -7.69 14.63
N ALA E 125 -34.68 -8.02 15.48
CA ALA E 125 -35.10 -7.14 16.56
C ALA E 125 -33.96 -6.86 17.54
N SER E 126 -33.24 -7.90 17.91
CA SER E 126 -32.16 -7.81 18.88
C SER E 126 -30.99 -7.01 18.31
N LYS E 127 -30.81 -7.07 16.99
CA LYS E 127 -29.80 -6.23 16.30
C LYS E 127 -30.37 -4.92 15.74
N ASN E 128 -31.56 -4.53 16.20
CA ASN E 128 -32.20 -3.29 15.79
C ASN E 128 -32.25 -3.10 14.25
N ASN E 129 -32.72 -4.13 13.55
CA ASN E 129 -32.85 -4.13 12.09
C ASN E 129 -31.56 -3.80 11.35
N LEU E 130 -30.44 -4.10 12.01
CA LEU E 130 -29.10 -3.82 11.52
C LEU E 130 -28.81 -2.36 11.26
N GLN E 131 -29.45 -1.47 12.02
CA GLN E 131 -29.21 -0.03 11.91
C GLN E 131 -27.99 0.37 12.70
N GLY E 132 -27.47 1.55 12.41
CA GLY E 132 -26.34 2.12 13.15
C GLY E 132 -25.05 1.34 12.97
N LEU E 133 -24.87 0.78 11.78
CA LEU E 133 -23.69 0.01 11.45
C LEU E 133 -22.99 0.59 10.24
N SER E 134 -21.69 0.31 10.16
CA SER E 134 -20.92 0.66 8.98
C SER E 134 -21.33 -0.30 7.86
N ARG E 135 -21.08 0.11 6.62
CA ARG E 135 -21.41 -0.72 5.46
C ARG E 135 -20.79 -2.11 5.56
N GLU E 136 -19.55 -2.18 6.03
CA GLU E 136 -18.89 -3.47 6.23
C GLU E 136 -19.65 -4.36 7.26
N GLU E 137 -20.00 -3.78 8.40
CA GLU E 137 -20.67 -4.49 9.49
C GLU E 137 -22.07 -4.94 9.04
N PHE E 138 -22.77 -4.07 8.32
CA PHE E 138 -24.02 -4.39 7.75
C PHE E 138 -23.91 -5.58 6.80
N VAL E 139 -22.96 -5.50 5.88
CA VAL E 139 -22.74 -6.57 4.90
C VAL E 139 -22.54 -7.91 5.60
N ASP E 140 -21.69 -7.90 6.63
CA ASP E 140 -21.42 -9.12 7.38
C ASP E 140 -22.69 -9.70 8.00
N GLU E 141 -23.41 -8.86 8.76
CA GLU E 141 -24.59 -9.31 9.47
C GLU E 141 -25.73 -9.69 8.52
N ALA E 142 -25.90 -8.90 7.48
CA ALA E 142 -26.96 -9.12 6.51
C ALA E 142 -26.77 -10.43 5.79
N ALA E 143 -25.53 -10.72 5.38
CA ALA E 143 -25.23 -11.94 4.66
C ALA E 143 -25.60 -13.19 5.47
N LYS E 144 -25.31 -13.17 6.77
CA LYS E 144 -25.61 -14.29 7.65
C LYS E 144 -27.12 -14.55 7.77
N LEU E 145 -27.87 -13.45 7.91
CA LEU E 145 -29.32 -13.51 7.97
C LEU E 145 -29.96 -13.94 6.66
N PHE E 146 -29.34 -13.56 5.54
CA PHE E 146 -29.83 -13.95 4.22
C PHE E 146 -29.68 -15.44 3.99
N VAL E 147 -28.52 -15.97 4.38
CA VAL E 147 -28.31 -17.40 4.31
C VAL E 147 -29.35 -18.17 5.16
N PHE E 148 -29.59 -17.67 6.37
CA PHE E 148 -30.50 -18.31 7.29
C PHE E 148 -31.93 -18.34 6.69
N LEU E 149 -32.41 -17.18 6.26
CA LEU E 149 -33.74 -17.08 5.68
C LEU E 149 -33.88 -17.94 4.43
N ASN E 150 -32.86 -17.92 3.61
CA ASN E 150 -32.86 -18.70 2.39
C ASN E 150 -33.07 -20.19 2.67
N SER E 151 -32.46 -20.69 3.74
CA SER E 151 -32.55 -22.09 4.09
C SER E 151 -33.99 -22.46 4.62
N ILE E 152 -34.75 -21.47 5.04
CA ILE E 152 -36.11 -21.67 5.52
C ILE E 152 -37.09 -21.87 4.37
N ALA E 153 -36.97 -21.02 3.35
CA ALA E 153 -37.80 -21.07 2.15
C ALA E 153 -39.28 -21.24 2.53
N PRO E 154 -39.84 -20.25 3.24
CA PRO E 154 -41.10 -20.40 3.90
C PRO E 154 -42.29 -20.51 2.94
N PHE E 155 -42.14 -20.06 1.70
CA PHE E 155 -43.22 -20.13 0.72
C PHE E 155 -43.07 -21.31 -0.24
N ARG E 156 -44.22 -21.74 -0.81
CA ARG E 156 -44.22 -22.80 -1.82
C ARG E 156 -43.39 -22.42 -3.04
N ALA E 157 -43.44 -21.14 -3.40
CA ALA E 157 -42.62 -20.60 -4.47
C ALA E 157 -42.57 -19.10 -4.31
N GLY E 158 -41.67 -18.47 -5.07
CA GLY E 158 -41.48 -17.03 -5.02
C GLY E 158 -40.62 -16.58 -3.84
N ASN E 159 -39.87 -17.50 -3.25
CA ASN E 159 -39.03 -17.17 -2.09
C ASN E 159 -38.00 -16.16 -2.50
N GLU E 160 -37.35 -16.40 -3.64
CA GLU E 160 -36.14 -15.61 -4.02
C GLU E 160 -36.47 -14.13 -4.18
N PRO E 161 -37.39 -13.78 -5.09
CA PRO E 161 -37.72 -12.36 -5.25
C PRO E 161 -38.30 -11.70 -4.01
N THR E 162 -39.03 -12.46 -3.18
CA THR E 162 -39.54 -11.95 -1.95
C THR E 162 -38.43 -11.56 -0.96
N GLN E 163 -37.50 -12.48 -0.73
CA GLN E 163 -36.40 -12.23 0.21
C GLN E 163 -35.45 -11.14 -0.30
N ARG E 164 -35.28 -11.03 -1.61
CA ARG E 164 -34.48 -9.93 -2.16
C ARG E 164 -35.11 -8.57 -1.89
N VAL E 165 -36.41 -8.44 -2.13
CA VAL E 165 -37.08 -7.18 -1.86
C VAL E 165 -36.97 -6.84 -0.37
N PHE E 166 -37.11 -7.84 0.47
CA PHE E 166 -37.04 -7.66 1.92
C PHE E 166 -35.67 -7.11 2.31
N PHE E 167 -34.60 -7.72 1.80
CA PHE E 167 -33.25 -7.27 2.13
C PHE E 167 -32.86 -5.94 1.51
N GLU E 168 -33.35 -5.64 0.32
CA GLU E 168 -33.16 -4.31 -0.27
C GLU E 168 -33.82 -3.23 0.61
N LYS E 169 -35.03 -3.53 1.09
CA LYS E 169 -35.73 -2.60 2.01
C LYS E 169 -35.03 -2.48 3.37
N LEU E 170 -34.50 -3.59 3.85
CA LEU E 170 -33.78 -3.62 5.09
C LEU E 170 -32.48 -2.73 5.00
N ALA E 171 -31.76 -2.88 3.88
CA ALA E 171 -30.54 -2.11 3.62
C ALA E 171 -30.82 -0.60 3.57
N GLU E 172 -31.85 -0.25 2.82
CA GLU E 172 -32.32 1.14 2.77
C GLU E 172 -32.62 1.69 4.17
N ALA E 173 -33.41 0.97 4.97
CA ALA E 173 -33.76 1.44 6.32
C ALA E 173 -32.54 1.49 7.24
N ALA E 174 -31.55 0.67 6.95
CA ALA E 174 -30.31 0.64 7.73
C ALA E 174 -29.29 1.72 7.28
N GLY E 175 -29.67 2.56 6.32
CA GLY E 175 -28.80 3.61 5.82
C GLY E 175 -27.84 3.17 4.73
N HIS E 176 -28.05 1.98 4.18
CA HIS E 176 -27.20 1.48 3.10
C HIS E 176 -28.05 1.11 1.88
N GLN E 177 -27.50 0.29 0.99
CA GLN E 177 -28.11 -0.02 -0.29
C GLN E 177 -27.79 -1.48 -0.61
N LEU E 178 -28.76 -2.18 -1.19
CA LEU E 178 -28.52 -3.47 -1.82
C LEU E 178 -29.27 -3.50 -3.15
N ASP E 179 -28.60 -3.87 -4.23
CA ASP E 179 -29.28 -4.09 -5.51
C ASP E 179 -28.87 -5.43 -6.10
N PHE E 180 -29.72 -6.45 -5.89
CA PHE E 180 -29.43 -7.80 -6.34
C PHE E 180 -29.31 -7.89 -7.87
N SER E 181 -29.97 -6.98 -8.59
CA SER E 181 -29.90 -6.98 -10.07
C SER E 181 -28.51 -6.60 -10.59
N VAL E 182 -27.65 -6.08 -9.71
CA VAL E 182 -26.25 -5.75 -10.05
C VAL E 182 -25.40 -7.03 -10.25
N ALA E 183 -25.89 -8.15 -9.72
CA ALA E 183 -25.15 -9.41 -9.76
C ALA E 183 -25.89 -10.48 -10.54
N THR E 184 -25.14 -11.41 -11.12
CA THR E 184 -25.70 -12.51 -11.91
C THR E 184 -26.50 -13.50 -11.09
N GLU E 185 -27.46 -14.15 -11.73
CA GLU E 185 -28.27 -15.16 -11.07
C GLU E 185 -27.42 -16.36 -10.65
N LYS E 186 -26.50 -16.75 -11.52
CA LYS E 186 -25.56 -17.85 -11.25
C LYS E 186 -24.79 -17.62 -9.94
N ARG E 187 -24.36 -16.38 -9.72
CA ARG E 187 -23.55 -16.05 -8.54
C ARG E 187 -24.39 -16.08 -7.28
N ILE E 188 -25.57 -15.48 -7.35
CA ILE E 188 -26.48 -15.44 -6.20
C ILE E 188 -26.82 -16.86 -5.76
N MET E 189 -27.10 -17.73 -6.73
CA MET E 189 -27.35 -19.12 -6.45
C MET E 189 -26.14 -19.82 -5.81
N ARG E 190 -24.96 -19.60 -6.39
CA ARG E 190 -23.71 -20.18 -5.85
C ARG E 190 -23.53 -19.82 -4.37
N ALA E 191 -23.79 -18.56 -4.05
CA ALA E 191 -23.69 -18.10 -2.67
C ALA E 191 -24.73 -18.78 -1.77
N CYS E 192 -25.95 -18.92 -2.27
CA CYS E 192 -26.99 -19.61 -1.49
C CYS E 192 -26.58 -21.05 -1.23
N ILE E 193 -26.05 -21.72 -2.25
CA ILE E 193 -25.65 -23.12 -2.12
C ILE E 193 -24.53 -23.26 -1.10
N ASP E 194 -23.50 -22.42 -1.21
CA ASP E 194 -22.40 -22.42 -0.24
C ASP E 194 -22.95 -22.25 1.17
N GLY E 195 -23.88 -21.31 1.31
CA GLY E 195 -24.55 -21.07 2.58
C GLY E 195 -25.18 -22.31 3.22
N MET E 196 -25.65 -23.23 2.38
CA MET E 196 -26.32 -24.45 2.87
C MET E 196 -25.44 -25.68 2.91
N THR E 197 -24.27 -25.63 2.29
CA THR E 197 -23.39 -26.79 2.22
C THR E 197 -22.09 -26.67 3.05
N LEU E 198 -21.47 -25.50 3.08
CA LEU E 198 -20.13 -25.38 3.70
C LEU E 198 -20.17 -25.32 5.23
N LYS E 199 -19.08 -25.77 5.84
CA LYS E 199 -18.93 -25.74 7.31
C LYS E 199 -19.05 -24.32 7.87
N ASP E 200 -19.35 -24.25 9.16
CA ASP E 200 -19.66 -23.02 9.89
C ASP E 200 -19.10 -21.71 9.30
N ASN E 201 -17.79 -21.55 9.31
CA ASN E 201 -17.18 -20.28 8.93
C ASN E 201 -17.37 -19.94 7.45
N MET E 202 -17.07 -20.91 6.59
N MET E 202 -17.06 -20.91 6.59
CA MET E 202 -17.01 -20.69 5.15
CA MET E 202 -17.00 -20.70 5.15
C MET E 202 -18.37 -20.47 4.49
C MET E 202 -18.36 -20.48 4.49
N ALA E 203 -19.43 -20.95 5.12
CA ALA E 203 -20.79 -20.88 4.54
C ALA E 203 -21.20 -19.49 4.11
N TYR E 204 -20.83 -18.50 4.92
CA TYR E 204 -21.23 -17.11 4.69
C TYR E 204 -20.31 -16.34 3.74
N LYS E 205 -19.16 -16.89 3.41
CA LYS E 205 -18.09 -16.14 2.73
C LYS E 205 -18.54 -15.59 1.36
N GLU E 206 -19.01 -16.49 0.50
CA GLU E 206 -19.52 -16.12 -0.82
C GLU E 206 -20.67 -15.11 -0.76
N MET E 207 -21.49 -15.22 0.28
CA MET E 207 -22.63 -14.31 0.45
C MET E 207 -22.14 -12.93 0.89
N LYS E 208 -21.18 -12.91 1.80
CA LYS E 208 -20.45 -11.67 2.19
C LYS E 208 -19.84 -10.96 0.97
N SER E 209 -19.11 -11.72 0.18
CA SER E 209 -18.51 -11.22 -1.05
C SER E 209 -19.56 -10.62 -2.00
N LEU E 210 -20.66 -11.34 -2.20
CA LEU E 210 -21.75 -10.85 -3.05
C LEU E 210 -22.31 -9.54 -2.51
N PHE E 211 -22.59 -9.52 -1.21
CA PHE E 211 -23.18 -8.35 -0.56
C PHE E 211 -22.24 -7.14 -0.62
N GLU E 212 -20.95 -7.36 -0.44
CA GLU E 212 -19.93 -6.30 -0.65
C GLU E 212 -20.16 -5.62 -2.00
N ASP E 213 -20.26 -6.44 -3.03
CA ASP E 213 -20.42 -5.95 -4.39
C ASP E 213 -21.76 -5.24 -4.64
N ILE E 214 -22.87 -5.86 -4.24
CA ILE E 214 -24.20 -5.30 -4.54
C ILE E 214 -24.60 -4.16 -3.58
N SER E 215 -23.82 -3.94 -2.53
CA SER E 215 -24.00 -2.77 -1.65
C SER E 215 -23.09 -1.59 -2.00
N ASP E 216 -22.25 -1.75 -3.01
CA ASP E 216 -21.28 -0.73 -3.40
C ASP E 216 -21.92 0.33 -4.31
N PRO E 217 -22.10 1.57 -3.80
CA PRO E 217 -22.77 2.63 -4.57
C PRO E 217 -22.21 2.86 -5.97
N LYS E 218 -20.91 2.63 -6.16
CA LYS E 218 -20.30 2.74 -7.47
C LYS E 218 -20.91 1.69 -8.41
N LYS E 219 -20.64 0.43 -8.09
CA LYS E 219 -21.18 -0.70 -8.87
C LYS E 219 -22.68 -0.58 -9.16
N ILE E 220 -23.44 0.00 -8.22
CA ILE E 220 -24.83 0.42 -8.47
C ILE E 220 -24.93 1.60 -9.47
N ALA E 221 -24.63 1.34 -10.74
CA ALA E 221 -24.58 2.40 -11.78
C ALA E 221 -23.64 1.97 -12.89
N MET F 9 -28.61 54.41 1.39
CA MET F 9 -29.05 55.80 1.03
C MET F 9 -29.25 56.01 -0.48
N ALA F 10 -28.62 55.17 -1.30
CA ALA F 10 -28.75 55.27 -2.76
C ALA F 10 -30.17 55.01 -3.25
N ARG F 11 -30.84 54.04 -2.64
CA ARG F 11 -32.24 53.73 -2.95
C ARG F 11 -33.18 54.93 -2.81
N ASN F 12 -32.81 55.90 -1.98
CA ASN F 12 -33.64 57.09 -1.76
C ASN F 12 -33.75 58.08 -2.92
N TYR F 13 -32.90 57.96 -3.93
CA TYR F 13 -33.09 58.71 -5.18
C TYR F 13 -34.30 58.18 -5.97
N ALA F 14 -34.60 56.89 -5.81
CA ALA F 14 -35.70 56.27 -6.54
C ALA F 14 -36.90 56.09 -5.63
N TYR F 15 -38.07 55.83 -6.20
CA TYR F 15 -39.28 55.61 -5.40
C TYR F 15 -39.18 54.30 -4.60
N PRO F 16 -39.87 54.20 -3.47
CA PRO F 16 -39.64 52.99 -2.64
C PRO F 16 -40.00 51.61 -3.27
N HIS F 17 -40.86 51.58 -4.29
CA HIS F 17 -41.29 50.32 -4.89
C HIS F 17 -40.62 50.05 -6.24
N MET F 18 -40.26 51.11 -6.95
CA MET F 18 -39.81 51.02 -8.33
C MET F 18 -38.38 51.52 -8.42
N ASN F 19 -37.79 51.27 -9.59
CA ASN F 19 -36.50 51.86 -10.00
C ASN F 19 -36.57 53.29 -10.56
N THR F 20 -37.77 53.78 -10.89
CA THR F 20 -37.92 55.13 -11.44
C THR F 20 -37.42 56.19 -10.45
N LEU F 21 -36.69 57.16 -10.99
CA LEU F 21 -36.14 58.24 -10.17
C LEU F 21 -37.23 59.19 -9.70
N LYS F 22 -37.14 59.59 -8.44
CA LYS F 22 -38.09 60.53 -7.88
C LYS F 22 -38.03 61.81 -8.67
N ASN F 23 -39.18 62.40 -8.96
CA ASN F 23 -39.21 63.61 -9.76
C ASN F 23 -40.38 64.50 -9.41
N LYS F 24 -40.23 65.79 -9.71
CA LYS F 24 -41.22 66.80 -9.35
C LYS F 24 -42.53 66.67 -10.13
N HIS F 25 -42.52 65.88 -11.21
CA HIS F 25 -43.74 65.65 -11.98
C HIS F 25 -44.60 64.50 -11.41
N ASN F 26 -44.09 63.78 -10.42
CA ASN F 26 -44.76 62.58 -9.89
C ASN F 26 -44.98 61.54 -10.99
N ILE F 27 -44.05 61.44 -11.95
CA ILE F 27 -44.14 60.48 -13.05
C ILE F 27 -43.47 59.16 -12.67
N MET F 28 -44.19 58.05 -12.86
CA MET F 28 -43.74 56.73 -12.41
C MET F 28 -43.12 55.89 -13.54
N SER F 29 -43.39 56.27 -14.78
CA SER F 29 -42.80 55.56 -15.93
C SER F 29 -41.44 56.16 -16.26
N THR F 30 -40.41 55.33 -16.28
CA THR F 30 -39.06 55.79 -16.64
C THR F 30 -39.01 56.31 -18.07
N LYS F 31 -39.74 55.65 -18.98
CA LYS F 31 -39.82 56.09 -20.37
C LYS F 31 -40.44 57.48 -20.50
N LYS F 32 -41.58 57.69 -19.86
CA LYS F 32 -42.25 59.00 -19.90
C LYS F 32 -41.40 60.08 -19.23
N LEU F 33 -40.76 59.72 -18.13
CA LEU F 33 -39.88 60.65 -17.41
C LEU F 33 -38.78 61.15 -18.33
N ALA F 34 -38.13 60.23 -19.04
CA ALA F 34 -37.10 60.58 -20.01
C ALA F 34 -37.58 61.64 -21.00
N HIS F 35 -38.77 61.46 -21.56
CA HIS F 35 -39.32 62.43 -22.52
C HIS F 35 -39.55 63.80 -21.95
N VAL F 36 -40.25 63.83 -20.81
CA VAL F 36 -40.58 65.10 -20.14
C VAL F 36 -39.28 65.81 -19.76
N CYS F 37 -38.31 65.01 -19.38
CA CYS F 37 -36.98 65.48 -19.02
C CYS F 37 -36.29 66.17 -20.20
N GLU F 38 -36.27 65.51 -21.35
CA GLU F 38 -35.70 66.11 -22.56
C GLU F 38 -36.41 67.41 -22.93
N HIS F 39 -37.73 67.43 -22.72
CA HIS F 39 -38.52 68.63 -23.02
C HIS F 39 -38.04 69.85 -22.23
N TYR F 40 -37.96 69.73 -20.92
CA TYR F 40 -37.56 70.84 -20.05
C TYR F 40 -36.11 71.25 -20.26
N ALA F 41 -35.24 70.26 -20.47
CA ALA F 41 -33.84 70.52 -20.75
C ALA F 41 -33.69 71.43 -21.96
N LYS F 42 -34.45 71.14 -23.02
CA LYS F 42 -34.41 71.98 -24.23
C LYS F 42 -34.86 73.40 -23.95
N LYS F 43 -35.91 73.55 -23.17
CA LYS F 43 -36.35 74.89 -22.81
C LYS F 43 -35.34 75.67 -22.03
N ALA F 44 -34.66 74.98 -21.12
CA ALA F 44 -33.68 75.62 -20.26
C ALA F 44 -32.48 76.07 -21.08
N ILE F 45 -32.12 75.27 -22.07
CA ILE F 45 -31.00 75.59 -22.95
C ILE F 45 -31.24 76.90 -23.69
N ILE F 46 -32.51 77.17 -24.03
CA ILE F 46 -32.86 78.41 -24.72
C ILE F 46 -32.51 79.63 -23.87
N ASN F 47 -32.86 79.59 -22.59
CA ASN F 47 -32.50 80.69 -21.70
C ASN F 47 -31.01 80.71 -21.40
N LEU F 48 -30.43 79.54 -21.19
CA LEU F 48 -29.00 79.42 -20.97
C LEU F 48 -28.17 80.01 -22.11
N ASN F 49 -28.61 79.81 -23.34
CA ASN F 49 -27.88 80.32 -24.51
C ASN F 49 -27.89 81.85 -24.60
N LYS F 50 -28.78 82.49 -23.87
CA LYS F 50 -28.78 83.95 -23.80
C LYS F 50 -27.73 84.49 -22.84
N GLU F 51 -27.10 83.62 -22.06
CA GLU F 51 -26.16 84.07 -21.05
C GLU F 51 -24.75 84.16 -21.59
N PRO F 52 -23.96 85.12 -21.11
CA PRO F 52 -22.55 85.15 -21.52
C PRO F 52 -21.81 83.92 -21.06
N LEU F 53 -20.76 83.57 -21.80
CA LEU F 53 -19.94 82.45 -21.44
C LEU F 53 -19.16 82.86 -20.21
N PRO F 54 -19.00 81.94 -19.24
CA PRO F 54 -18.31 82.30 -18.02
C PRO F 54 -16.82 82.51 -18.25
N GLN F 55 -16.19 83.30 -17.40
CA GLN F 55 -14.74 83.50 -17.43
C GLN F 55 -13.99 82.24 -16.98
N LYS F 56 -14.52 81.55 -15.96
CA LYS F 56 -13.92 80.32 -15.46
C LYS F 56 -14.80 79.13 -15.82
N PHE F 57 -14.24 78.17 -16.54
CA PHE F 57 -14.92 76.91 -16.82
C PHE F 57 -14.49 75.92 -15.74
N ASP F 58 -15.42 75.61 -14.85
CA ASP F 58 -15.11 74.81 -13.67
C ASP F 58 -16.35 74.02 -13.25
N SER F 59 -16.22 73.27 -12.17
CA SER F 59 -17.28 72.39 -11.67
C SER F 59 -18.50 73.20 -11.23
N SER F 60 -18.27 74.40 -10.69
CA SER F 60 -19.39 75.29 -10.33
C SER F 60 -20.27 75.59 -11.58
N TYR F 61 -19.65 75.88 -12.72
CA TYR F 61 -20.40 76.09 -13.96
C TYR F 61 -21.09 74.81 -14.41
N LEU F 62 -20.39 73.69 -14.31
CA LEU F 62 -20.98 72.38 -14.64
C LEU F 62 -22.25 72.12 -13.81
N LYS F 63 -22.16 72.39 -12.51
CA LYS F 63 -23.30 72.20 -11.60
C LYS F 63 -24.44 73.13 -11.96
N TYR F 64 -24.11 74.37 -12.32
CA TYR F 64 -25.13 75.33 -12.73
C TYR F 64 -25.86 74.86 -13.98
N ILE F 65 -25.13 74.28 -14.93
CA ILE F 65 -25.75 73.75 -16.15
C ILE F 65 -26.72 72.63 -15.78
N HIS F 66 -26.27 71.72 -14.95
CA HIS F 66 -27.09 70.60 -14.51
C HIS F 66 -28.32 71.14 -13.77
N GLN F 67 -28.11 72.15 -12.93
CA GLN F 67 -29.20 72.79 -12.21
C GLN F 67 -30.25 73.31 -13.19
N ARG F 68 -29.81 74.06 -14.20
CA ARG F 68 -30.74 74.63 -15.17
C ARG F 68 -31.42 73.56 -16.01
N LEU F 69 -30.70 72.52 -16.38
CA LEU F 69 -31.26 71.47 -17.21
C LEU F 69 -32.33 70.65 -16.50
N PHE F 70 -32.17 70.47 -15.19
CA PHE F 70 -32.98 69.50 -14.44
C PHE F 70 -33.81 70.04 -13.26
N GLU F 71 -33.76 71.34 -13.00
CA GLU F 71 -34.45 71.90 -11.82
C GLU F 71 -35.98 71.79 -11.87
N SER F 72 -36.55 71.58 -13.06
CA SER F 72 -37.99 71.36 -13.19
C SER F 72 -38.39 69.92 -12.92
N THR F 73 -37.42 69.02 -12.89
CA THR F 73 -37.64 67.58 -12.81
C THR F 73 -37.06 66.95 -11.55
N PHE F 74 -35.83 67.29 -11.19
CA PHE F 74 -35.18 66.68 -10.03
C PHE F 74 -34.89 67.68 -8.94
N GLU F 75 -35.30 67.34 -7.74
CA GLU F 75 -35.11 68.19 -6.56
C GLU F 75 -33.63 68.46 -6.32
N TRP F 76 -32.79 67.47 -6.63
CA TRP F 76 -31.36 67.52 -6.38
C TRP F 76 -30.57 68.09 -7.56
N ALA F 77 -31.27 68.66 -8.55
CA ALA F 77 -30.59 69.23 -9.70
C ALA F 77 -29.47 70.14 -9.22
N GLY F 78 -28.28 69.96 -9.79
CA GLY F 78 -27.13 70.82 -9.48
C GLY F 78 -26.26 70.25 -8.37
N TYR F 79 -26.82 69.32 -7.61
CA TYR F 79 -26.10 68.67 -6.51
C TYR F 79 -25.49 67.37 -6.97
N THR F 80 -24.24 67.14 -6.59
CA THR F 80 -23.51 65.95 -6.99
C THR F 80 -23.86 64.79 -6.06
N ARG F 81 -23.47 63.58 -6.45
CA ARG F 81 -23.97 62.38 -5.75
C ARG F 81 -23.20 62.05 -4.47
N ASP F 82 -22.20 62.86 -4.17
CA ASP F 82 -21.56 62.86 -2.85
C ASP F 82 -22.26 63.83 -1.89
N PHE F 83 -23.15 64.66 -2.42
CA PHE F 83 -23.91 65.58 -1.58
C PHE F 83 -25.05 64.83 -0.93
N SER F 84 -25.11 64.93 0.39
CA SER F 84 -26.17 64.27 1.13
C SER F 84 -27.43 65.11 1.00
N PHE F 85 -28.33 64.66 0.11
CA PHE F 85 -29.47 65.47 -0.28
C PHE F 85 -30.74 65.10 0.48
N THR F 86 -31.40 66.09 1.07
CA THR F 86 -32.69 65.86 1.72
C THR F 86 -33.85 66.16 0.78
N PHE F 87 -34.58 65.12 0.42
CA PHE F 87 -35.79 65.25 -0.38
C PHE F 87 -36.91 65.93 0.40
N ASP F 88 -37.89 66.44 -0.33
CA ASP F 88 -39.09 67.04 0.23
C ASP F 88 -39.86 66.05 1.12
N ASP F 89 -39.71 64.76 0.80
CA ASP F 89 -40.25 63.62 1.49
C ASP F 89 -39.73 63.34 2.91
N GLY F 90 -38.59 63.95 3.19
CA GLY F 90 -37.86 63.68 4.40
C GLY F 90 -36.67 62.73 4.25
N THR F 91 -36.60 61.98 3.16
CA THR F 91 -35.51 61.00 2.98
C THR F 91 -34.23 61.67 2.53
N VAL F 92 -33.11 60.99 2.77
CA VAL F 92 -31.79 61.55 2.49
C VAL F 92 -31.07 60.64 1.51
N ALA F 93 -30.63 61.20 0.39
CA ALA F 93 -30.05 60.40 -0.69
C ALA F 93 -28.60 60.76 -0.99
N GLU F 94 -27.84 59.72 -1.31
CA GLU F 94 -26.44 59.82 -1.58
C GLU F 94 -26.07 58.59 -2.39
N MET F 95 -25.14 58.71 -3.32
CA MET F 95 -24.74 57.56 -4.13
C MET F 95 -23.23 57.52 -4.42
N PRO F 96 -22.47 56.98 -3.46
CA PRO F 96 -21.02 56.88 -3.61
C PRO F 96 -20.56 55.89 -4.68
N MET F 97 -21.30 54.81 -4.87
CA MET F 97 -20.92 53.78 -5.84
C MET F 97 -21.91 53.80 -6.99
N MET F 98 -21.41 54.06 -8.19
CA MET F 98 -22.23 54.03 -9.40
C MET F 98 -21.47 53.32 -10.51
N LYS F 99 -22.10 52.26 -11.03
CA LYS F 99 -21.48 51.42 -12.04
C LYS F 99 -21.74 51.98 -13.43
N VAL F 100 -20.83 51.69 -14.35
CA VAL F 100 -21.02 52.02 -15.75
C VAL F 100 -22.07 51.04 -16.30
N PRO F 101 -23.11 51.56 -16.97
CA PRO F 101 -24.20 50.69 -17.43
C PRO F 101 -23.71 49.54 -18.30
N ASN F 102 -24.22 48.34 -18.01
CA ASN F 102 -23.92 47.11 -18.77
C ASN F 102 -22.50 46.51 -18.60
N LEU F 103 -21.57 47.28 -18.04
CA LEU F 103 -20.19 46.80 -17.84
C LEU F 103 -19.84 46.67 -16.36
N ASP F 104 -18.77 45.94 -16.08
CA ASP F 104 -18.33 45.71 -14.70
C ASP F 104 -17.23 46.69 -14.28
N ILE F 105 -17.41 47.97 -14.62
CA ILE F 105 -16.48 49.02 -14.21
C ILE F 105 -17.28 50.08 -13.43
N PHE F 106 -16.62 50.72 -12.48
CA PHE F 106 -17.25 51.75 -11.64
C PHE F 106 -16.73 53.15 -12.01
N TYR F 107 -17.62 54.13 -11.97
CA TYR F 107 -17.23 55.54 -12.02
C TYR F 107 -16.50 55.88 -10.74
N VAL F 108 -15.94 57.09 -10.68
CA VAL F 108 -15.21 57.54 -9.49
C VAL F 108 -16.08 57.38 -8.24
N GLN F 109 -15.50 56.80 -7.19
CA GLN F 109 -16.17 56.64 -5.92
C GLN F 109 -16.56 58.00 -5.35
N GLY F 110 -17.70 58.03 -4.67
CA GLY F 110 -18.26 59.26 -4.11
C GLY F 110 -17.30 60.09 -3.29
N ASN F 111 -16.51 59.41 -2.46
CA ASN F 111 -15.53 60.09 -1.61
C ASN F 111 -14.40 60.79 -2.35
N ASP F 112 -14.20 60.44 -3.63
CA ASP F 112 -13.13 61.04 -4.47
C ASP F 112 -13.67 62.05 -5.48
N ILE F 113 -14.98 62.27 -5.49
CA ILE F 113 -15.56 63.16 -6.50
C ILE F 113 -14.99 64.57 -6.41
N GLN F 114 -14.93 65.11 -5.20
CA GLN F 114 -14.49 66.50 -5.00
C GLN F 114 -13.05 66.70 -5.43
N GLU F 115 -12.18 65.77 -5.06
CA GLU F 115 -10.76 65.87 -5.40
C GLU F 115 -10.58 65.82 -6.93
N ASN F 116 -11.30 64.92 -7.58
CA ASN F 116 -11.27 64.82 -9.04
C ASN F 116 -11.83 66.05 -9.75
N LEU F 117 -12.94 66.58 -9.27
CA LEU F 117 -13.51 67.80 -9.84
C LEU F 117 -12.55 68.98 -9.66
N LYS F 118 -11.90 69.05 -8.50
CA LYS F 118 -10.88 70.06 -8.23
C LYS F 118 -9.73 69.92 -9.23
N LYS F 119 -9.27 68.70 -9.44
CA LYS F 119 -8.20 68.45 -10.41
C LYS F 119 -8.62 68.86 -11.83
N PHE F 120 -9.86 68.52 -12.19
CA PHE F 120 -10.48 68.96 -13.43
C PHE F 120 -10.46 70.47 -13.60
N ASP F 121 -10.89 71.19 -12.55
CA ASP F 121 -10.88 72.65 -12.54
C ASP F 121 -9.46 73.21 -12.72
N GLN F 122 -8.48 72.60 -12.04
CA GLN F 122 -7.09 73.05 -12.11
C GLN F 122 -6.48 72.88 -13.49
N LEU F 123 -6.74 71.75 -14.12
CA LEU F 123 -6.28 71.53 -15.49
C LEU F 123 -6.78 72.56 -16.46
N LEU F 124 -8.08 72.85 -16.41
CA LEU F 124 -8.67 73.85 -17.29
C LEU F 124 -8.09 75.24 -17.05
N ALA F 125 -7.97 75.62 -15.78
CA ALA F 125 -7.41 76.90 -15.39
C ALA F 125 -5.94 77.03 -15.84
N SER F 126 -5.17 75.97 -15.62
CA SER F 126 -3.74 75.94 -16.00
C SER F 126 -3.60 76.06 -17.51
N LYS F 127 -4.53 75.48 -18.24
CA LYS F 127 -4.53 75.54 -19.70
C LYS F 127 -5.39 76.69 -20.25
N ASN F 128 -5.75 77.66 -19.40
CA ASN F 128 -6.51 78.83 -19.82
C ASN F 128 -7.77 78.48 -20.62
N ASN F 129 -8.55 77.54 -20.09
CA ASN F 129 -9.81 77.11 -20.71
C ASN F 129 -9.65 76.60 -22.15
N LEU F 130 -8.46 76.08 -22.45
CA LEU F 130 -8.11 75.60 -23.79
C LEU F 130 -8.21 76.72 -24.87
N GLN F 131 -8.00 77.99 -24.49
CA GLN F 131 -7.99 79.09 -25.47
C GLN F 131 -6.63 79.23 -26.14
N GLY F 132 -6.61 79.95 -27.27
CA GLY F 132 -5.36 80.23 -27.98
C GLY F 132 -4.71 78.99 -28.56
N LEU F 133 -5.54 78.03 -28.98
CA LEU F 133 -5.06 76.80 -29.57
C LEU F 133 -5.64 76.61 -30.96
N SER F 134 -4.93 75.84 -31.78
CA SER F 134 -5.43 75.45 -33.09
C SER F 134 -6.53 74.42 -32.87
N ARG F 135 -7.39 74.26 -33.87
CA ARG F 135 -8.48 73.30 -33.78
C ARG F 135 -7.98 71.89 -33.45
N GLU F 136 -6.86 71.50 -34.04
CA GLU F 136 -6.25 70.20 -33.78
C GLU F 136 -5.81 70.05 -32.33
N GLU F 137 -5.12 71.08 -31.81
CA GLU F 137 -4.65 71.10 -30.42
C GLU F 137 -5.82 71.09 -29.45
N PHE F 138 -6.85 71.89 -29.76
CA PHE F 138 -8.05 71.92 -28.94
C PHE F 138 -8.70 70.54 -28.88
N VAL F 139 -8.91 69.94 -30.04
CA VAL F 139 -9.51 68.60 -30.13
C VAL F 139 -8.75 67.61 -29.25
N ASP F 140 -7.43 67.62 -29.35
CA ASP F 140 -6.60 66.71 -28.56
C ASP F 140 -6.83 66.93 -27.06
N GLU F 141 -6.69 68.17 -26.62
CA GLU F 141 -6.76 68.49 -25.20
C GLU F 141 -8.19 68.31 -24.66
N ALA F 142 -9.16 68.72 -25.46
CA ALA F 142 -10.56 68.62 -25.07
C ALA F 142 -10.99 67.15 -24.89
N ALA F 143 -10.57 66.29 -25.81
CA ALA F 143 -10.94 64.88 -25.75
C ALA F 143 -10.44 64.21 -24.47
N LYS F 144 -9.22 64.55 -24.06
CA LYS F 144 -8.64 64.00 -22.84
C LYS F 144 -9.42 64.43 -21.60
N LEU F 145 -9.77 65.71 -21.55
CA LEU F 145 -10.56 66.26 -20.46
C LEU F 145 -11.99 65.71 -20.41
N PHE F 146 -12.55 65.44 -21.58
CA PHE F 146 -13.89 64.86 -21.67
C PHE F 146 -13.91 63.46 -21.09
N VAL F 147 -12.90 62.66 -21.46
CA VAL F 147 -12.77 61.30 -20.94
C VAL F 147 -12.64 61.34 -19.44
N PHE F 148 -11.82 62.25 -18.93
CA PHE F 148 -11.61 62.40 -17.50
C PHE F 148 -12.93 62.71 -16.77
N LEU F 149 -13.61 63.76 -17.23
CA LEU F 149 -14.86 64.18 -16.60
C LEU F 149 -15.91 63.09 -16.68
N ASN F 150 -15.99 62.44 -17.83
CA ASN F 150 -16.93 61.36 -18.01
C ASN F 150 -16.77 60.26 -16.96
N SER F 151 -15.52 59.96 -16.61
CA SER F 151 -15.24 58.89 -15.64
C SER F 151 -15.61 59.29 -14.20
N ILE F 152 -15.73 60.58 -13.97
CA ILE F 152 -16.12 61.10 -12.66
C ILE F 152 -17.63 60.90 -12.43
N ALA F 153 -18.41 61.24 -13.45
CA ALA F 153 -19.87 61.14 -13.41
C ALA F 153 -20.40 61.69 -12.09
N PRO F 154 -20.17 62.99 -11.86
CA PRO F 154 -20.42 63.59 -10.55
C PRO F 154 -21.89 63.62 -10.11
N PHE F 155 -22.82 63.53 -11.06
CA PHE F 155 -24.25 63.57 -10.71
C PHE F 155 -24.89 62.19 -10.70
N ARG F 156 -25.98 62.07 -9.95
CA ARG F 156 -26.74 60.81 -9.88
C ARG F 156 -27.25 60.40 -11.26
N ALA F 157 -27.66 61.38 -12.06
CA ALA F 157 -28.07 61.17 -13.43
C ALA F 157 -27.99 62.48 -14.17
N GLY F 158 -28.10 62.42 -15.49
CA GLY F 158 -28.01 63.60 -16.33
C GLY F 158 -26.58 64.06 -16.60
N ASN F 159 -25.60 63.19 -16.36
CA ASN F 159 -24.20 63.54 -16.59
C ASN F 159 -23.96 63.86 -18.06
N GLU F 160 -24.47 63.02 -18.95
CA GLU F 160 -24.13 63.11 -20.38
C GLU F 160 -24.53 64.46 -20.98
N PRO F 161 -25.84 64.81 -20.94
CA PRO F 161 -26.23 66.09 -21.53
C PRO F 161 -25.57 67.30 -20.85
N THR F 162 -25.32 67.20 -19.55
CA THR F 162 -24.66 68.27 -18.84
C THR F 162 -23.22 68.50 -19.34
N GLN F 163 -22.45 67.42 -19.43
CA GLN F 163 -21.08 67.50 -19.92
C GLN F 163 -21.02 68.00 -21.36
N ARG F 164 -21.95 67.57 -22.19
CA ARG F 164 -21.95 68.00 -23.58
C ARG F 164 -22.17 69.49 -23.71
N VAL F 165 -23.14 70.03 -22.97
CA VAL F 165 -23.37 71.46 -23.01
C VAL F 165 -22.12 72.20 -22.54
N PHE F 166 -21.48 71.67 -21.49
CA PHE F 166 -20.28 72.28 -20.92
C PHE F 166 -19.20 72.36 -21.99
N PHE F 167 -18.95 71.26 -22.68
CA PHE F 167 -17.90 71.23 -23.70
C PHE F 167 -18.23 72.02 -24.95
N GLU F 168 -19.49 72.06 -25.34
CA GLU F 168 -19.90 72.93 -26.45
C GLU F 168 -19.63 74.39 -26.11
N LYS F 169 -19.95 74.79 -24.87
CA LYS F 169 -19.69 76.15 -24.41
C LYS F 169 -18.18 76.43 -24.30
N LEU F 170 -17.43 75.43 -23.88
CA LEU F 170 -15.98 75.54 -23.77
C LEU F 170 -15.34 75.76 -25.15
N ALA F 171 -15.80 74.98 -26.13
CA ALA F 171 -15.33 75.09 -27.51
C ALA F 171 -15.61 76.49 -28.07
N GLU F 172 -16.84 76.95 -27.91
CA GLU F 172 -17.23 78.28 -28.33
C GLU F 172 -16.31 79.34 -27.73
N ALA F 173 -16.11 79.30 -26.42
CA ALA F 173 -15.25 80.29 -25.75
C ALA F 173 -13.79 80.17 -26.19
N ALA F 174 -13.39 78.98 -26.62
CA ALA F 174 -12.03 78.73 -27.10
C ALA F 174 -11.83 79.11 -28.57
N GLY F 175 -12.87 79.67 -29.20
CA GLY F 175 -12.81 80.07 -30.60
C GLY F 175 -13.07 78.94 -31.58
N HIS F 176 -13.58 77.81 -31.11
CA HIS F 176 -13.90 76.69 -31.99
C HIS F 176 -15.39 76.32 -31.82
N GLN F 177 -15.73 75.10 -32.21
CA GLN F 177 -17.09 74.62 -32.15
C GLN F 177 -17.12 73.14 -31.85
N LEU F 178 -18.14 72.72 -31.11
CA LEU F 178 -18.46 71.30 -30.92
C LEU F 178 -19.96 71.14 -31.01
N ASP F 179 -20.41 70.21 -31.84
CA ASP F 179 -21.83 69.87 -31.88
C ASP F 179 -22.02 68.38 -31.79
N PHE F 180 -22.31 67.90 -30.58
CA PHE F 180 -22.46 66.47 -30.32
C PHE F 180 -23.61 65.86 -31.13
N SER F 181 -24.62 66.66 -31.47
CA SER F 181 -25.78 66.14 -32.21
C SER F 181 -25.39 65.72 -33.63
N VAL F 182 -24.21 66.13 -34.11
CA VAL F 182 -23.80 65.71 -35.46
C VAL F 182 -23.29 64.28 -35.45
N ALA F 183 -23.09 63.69 -34.28
CA ALA F 183 -22.63 62.29 -34.15
C ALA F 183 -23.66 61.40 -33.44
N THR F 184 -23.65 60.12 -33.80
CA THR F 184 -24.58 59.14 -33.24
C THR F 184 -24.36 58.88 -31.76
N GLU F 185 -25.43 58.50 -31.07
CA GLU F 185 -25.34 58.17 -29.65
C GLU F 185 -24.46 56.94 -29.42
N LYS F 186 -24.60 55.95 -30.30
CA LYS F 186 -23.80 54.73 -30.25
C LYS F 186 -22.29 55.04 -30.29
N ARG F 187 -21.90 56.00 -31.12
CA ARG F 187 -20.49 56.35 -31.29
C ARG F 187 -19.96 57.08 -30.06
N ILE F 188 -20.73 58.03 -29.56
CA ILE F 188 -20.34 58.81 -28.39
C ILE F 188 -20.12 57.87 -27.21
N MET F 189 -21.04 56.91 -27.04
CA MET F 189 -20.93 55.91 -25.98
C MET F 189 -19.66 55.07 -26.18
N ARG F 190 -19.45 54.59 -27.40
CA ARG F 190 -18.26 53.77 -27.72
C ARG F 190 -16.98 54.50 -27.31
N ALA F 191 -16.91 55.79 -27.61
CA ALA F 191 -15.76 56.61 -27.25
C ALA F 191 -15.60 56.72 -25.74
N CYS F 192 -16.70 56.93 -25.04
CA CYS F 192 -16.67 57.01 -23.57
C CYS F 192 -16.18 55.70 -22.96
N ILE F 193 -16.69 54.58 -23.49
CA ILE F 193 -16.30 53.26 -23.01
C ILE F 193 -14.81 53.02 -23.24
N ASP F 194 -14.33 53.29 -24.46
CA ASP F 194 -12.91 53.15 -24.76
C ASP F 194 -12.09 53.98 -23.77
N GLY F 195 -12.53 55.20 -23.51
CA GLY F 195 -11.89 56.09 -22.56
C GLY F 195 -11.70 55.49 -21.17
N MET F 196 -12.62 54.61 -20.76
CA MET F 196 -12.56 53.99 -19.43
C MET F 196 -11.98 52.59 -19.40
N THR F 197 -11.81 51.97 -20.58
CA THR F 197 -11.34 50.58 -20.63
C THR F 197 -9.93 50.42 -21.21
N LEU F 198 -9.58 51.19 -22.23
CA LEU F 198 -8.30 50.96 -22.93
C LEU F 198 -7.08 51.52 -22.22
N LYS F 199 -5.93 50.90 -22.46
CA LYS F 199 -4.67 51.32 -21.87
C LYS F 199 -4.31 52.76 -22.23
N ASP F 200 -3.44 53.36 -21.41
CA ASP F 200 -3.07 54.78 -21.46
C ASP F 200 -3.27 55.49 -22.80
N ASN F 201 -2.50 55.09 -23.81
CA ASN F 201 -2.49 55.81 -25.09
C ASN F 201 -3.80 55.70 -25.84
N MET F 202 -4.29 54.47 -25.98
CA MET F 202 -5.43 54.17 -26.84
C MET F 202 -6.77 54.71 -26.32
N ALA F 203 -6.86 54.92 -25.01
CA ALA F 203 -8.12 55.36 -24.38
C ALA F 203 -8.75 56.57 -25.05
N TYR F 204 -7.90 57.53 -25.43
CA TYR F 204 -8.38 58.82 -25.94
C TYR F 204 -8.64 58.82 -27.43
N LYS F 205 -8.22 57.77 -28.13
CA LYS F 205 -8.21 57.80 -29.59
C LYS F 205 -9.59 58.02 -30.19
N GLU F 206 -10.51 57.14 -29.85
CA GLU F 206 -11.88 57.23 -30.32
C GLU F 206 -12.56 58.57 -29.98
N MET F 207 -12.20 59.13 -28.82
CA MET F 207 -12.73 60.42 -28.43
C MET F 207 -12.14 61.55 -29.29
N LYS F 208 -10.83 61.49 -29.54
CA LYS F 208 -10.17 62.42 -30.47
C LYS F 208 -10.81 62.37 -31.84
N SER F 209 -10.98 61.16 -32.36
CA SER F 209 -11.64 60.95 -33.63
C SER F 209 -13.04 61.56 -33.67
N LEU F 210 -13.83 61.33 -32.63
CA LEU F 210 -15.17 61.91 -32.51
C LEU F 210 -15.10 63.44 -32.53
N PHE F 211 -14.21 64.00 -31.71
CA PHE F 211 -14.07 65.45 -31.59
C PHE F 211 -13.61 66.10 -32.89
N GLU F 212 -12.70 65.45 -33.61
CA GLU F 212 -12.32 65.91 -34.95
C GLU F 212 -13.55 66.11 -35.80
N ASP F 213 -14.42 65.10 -35.84
CA ASP F 213 -15.62 65.13 -36.66
C ASP F 213 -16.64 66.19 -36.20
N ILE F 214 -16.95 66.23 -34.91
CA ILE F 214 -17.99 67.15 -34.41
C ILE F 214 -17.50 68.59 -34.23
N SER F 215 -16.21 68.84 -34.39
CA SER F 215 -15.67 70.20 -34.42
C SER F 215 -15.43 70.73 -35.84
N ASP F 216 -15.74 69.91 -36.85
CA ASP F 216 -15.51 70.26 -38.25
C ASP F 216 -16.66 71.10 -38.81
N PRO F 217 -16.42 72.40 -39.08
CA PRO F 217 -17.48 73.32 -39.51
C PRO F 217 -18.30 72.81 -40.69
N LYS F 218 -17.67 72.03 -41.56
CA LYS F 218 -18.37 71.38 -42.64
C LYS F 218 -19.39 70.42 -42.03
N LYS F 219 -18.90 69.45 -41.27
CA LYS F 219 -19.74 68.41 -40.66
C LYS F 219 -20.47 68.91 -39.41
N HIS G 8 24.95 -68.05 -2.30
CA HIS G 8 25.01 -67.17 -3.50
C HIS G 8 24.60 -65.73 -3.19
N MET G 9 23.46 -65.57 -2.51
CA MET G 9 22.87 -64.24 -2.28
C MET G 9 23.64 -63.38 -1.27
N ALA G 10 24.53 -63.96 -0.48
CA ALA G 10 25.30 -63.20 0.53
C ALA G 10 26.24 -62.17 -0.09
N ARG G 11 26.88 -62.56 -1.20
CA ARG G 11 27.78 -61.66 -1.94
C ARG G 11 27.09 -60.36 -2.38
N ASN G 12 25.76 -60.38 -2.50
CA ASN G 12 25.01 -59.19 -2.93
C ASN G 12 24.90 -58.04 -1.93
N TYR G 13 25.25 -58.28 -0.67
CA TYR G 13 25.43 -57.16 0.29
C TYR G 13 26.67 -56.33 -0.03
N ALA G 14 27.67 -56.95 -0.63
CA ALA G 14 28.93 -56.27 -0.96
C ALA G 14 28.99 -55.94 -2.45
N TYR G 15 29.89 -55.05 -2.83
CA TYR G 15 30.04 -54.68 -4.25
C TYR G 15 30.59 -55.86 -5.07
N PRO G 16 30.31 -55.90 -6.38
CA PRO G 16 30.69 -57.14 -7.11
C PRO G 16 32.20 -57.46 -7.20
N HIS G 17 33.07 -56.47 -7.01
CA HIS G 17 34.52 -56.68 -7.12
C HIS G 17 35.21 -56.76 -5.75
N MET G 18 34.64 -56.07 -4.77
CA MET G 18 35.26 -55.81 -3.50
C MET G 18 34.50 -56.52 -2.40
N ASN G 19 35.12 -56.63 -1.23
CA ASN G 19 34.46 -56.97 0.04
C ASN G 19 33.68 -55.81 0.75
N THR G 20 33.91 -54.57 0.34
CA THR G 20 33.20 -53.42 0.94
C THR G 20 31.69 -53.54 0.79
N LEU G 21 30.98 -53.23 1.86
CA LEU G 21 29.52 -53.28 1.86
C LEU G 21 28.92 -52.16 1.03
N LYS G 22 27.89 -52.51 0.26
CA LYS G 22 27.19 -51.52 -0.55
C LYS G 22 26.61 -50.48 0.38
N ASN G 23 26.72 -49.22 -0.02
CA ASN G 23 26.24 -48.14 0.82
C ASN G 23 25.75 -46.97 0.00
N LYS G 24 24.88 -46.17 0.61
CA LYS G 24 24.27 -45.02 -0.06
C LYS G 24 25.26 -43.90 -0.37
N HIS G 25 26.44 -43.93 0.23
CA HIS G 25 27.46 -42.91 -0.03
C HIS G 25 28.32 -43.24 -1.24
N ASN G 26 28.18 -44.43 -1.80
CA ASN G 26 29.06 -44.88 -2.91
C ASN G 26 30.50 -44.94 -2.45
N ILE G 27 30.77 -45.23 -1.18
CA ILE G 27 32.14 -45.28 -0.65
C ILE G 27 32.69 -46.69 -0.80
N MET G 28 33.90 -46.80 -1.35
CA MET G 28 34.51 -48.08 -1.67
C MET G 28 35.55 -48.54 -0.65
N SER G 29 36.03 -47.62 0.19
CA SER G 29 36.99 -47.98 1.23
C SER G 29 36.23 -48.41 2.48
N THR G 30 36.52 -49.61 2.97
CA THR G 30 35.90 -50.11 4.19
C THR G 30 36.25 -49.23 5.39
N LYS G 31 37.50 -48.76 5.43
CA LYS G 31 37.94 -47.87 6.51
C LYS G 31 37.16 -46.56 6.52
N LYS G 32 37.05 -45.90 5.36
CA LYS G 32 36.31 -44.65 5.27
C LYS G 32 34.83 -44.86 5.57
N LEU G 33 34.27 -45.97 5.08
CA LEU G 33 32.87 -46.29 5.33
C LEU G 33 32.60 -46.38 6.82
N ALA G 34 33.47 -47.07 7.54
CA ALA G 34 33.35 -47.17 9.00
C ALA G 34 33.25 -45.80 9.66
N HIS G 35 34.11 -44.87 9.27
CA HIS G 35 34.13 -43.52 9.84
C HIS G 35 32.84 -42.75 9.58
N VAL G 36 32.41 -42.73 8.31
CA VAL G 36 31.19 -42.04 7.90
C VAL G 36 29.99 -42.64 8.63
N CYS G 37 30.06 -43.95 8.79
CA CYS G 37 29.05 -44.70 9.47
C CYS G 37 28.91 -44.29 10.94
N GLU G 38 30.04 -44.23 11.64
CA GLU G 38 30.04 -43.76 13.02
C GLU G 38 29.50 -42.32 13.13
N HIS G 39 29.82 -41.49 12.14
CA HIS G 39 29.33 -40.13 12.12
C HIS G 39 27.78 -40.06 12.15
N TYR G 40 27.14 -40.73 11.20
CA TYR G 40 25.67 -40.68 11.07
C TYR G 40 24.96 -41.34 12.25
N ALA G 41 25.55 -42.43 12.73
CA ALA G 41 25.03 -43.11 13.90
C ALA G 41 24.95 -42.16 15.10
N LYS G 42 26.01 -41.40 15.33
CA LYS G 42 26.04 -40.41 16.41
C LYS G 42 24.96 -39.35 16.25
N LYS G 43 24.76 -38.87 15.03
CA LYS G 43 23.71 -37.89 14.77
C LYS G 43 22.32 -38.45 15.06
N ALA G 44 22.11 -39.71 14.69
CA ALA G 44 20.80 -40.34 14.83
C ALA G 44 20.48 -40.58 16.30
N ILE G 45 21.51 -40.91 17.08
CA ILE G 45 21.35 -41.11 18.51
C ILE G 45 20.83 -39.84 19.20
N ILE G 46 21.27 -38.69 18.71
CA ILE G 46 20.81 -37.43 19.29
C ILE G 46 19.29 -37.30 19.17
N ASN G 47 18.75 -37.59 18.00
CA ASN G 47 17.31 -37.53 17.83
C ASN G 47 16.59 -38.66 18.55
N LEU G 48 17.16 -39.84 18.49
CA LEU G 48 16.64 -40.99 19.21
C LEU G 48 16.51 -40.73 20.71
N ASN G 49 17.50 -40.05 21.29
CA ASN G 49 17.48 -39.75 22.73
C ASN G 49 16.35 -38.80 23.15
N LYS G 50 15.77 -38.10 22.18
CA LYS G 50 14.62 -37.25 22.46
C LYS G 50 13.32 -38.06 22.56
N GLU G 51 13.36 -39.33 22.19
CA GLU G 51 12.13 -40.12 22.17
C GLU G 51 11.88 -40.81 23.50
N PRO G 52 10.60 -40.97 23.87
CA PRO G 52 10.31 -41.77 25.07
C PRO G 52 10.76 -43.21 24.91
N LEU G 53 11.04 -43.84 26.04
CA LEU G 53 11.42 -45.24 26.06
C LEU G 53 10.18 -46.05 25.73
N PRO G 54 10.33 -47.10 24.92
CA PRO G 54 9.17 -47.91 24.57
C PRO G 54 8.63 -48.71 25.75
N GLN G 55 7.34 -49.03 25.70
CA GLN G 55 6.72 -49.90 26.71
C GLN G 55 7.22 -51.35 26.58
N LYS G 56 7.37 -51.84 25.35
CA LYS G 56 7.88 -53.20 25.10
C LYS G 56 9.28 -53.14 24.52
N PHE G 57 10.22 -53.79 25.20
CA PHE G 57 11.57 -53.94 24.68
C PHE G 57 11.61 -55.27 23.94
N ASP G 58 11.68 -55.19 22.62
CA ASP G 58 11.58 -56.36 21.77
C ASP G 58 12.37 -56.15 20.48
N SER G 59 12.34 -57.15 19.60
CA SER G 59 13.11 -57.15 18.36
C SER G 59 12.65 -56.04 17.43
N SER G 60 11.37 -55.72 17.48
CA SER G 60 10.89 -54.57 16.73
C SER G 60 11.59 -53.25 17.11
N TYR G 61 11.76 -53.01 18.41
CA TYR G 61 12.50 -51.85 18.87
C TYR G 61 13.98 -51.93 18.44
N LEU G 62 14.56 -53.12 18.55
CA LEU G 62 15.94 -53.34 18.12
C LEU G 62 16.10 -52.98 16.66
N LYS G 63 15.16 -53.42 15.83
CA LYS G 63 15.21 -53.12 14.41
C LYS G 63 15.05 -51.63 14.12
N TYR G 64 14.19 -50.98 14.88
CA TYR G 64 14.01 -49.53 14.74
C TYR G 64 15.31 -48.79 15.08
N ILE G 65 16.01 -49.23 16.12
CA ILE G 65 17.27 -48.61 16.47
C ILE G 65 18.26 -48.75 15.33
N HIS G 66 18.36 -49.97 14.79
CA HIS G 66 19.27 -50.23 13.68
C HIS G 66 18.89 -49.40 12.48
N GLN G 67 17.58 -49.29 12.24
CA GLN G 67 17.07 -48.47 11.16
C GLN G 67 17.59 -47.03 11.32
N ARG G 68 17.40 -46.46 12.50
CA ARG G 68 17.80 -45.07 12.74
C ARG G 68 19.30 -44.87 12.67
N LEU G 69 20.05 -45.84 13.17
CA LEU G 69 21.48 -45.75 13.17
C LEU G 69 22.10 -45.83 11.78
N PHE G 70 21.47 -46.58 10.87
CA PHE G 70 22.10 -46.90 9.59
C PHE G 70 21.33 -46.52 8.33
N GLU G 71 20.18 -45.87 8.46
CA GLU G 71 19.36 -45.55 7.29
C GLU G 71 19.99 -44.56 6.31
N SER G 72 20.99 -43.79 6.75
CA SER G 72 21.72 -42.89 5.87
C SER G 72 22.81 -43.60 5.07
N THR G 73 23.15 -44.81 5.49
CA THR G 73 24.29 -45.56 4.96
C THR G 73 23.89 -46.85 4.26
N PHE G 74 23.00 -47.64 4.86
CA PHE G 74 22.63 -48.94 4.29
C PHE G 74 21.16 -49.00 3.92
N GLU G 75 20.92 -49.43 2.70
CA GLU G 75 19.57 -49.54 2.15
C GLU G 75 18.74 -50.49 2.99
N TRP G 76 19.37 -51.51 3.52
CA TRP G 76 18.69 -52.58 4.29
C TRP G 76 18.61 -52.27 5.80
N ALA G 77 18.95 -51.04 6.19
CA ALA G 77 18.91 -50.69 7.61
C ALA G 77 17.57 -51.09 8.20
N GLY G 78 17.61 -51.78 9.34
CA GLY G 78 16.41 -52.19 10.05
C GLY G 78 15.93 -53.58 9.67
N TYR G 79 16.42 -54.08 8.53
CA TYR G 79 16.10 -55.43 8.05
C TYR G 79 17.16 -56.43 8.50
N THR G 80 16.71 -57.58 8.99
CA THR G 80 17.60 -58.62 9.46
C THR G 80 18.12 -59.45 8.29
N ARG G 81 19.14 -60.27 8.53
CA ARG G 81 19.85 -60.94 7.43
C ARG G 81 19.14 -62.20 6.92
N ASP G 82 18.01 -62.53 7.53
CA ASP G 82 17.10 -63.54 7.00
C ASP G 82 16.05 -62.90 6.09
N PHE G 83 16.00 -61.57 6.07
CA PHE G 83 15.10 -60.86 5.18
C PHE G 83 15.70 -60.79 3.79
N SER G 84 14.93 -61.25 2.81
CA SER G 84 15.40 -61.23 1.44
C SER G 84 15.25 -59.82 0.89
N PHE G 85 16.37 -59.09 0.85
CA PHE G 85 16.34 -57.66 0.58
C PHE G 85 16.66 -57.33 -0.86
N THR G 86 15.81 -56.52 -1.50
CA THR G 86 16.06 -56.07 -2.87
C THR G 86 16.73 -54.70 -2.87
N PHE G 87 17.98 -54.68 -3.31
CA PHE G 87 18.72 -53.44 -3.47
C PHE G 87 18.16 -52.60 -4.62
N ASP G 88 18.51 -51.32 -4.61
CA ASP G 88 18.17 -50.37 -5.66
C ASP G 88 18.71 -50.83 -7.03
N ASP G 89 19.82 -51.55 -7.01
CA ASP G 89 20.49 -52.02 -8.22
C ASP G 89 19.84 -53.29 -8.80
N GLY G 90 18.81 -53.82 -8.16
CA GLY G 90 18.09 -54.98 -8.66
C GLY G 90 18.48 -56.31 -8.01
N THR G 91 19.61 -56.34 -7.32
CA THR G 91 20.08 -57.60 -6.71
C THR G 91 19.37 -57.87 -5.39
N VAL G 92 19.38 -59.13 -5.00
CA VAL G 92 18.65 -59.60 -3.82
C VAL G 92 19.62 -60.22 -2.84
N ALA G 93 19.65 -59.71 -1.61
CA ALA G 93 20.65 -60.13 -0.63
C ALA G 93 20.04 -60.78 0.58
N GLU G 94 20.76 -61.78 1.07
CA GLU G 94 20.36 -62.56 2.21
C GLU G 94 21.64 -63.20 2.75
N MET G 95 21.74 -63.36 4.07
CA MET G 95 22.93 -63.98 4.65
C MET G 95 22.64 -64.91 5.82
N PRO G 96 22.28 -66.16 5.50
CA PRO G 96 21.97 -67.15 6.53
C PRO G 96 23.16 -67.59 7.38
N MET G 97 24.35 -67.65 6.77
CA MET G 97 25.54 -68.08 7.50
C MET G 97 26.47 -66.90 7.68
N MET G 98 26.76 -66.58 8.94
CA MET G 98 27.70 -65.51 9.26
C MET G 98 28.62 -65.97 10.37
N LYS G 99 29.91 -65.92 10.09
CA LYS G 99 30.93 -66.41 10.99
C LYS G 99 31.35 -65.31 11.96
N VAL G 100 31.77 -65.72 13.14
CA VAL G 100 32.35 -64.77 14.10
C VAL G 100 33.72 -64.38 13.56
N PRO G 101 34.00 -63.08 13.46
CA PRO G 101 35.27 -62.64 12.88
C PRO G 101 36.49 -63.27 13.57
N ASN G 102 37.42 -63.77 12.76
CA ASN G 102 38.69 -64.35 13.22
C ASN G 102 38.60 -65.71 13.95
N LEU G 103 37.41 -66.15 14.34
CA LEU G 103 37.23 -67.45 15.01
C LEU G 103 36.47 -68.43 14.12
N ASP G 104 36.59 -69.72 14.42
CA ASP G 104 35.97 -70.81 13.60
C ASP G 104 34.57 -71.18 14.21
N ILE G 105 33.76 -70.17 14.60
CA ILE G 105 32.40 -70.40 15.09
C ILE G 105 31.39 -69.54 14.35
N PHE G 106 30.14 -70.00 14.28
CA PHE G 106 29.07 -69.27 13.58
C PHE G 106 28.07 -68.64 14.53
N TYR G 107 27.56 -67.47 14.15
CA TYR G 107 26.37 -66.92 14.79
C TYR G 107 25.16 -67.78 14.42
N VAL G 108 24.02 -67.48 15.01
CA VAL G 108 22.78 -68.21 14.71
C VAL G 108 22.51 -68.26 13.20
N GLN G 109 22.20 -69.44 12.69
CA GLN G 109 21.84 -69.63 11.29
C GLN G 109 20.62 -68.79 10.94
N GLY G 110 20.60 -68.29 9.71
CA GLY G 110 19.52 -67.41 9.23
C GLY G 110 18.13 -67.94 9.46
N ASN G 111 17.95 -69.24 9.23
CA ASN G 111 16.66 -69.89 9.38
C ASN G 111 16.13 -69.93 10.82
N ASP G 112 17.02 -69.72 11.80
CA ASP G 112 16.68 -69.74 13.22
C ASP G 112 16.61 -68.35 13.84
N ILE G 113 16.86 -67.31 13.05
CA ILE G 113 16.92 -65.96 13.60
C ILE G 113 15.58 -65.57 14.23
N GLN G 114 14.49 -65.80 13.51
CA GLN G 114 13.17 -65.39 13.97
C GLN G 114 12.77 -66.05 15.26
N GLU G 115 13.02 -67.36 15.36
CA GLU G 115 12.67 -68.13 16.53
C GLU G 115 13.45 -67.63 17.74
N ASN G 116 14.74 -67.39 17.55
CA ASN G 116 15.60 -66.86 18.62
C ASN G 116 15.20 -65.45 19.05
N LEU G 117 14.90 -64.57 18.09
CA LEU G 117 14.43 -63.21 18.42
C LEU G 117 13.12 -63.26 19.19
N LYS G 118 12.23 -64.16 18.76
CA LYS G 118 10.97 -64.38 19.47
C LYS G 118 11.24 -64.82 20.89
N LYS G 119 12.15 -65.78 21.06
CA LYS G 119 12.49 -66.25 22.39
C LYS G 119 13.08 -65.11 23.25
N PHE G 120 13.93 -64.30 22.64
CA PHE G 120 14.48 -63.10 23.25
C PHE G 120 13.38 -62.15 23.72
N ASP G 121 12.42 -61.88 22.85
CA ASP G 121 11.26 -61.04 23.18
C ASP G 121 10.44 -61.62 24.36
N GLN G 122 10.24 -62.94 24.36
CA GLN G 122 9.48 -63.62 25.41
C GLN G 122 10.17 -63.54 26.77
N LEU G 123 11.47 -63.77 26.81
CA LEU G 123 12.26 -63.65 28.03
C LEU G 123 12.09 -62.27 28.68
N LEU G 124 12.24 -61.23 27.86
CA LEU G 124 12.13 -59.85 28.35
C LEU G 124 10.73 -59.55 28.87
N ALA G 125 9.73 -59.95 28.11
CA ALA G 125 8.34 -59.75 28.50
C ALA G 125 7.99 -60.49 29.79
N SER G 126 8.45 -61.73 29.89
CA SER G 126 8.17 -62.57 31.05
C SER G 126 8.89 -62.01 32.30
N LYS G 127 10.04 -61.38 32.09
CA LYS G 127 10.77 -60.71 33.19
C LYS G 127 10.45 -59.21 33.29
N ASN G 128 9.37 -58.77 32.65
CA ASN G 128 8.92 -57.38 32.75
C ASN G 128 10.03 -56.37 32.43
N ASN G 129 10.73 -56.60 31.33
CA ASN G 129 11.81 -55.71 30.87
C ASN G 129 12.90 -55.49 31.93
N LEU G 130 13.05 -56.47 32.81
CA LEU G 130 13.98 -56.43 33.93
C LEU G 130 13.77 -55.27 34.88
N GLN G 131 12.52 -54.83 35.02
CA GLN G 131 12.18 -53.78 35.98
C GLN G 131 11.98 -54.36 37.37
N GLY G 132 12.01 -53.48 38.36
CA GLY G 132 11.78 -53.88 39.75
C GLY G 132 12.84 -54.82 40.30
N LEU G 133 14.07 -54.65 39.85
CA LEU G 133 15.19 -55.47 40.31
C LEU G 133 16.25 -54.57 40.94
N SER G 134 17.06 -55.17 41.81
CA SER G 134 18.24 -54.50 42.33
C SER G 134 19.28 -54.43 41.23
N ARG G 135 20.23 -53.51 41.37
CA ARG G 135 21.29 -53.34 40.40
C ARG G 135 22.04 -54.66 40.15
N GLU G 136 22.29 -55.42 41.22
CA GLU G 136 22.98 -56.70 41.10
C GLU G 136 22.17 -57.70 40.28
N GLU G 137 20.87 -57.80 40.58
CA GLU G 137 19.96 -58.70 39.87
C GLU G 137 19.82 -58.30 38.41
N PHE G 138 19.71 -57.00 38.17
CA PHE G 138 19.64 -56.48 36.81
C PHE G 138 20.90 -56.87 36.02
N VAL G 139 22.06 -56.58 36.60
CA VAL G 139 23.34 -56.91 35.98
C VAL G 139 23.41 -58.38 35.57
N ASP G 140 23.02 -59.25 36.49
CA ASP G 140 23.03 -60.69 36.23
C ASP G 140 22.13 -61.03 35.05
N GLU G 141 20.87 -60.60 35.11
CA GLU G 141 19.89 -60.94 34.09
C GLU G 141 20.22 -60.29 32.75
N ALA G 142 20.66 -59.04 32.80
CA ALA G 142 21.00 -58.30 31.60
C ALA G 142 22.16 -58.94 30.85
N ALA G 143 23.20 -59.33 31.59
CA ALA G 143 24.39 -59.93 30.98
C ALA G 143 24.07 -61.20 30.21
N LYS G 144 23.19 -62.02 30.76
CA LYS G 144 22.77 -63.25 30.09
C LYS G 144 22.03 -62.99 28.82
N LEU G 145 21.12 -62.01 28.85
CA LEU G 145 20.36 -61.62 27.68
C LEU G 145 21.23 -60.98 26.61
N PHE G 146 22.27 -60.26 27.03
CA PHE G 146 23.21 -59.63 26.11
C PHE G 146 24.01 -60.67 25.34
N VAL G 147 24.49 -61.67 26.08
CA VAL G 147 25.23 -62.78 25.49
C VAL G 147 24.36 -63.50 24.47
N PHE G 148 23.10 -63.75 24.84
CA PHE G 148 22.15 -64.43 23.95
C PHE G 148 21.95 -63.64 22.66
N LEU G 149 21.59 -62.37 22.79
CA LEU G 149 21.34 -61.52 21.62
C LEU G 149 22.57 -61.39 20.76
N ASN G 150 23.72 -61.22 21.39
CA ASN G 150 24.97 -61.12 20.65
C ASN G 150 25.21 -62.32 19.74
N SER G 151 24.87 -63.52 20.23
CA SER G 151 25.08 -64.74 19.46
C SER G 151 24.11 -64.87 18.26
N ILE G 152 23.00 -64.13 18.30
CA ILE G 152 22.02 -64.13 17.23
C ILE G 152 22.53 -63.32 16.05
N ALA G 153 23.06 -62.14 16.36
CA ALA G 153 23.59 -61.24 15.36
C ALA G 153 22.62 -61.11 14.19
N PRO G 154 21.42 -60.61 14.46
CA PRO G 154 20.33 -60.64 13.49
C PRO G 154 20.56 -59.79 12.24
N PHE G 155 21.44 -58.79 12.30
CA PHE G 155 21.70 -57.94 11.14
C PHE G 155 22.96 -58.33 10.40
N ARG G 156 23.02 -57.97 9.13
CA ARG G 156 24.19 -58.22 8.29
C ARG G 156 25.44 -57.55 8.87
N ALA G 157 25.24 -56.36 9.42
CA ALA G 157 26.29 -55.62 10.11
C ALA G 157 25.65 -54.58 11.01
N GLY G 158 26.46 -54.00 11.90
CA GLY G 158 25.97 -52.99 12.84
C GLY G 158 25.29 -53.57 14.05
N ASN G 159 25.52 -54.85 14.32
CA ASN G 159 24.91 -55.51 15.47
C ASN G 159 25.37 -54.86 16.77
N GLU G 160 26.67 -54.64 16.90
CA GLU G 160 27.25 -54.18 18.18
C GLU G 160 26.65 -52.86 18.65
N PRO G 161 26.80 -51.79 17.86
CA PRO G 161 26.26 -50.51 18.34
C PRO G 161 24.74 -50.55 18.55
N THR G 162 24.04 -51.34 17.75
CA THR G 162 22.59 -51.47 17.89
C THR G 162 22.20 -52.09 19.23
N GLN G 163 22.83 -53.21 19.56
CA GLN G 163 22.58 -53.90 20.82
C GLN G 163 22.95 -53.04 22.02
N ARG G 164 24.04 -52.29 21.94
CA ARG G 164 24.45 -51.43 23.05
C ARG G 164 23.41 -50.37 23.34
N VAL G 165 22.93 -49.72 22.29
CA VAL G 165 21.92 -48.69 22.49
C VAL G 165 20.67 -49.31 23.11
N PHE G 166 20.31 -50.50 22.64
CA PHE G 166 19.14 -51.21 23.15
C PHE G 166 19.29 -51.45 24.66
N PHE G 167 20.44 -51.97 25.07
CA PHE G 167 20.64 -52.29 26.49
C PHE G 167 20.80 -51.06 27.36
N GLU G 168 21.41 -50.00 26.85
CA GLU G 168 21.46 -48.75 27.60
C GLU G 168 20.05 -48.22 27.85
N LYS G 169 19.20 -48.29 26.83
CA LYS G 169 17.80 -47.89 26.97
C LYS G 169 17.02 -48.80 27.91
N LEU G 170 17.31 -50.09 27.87
CA LEU G 170 16.69 -51.06 28.75
C LEU G 170 17.04 -50.78 30.22
N ALA G 171 18.32 -50.51 30.47
CA ALA G 171 18.81 -50.18 31.80
C ALA G 171 18.11 -48.95 32.35
N GLU G 172 18.08 -47.90 31.55
CA GLU G 172 17.41 -46.66 31.91
C GLU G 172 15.96 -46.93 32.30
N ALA G 173 15.22 -47.65 31.46
CA ALA G 173 13.81 -47.95 31.74
C ALA G 173 13.65 -48.85 32.97
N ALA G 174 14.67 -49.64 33.27
CA ALA G 174 14.67 -50.51 34.45
C ALA G 174 15.10 -49.81 35.74
N GLY G 175 15.34 -48.50 35.67
CA GLY G 175 15.74 -47.71 36.82
C GLY G 175 17.23 -47.79 37.13
N HIS G 176 18.03 -48.29 36.19
CA HIS G 176 19.47 -48.34 36.38
C HIS G 176 20.16 -47.61 35.23
N GLN G 177 21.43 -47.91 35.01
CA GLN G 177 22.23 -47.28 33.98
C GLN G 177 23.22 -48.27 33.41
N LEU G 178 23.49 -48.11 32.11
CA LEU G 178 24.60 -48.78 31.46
C LEU G 178 25.27 -47.78 30.53
N ASP G 179 26.59 -47.66 30.63
CA ASP G 179 27.33 -46.86 29.69
C ASP G 179 28.52 -47.64 29.15
N PHE G 180 28.35 -48.23 27.97
CA PHE G 180 29.39 -49.05 27.36
C PHE G 180 30.67 -48.27 27.08
N SER G 181 30.55 -46.96 26.88
CA SER G 181 31.72 -46.12 26.60
C SER G 181 32.66 -46.01 27.81
N VAL G 182 32.20 -46.44 28.99
CA VAL G 182 33.01 -46.49 30.21
C VAL G 182 34.06 -47.61 30.15
N ALA G 183 33.85 -48.57 29.26
CA ALA G 183 34.73 -49.73 29.13
C ALA G 183 35.40 -49.81 27.76
N THR G 184 36.59 -50.40 27.72
CA THR G 184 37.36 -50.56 26.48
C THR G 184 36.71 -51.49 25.47
N GLU G 185 36.98 -51.24 24.20
CA GLU G 185 36.46 -52.10 23.13
C GLU G 185 37.01 -53.52 23.25
N LYS G 186 38.29 -53.62 23.58
CA LYS G 186 38.96 -54.91 23.77
C LYS G 186 38.24 -55.78 24.81
N ARG G 187 37.79 -55.14 25.91
CA ARG G 187 37.15 -55.86 27.00
C ARG G 187 35.75 -56.33 26.61
N ILE G 188 35.00 -55.44 25.97
CA ILE G 188 33.64 -55.78 25.53
C ILE G 188 33.68 -56.97 24.57
N MET G 189 34.64 -56.94 23.64
CA MET G 189 34.81 -58.03 22.69
C MET G 189 35.17 -59.31 23.42
N ARG G 190 36.12 -59.24 24.34
CA ARG G 190 36.50 -60.45 25.08
C ARG G 190 35.31 -61.06 25.80
N ALA G 191 34.44 -60.22 26.39
CA ALA G 191 33.25 -60.72 27.07
C ALA G 191 32.30 -61.40 26.09
N CYS G 192 32.13 -60.80 24.91
CA CYS G 192 31.28 -61.41 23.88
C CYS G 192 31.83 -62.76 23.44
N ILE G 193 33.14 -62.82 23.24
CA ILE G 193 33.79 -64.06 22.82
C ILE G 193 33.62 -65.13 23.89
N ASP G 194 33.90 -64.80 25.14
CA ASP G 194 33.69 -65.74 26.25
C ASP G 194 32.26 -66.26 26.24
N GLY G 195 31.31 -65.35 26.04
CA GLY G 195 29.90 -65.69 25.95
C GLY G 195 29.55 -66.74 24.90
N MET G 196 30.32 -66.78 23.82
CA MET G 196 30.11 -67.76 22.75
C MET G 196 31.04 -68.98 22.77
N THR G 197 32.09 -68.94 23.59
CA THR G 197 33.09 -70.01 23.60
C THR G 197 33.02 -70.87 24.86
N LEU G 198 32.81 -70.26 26.03
CA LEU G 198 32.95 -70.98 27.29
C LEU G 198 31.72 -71.82 27.66
N LYS G 199 31.96 -72.90 28.41
CA LYS G 199 30.90 -73.79 28.87
C LYS G 199 29.84 -73.05 29.70
N ASP G 200 28.65 -73.65 29.76
CA ASP G 200 27.45 -73.07 30.37
C ASP G 200 27.68 -71.97 31.43
N ASN G 201 28.27 -72.33 32.57
CA ASN G 201 28.38 -71.41 33.69
C ASN G 201 29.30 -70.21 33.40
N MET G 202 30.50 -70.52 32.91
CA MET G 202 31.59 -69.55 32.74
C MET G 202 31.32 -68.51 31.65
N ALA G 203 30.47 -68.85 30.67
CA ALA G 203 30.20 -67.99 29.52
C ALA G 203 29.80 -66.56 29.90
N TYR G 204 28.98 -66.44 30.92
CA TYR G 204 28.39 -65.16 31.31
C TYR G 204 29.28 -64.34 32.25
N LYS G 205 30.33 -64.94 32.79
CA LYS G 205 31.07 -64.32 33.89
C LYS G 205 31.66 -62.98 33.51
N GLU G 206 32.48 -62.99 32.46
CA GLU G 206 33.11 -61.78 31.95
C GLU G 206 32.11 -60.68 31.58
N MET G 207 30.94 -61.08 31.09
CA MET G 207 29.88 -60.13 30.77
C MET G 207 29.26 -59.53 32.04
N LYS G 208 29.02 -60.38 33.04
CA LYS G 208 28.56 -59.93 34.37
C LYS G 208 29.54 -58.92 34.97
N SER G 209 30.82 -59.27 34.94
CA SER G 209 31.89 -58.39 35.42
C SER G 209 31.90 -57.04 34.70
N LEU G 210 31.79 -57.08 33.37
CA LEU G 210 31.70 -55.85 32.57
C LEU G 210 30.50 -55.01 32.99
N PHE G 211 29.34 -55.64 33.07
CA PHE G 211 28.08 -54.95 33.40
C PHE G 211 28.11 -54.34 34.80
N GLU G 212 28.70 -55.05 35.75
CA GLU G 212 28.93 -54.48 37.08
C GLU G 212 29.62 -53.14 36.97
N ASP G 213 30.71 -53.12 36.20
CA ASP G 213 31.53 -51.91 36.05
C ASP G 213 30.79 -50.79 35.32
N ILE G 214 30.16 -51.10 34.18
CA ILE G 214 29.53 -50.05 33.37
C ILE G 214 28.15 -49.62 33.88
N SER G 215 27.62 -50.32 34.88
CA SER G 215 26.39 -49.91 35.56
C SER G 215 26.64 -49.16 36.88
N ASP G 216 27.92 -48.98 37.23
CA ASP G 216 28.29 -48.35 38.49
C ASP G 216 28.29 -46.82 38.39
N PRO G 217 27.32 -46.14 39.05
CA PRO G 217 27.16 -44.68 38.93
C PRO G 217 28.43 -43.88 39.19
N LYS G 218 29.29 -44.40 40.07
CA LYS G 218 30.58 -43.79 40.33
C LYS G 218 31.42 -43.83 39.06
N LYS G 219 31.78 -45.04 38.65
CA LYS G 219 32.57 -45.29 37.43
C LYS G 219 32.05 -44.50 36.23
N ILE G 220 30.73 -44.31 36.14
CA ILE G 220 30.13 -43.38 35.17
C ILE G 220 30.46 -41.94 35.56
N ALA G 221 31.76 -41.63 35.57
CA ALA G 221 32.29 -40.32 35.85
C ALA G 221 33.41 -40.08 34.80
N ALA G 222 32.97 -39.95 33.54
CA ALA G 222 33.85 -39.78 32.39
C ALA G 222 33.94 -38.31 31.99
N LEU G 223 32.78 -37.71 31.73
CA LEU G 223 32.68 -36.27 31.48
C LEU G 223 33.14 -35.50 32.71
N LYS G 224 32.58 -35.87 33.87
CA LYS G 224 32.94 -35.24 35.14
C LYS G 224 34.19 -35.87 35.75
N HIS H 8 68.26 -26.07 32.22
CA HIS H 8 69.61 -26.02 32.85
C HIS H 8 70.51 -27.16 32.32
N MET H 9 69.99 -28.38 32.34
CA MET H 9 70.78 -29.57 32.03
C MET H 9 71.17 -29.72 30.56
N ALA H 10 70.50 -29.01 29.65
CA ALA H 10 70.78 -29.12 28.21
C ALA H 10 72.18 -28.66 27.85
N ARG H 11 72.61 -27.59 28.48
CA ARG H 11 73.96 -27.11 28.36
C ARG H 11 75.08 -28.11 28.58
N ASN H 12 74.80 -29.11 29.42
CA ASN H 12 75.78 -30.11 29.77
C ASN H 12 76.16 -31.09 28.65
N TYR H 13 75.40 -31.13 27.56
CA TYR H 13 75.82 -31.86 26.35
C TYR H 13 77.00 -31.15 25.67
N ALA H 14 77.10 -29.84 25.83
CA ALA H 14 78.17 -29.07 25.19
C ALA H 14 79.25 -28.70 26.21
N TYR H 15 80.41 -28.27 25.74
CA TYR H 15 81.49 -27.85 26.66
C TYR H 15 81.14 -26.56 27.42
N PRO H 16 81.70 -26.36 28.64
CA PRO H 16 81.31 -25.18 29.42
C PRO H 16 81.80 -23.90 28.80
N HIS H 17 82.85 -24.00 28.01
CA HIS H 17 83.51 -22.84 27.42
C HIS H 17 83.34 -22.76 25.89
N MET H 18 82.83 -23.82 25.25
CA MET H 18 82.51 -23.79 23.82
C MET H 18 81.18 -24.46 23.46
N ASN H 19 80.52 -23.98 22.41
CA ASN H 19 79.20 -24.50 21.99
C ASN H 19 79.28 -25.90 21.34
N THR H 20 80.49 -26.37 21.06
CA THR H 20 80.71 -27.69 20.51
C THR H 20 80.25 -28.79 21.46
N LEU H 21 79.71 -29.87 20.87
CA LEU H 21 79.24 -31.01 21.67
C LEU H 21 80.42 -31.76 22.28
N LYS H 22 80.26 -32.15 23.55
CA LYS H 22 81.29 -32.92 24.22
C LYS H 22 81.50 -34.21 23.45
N ASN H 23 82.75 -34.61 23.28
CA ASN H 23 83.05 -35.82 22.53
C ASN H 23 84.30 -36.50 23.04
N LYS H 24 84.39 -37.80 22.76
CA LYS H 24 85.50 -38.62 23.25
C LYS H 24 86.84 -38.29 22.59
N HIS H 25 86.82 -37.55 21.49
CA HIS H 25 88.04 -37.15 20.82
C HIS H 25 88.64 -35.87 21.39
N ASN H 26 87.92 -35.22 22.29
CA ASN H 26 88.32 -33.92 22.85
C ASN H 26 88.53 -32.89 21.75
N ILE H 27 87.71 -32.95 20.71
CA ILE H 27 87.75 -32.01 19.60
C ILE H 27 86.84 -30.82 19.87
N MET H 28 87.38 -29.61 19.71
CA MET H 28 86.69 -28.38 20.07
C MET H 28 86.08 -27.66 18.88
N SER H 29 86.51 -28.00 17.67
CA SER H 29 85.94 -27.42 16.47
C SER H 29 84.73 -28.24 16.03
N THR H 30 83.59 -27.58 15.89
CA THR H 30 82.37 -28.25 15.43
C THR H 30 82.55 -28.80 14.02
N LYS H 31 83.25 -28.07 13.17
CA LYS H 31 83.52 -28.51 11.81
C LYS H 31 84.34 -29.79 11.77
N LYS H 32 85.45 -29.81 12.52
CA LYS H 32 86.31 -31.00 12.58
C LYS H 32 85.56 -32.18 13.20
N LEU H 33 84.76 -31.91 14.23
CA LEU H 33 83.98 -32.95 14.90
C LEU H 33 83.05 -33.64 13.91
N ALA H 34 82.35 -32.83 13.12
CA ALA H 34 81.50 -33.36 12.06
C ALA H 34 82.22 -34.35 11.16
N HIS H 35 83.41 -33.98 10.70
CA HIS H 35 84.21 -34.84 9.79
C HIS H 35 84.63 -36.16 10.43
N VAL H 36 85.19 -36.07 11.64
CA VAL H 36 85.62 -37.26 12.39
C VAL H 36 84.42 -38.17 12.65
N CYS H 37 83.30 -37.53 12.92
CA CYS H 37 82.05 -38.21 13.19
C CYS H 37 81.59 -39.01 11.97
N GLU H 38 81.59 -38.38 10.79
CA GLU H 38 81.23 -39.10 9.56
C GLU H 38 82.16 -40.28 9.35
N HIS H 39 83.43 -40.09 9.68
CA HIS H 39 84.42 -41.14 9.49
C HIS H 39 84.06 -42.42 10.25
N TYR H 40 83.83 -42.28 11.56
CA TYR H 40 83.54 -43.43 12.42
C TYR H 40 82.18 -44.06 12.11
N ALA H 41 81.21 -43.23 11.78
CA ALA H 41 79.89 -43.72 11.39
C ALA H 41 80.01 -44.66 10.19
N LYS H 42 80.79 -44.27 9.20
CA LYS H 42 81.01 -45.12 8.04
C LYS H 42 81.65 -46.45 8.38
N LYS H 43 82.65 -46.41 9.27
CA LYS H 43 83.32 -47.63 9.69
C LYS H 43 82.36 -48.55 10.42
N ALA H 44 81.49 -47.98 11.23
CA ALA H 44 80.53 -48.76 12.01
C ALA H 44 79.48 -49.41 11.11
N ILE H 45 79.08 -48.70 10.06
CA ILE H 45 78.11 -49.22 9.10
C ILE H 45 78.63 -50.49 8.43
N ILE H 46 79.95 -50.54 8.21
CA ILE H 46 80.55 -51.72 7.58
C ILE H 46 80.33 -52.96 8.44
N ASN H 47 80.57 -52.85 9.74
CA ASN H 47 80.33 -53.98 10.64
C ASN H 47 78.84 -54.24 10.83
N LEU H 48 78.07 -53.18 10.96
CA LEU H 48 76.62 -53.30 11.05
C LEU H 48 76.00 -54.05 9.86
N ASN H 49 76.50 -53.80 8.66
CA ASN H 49 75.97 -54.46 7.46
C ASN H 49 76.24 -55.95 7.42
N LYS H 50 77.16 -56.43 8.25
CA LYS H 50 77.40 -57.86 8.36
C LYS H 50 76.37 -58.55 9.25
N GLU H 51 75.54 -57.79 9.95
CA GLU H 51 74.62 -58.38 10.90
C GLU H 51 73.30 -58.72 10.26
N PRO H 52 72.65 -59.80 10.73
CA PRO H 52 71.30 -60.09 10.23
C PRO H 52 70.33 -58.98 10.59
N LEU H 53 69.31 -58.84 9.77
CA LEU H 53 68.26 -57.86 10.02
C LEU H 53 67.46 -58.37 11.20
N PRO H 54 67.05 -57.46 12.10
CA PRO H 54 66.34 -57.89 13.30
C PRO H 54 64.93 -58.37 12.95
N GLN H 55 64.38 -59.24 13.80
CA GLN H 55 62.98 -59.68 13.66
C GLN H 55 62.01 -58.55 13.99
N LYS H 56 62.32 -57.75 15.02
CA LYS H 56 61.47 -56.63 15.41
C LYS H 56 62.17 -55.31 15.07
N PHE H 57 61.52 -54.48 14.26
CA PHE H 57 61.98 -53.14 13.98
C PHE H 57 61.31 -52.22 14.98
N ASP H 58 62.10 -51.71 15.92
CA ASP H 58 61.56 -50.94 17.03
C ASP H 58 62.62 -49.94 17.52
N SER H 59 62.25 -49.18 18.54
CA SER H 59 63.11 -48.12 19.08
C SER H 59 64.40 -48.70 19.65
N SER H 60 64.34 -49.91 20.22
CA SER H 60 65.56 -50.59 20.67
C SER H 60 66.56 -50.74 19.53
N TYR H 61 66.11 -51.18 18.37
CA TYR H 61 66.98 -51.30 17.21
C TYR H 61 67.51 -49.93 16.77
N LEU H 62 66.62 -48.93 16.76
CA LEU H 62 67.01 -47.57 16.44
C LEU H 62 68.13 -47.08 17.35
N LYS H 63 67.98 -47.33 18.64
CA LYS H 63 68.98 -46.93 19.63
C LYS H 63 70.29 -47.67 19.42
N TYR H 64 70.19 -48.95 19.08
CA TYR H 64 71.39 -49.74 18.78
C TYR H 64 72.15 -49.16 17.57
N ILE H 65 71.43 -48.74 16.54
CA ILE H 65 72.05 -48.16 15.37
C ILE H 65 72.79 -46.88 15.78
N HIS H 66 72.12 -46.04 16.54
CA HIS H 66 72.70 -44.78 16.99
C HIS H 66 73.92 -45.08 17.86
N GLN H 67 73.80 -46.09 18.70
CA GLN H 67 74.91 -46.52 19.53
C GLN H 67 76.12 -46.88 18.67
N ARG H 68 75.90 -47.71 17.67
CA ARG H 68 76.99 -48.14 16.80
C ARG H 68 77.59 -46.99 15.99
N LEU H 69 76.73 -46.10 15.50
CA LEU H 69 77.18 -45.00 14.68
C LEU H 69 78.01 -44.00 15.46
N PHE H 70 77.71 -43.82 16.75
CA PHE H 70 78.30 -42.72 17.52
C PHE H 70 79.07 -43.08 18.79
N GLU H 71 79.21 -44.37 19.10
CA GLU H 71 79.88 -44.77 20.35
C GLU H 71 81.36 -44.40 20.44
N SER H 72 82.01 -44.14 19.31
CA SER H 72 83.41 -43.71 19.31
C SER H 72 83.56 -42.22 19.56
N THR H 73 82.44 -41.50 19.45
CA THR H 73 82.42 -40.04 19.49
C THR H 73 81.63 -39.48 20.68
N PHE H 74 80.44 -40.01 20.94
CA PHE H 74 79.61 -39.49 22.02
C PHE H 74 79.38 -40.50 23.12
N GLU H 75 79.62 -40.08 24.35
CA GLU H 75 79.45 -40.92 25.53
C GLU H 75 78.01 -41.41 25.65
N TRP H 76 77.07 -40.57 25.24
CA TRP H 76 75.63 -40.86 25.35
C TRP H 76 75.07 -41.58 24.12
N ALA H 77 75.93 -42.05 23.22
CA ALA H 77 75.46 -42.74 22.04
C ALA H 77 74.47 -43.82 22.44
N GLY H 78 73.32 -43.84 21.78
CA GLY H 78 72.31 -44.87 22.01
C GLY H 78 71.26 -44.44 23.02
N TYR H 79 71.58 -43.41 23.81
CA TYR H 79 70.67 -42.86 24.79
C TYR H 79 69.90 -41.67 24.22
N THR H 80 68.60 -41.64 24.48
CA THR H 80 67.73 -40.59 23.97
C THR H 80 67.79 -39.39 24.89
N ARG H 81 67.25 -38.27 24.43
CA ARG H 81 67.49 -36.98 25.11
C ARG H 81 66.58 -36.75 26.31
N ASP H 82 65.69 -37.71 26.56
CA ASP H 82 64.94 -37.78 27.82
C ASP H 82 65.68 -38.59 28.87
N PHE H 83 66.74 -39.28 28.46
CA PHE H 83 67.55 -40.04 29.40
C PHE H 83 68.50 -39.11 30.12
N SER H 84 68.44 -39.16 31.44
CA SER H 84 69.33 -38.33 32.27
C SER H 84 70.70 -38.95 32.23
N PHE H 85 71.58 -38.40 31.41
CA PHE H 85 72.87 -39.02 31.17
C PHE H 85 73.98 -38.42 32.02
N THR H 86 74.74 -39.28 32.70
CA THR H 86 75.89 -38.83 33.47
C THR H 86 77.16 -38.98 32.64
N PHE H 87 77.75 -37.83 32.31
CA PHE H 87 79.03 -37.79 31.63
C PHE H 87 80.16 -38.26 32.54
N ASP H 88 81.28 -38.61 31.93
CA ASP H 88 82.50 -38.99 32.63
C ASP H 88 82.99 -37.85 33.55
N ASP H 89 82.70 -36.61 33.19
CA ASP H 89 83.15 -35.43 33.92
C ASP H 89 82.26 -35.12 35.13
N GLY H 90 81.22 -35.92 35.34
CA GLY H 90 80.35 -35.76 36.52
C GLY H 90 79.05 -35.02 36.24
N THR H 91 78.96 -34.31 35.11
CA THR H 91 77.75 -33.55 34.81
C THR H 91 76.64 -34.43 34.27
N VAL H 92 75.40 -33.95 34.39
CA VAL H 92 74.21 -34.73 34.00
C VAL H 92 73.47 -33.95 32.91
N ALA H 93 73.24 -34.60 31.78
CA ALA H 93 72.65 -33.92 30.63
C ALA H 93 71.32 -34.51 30.22
N GLU H 94 70.45 -33.62 29.78
CA GLU H 94 69.12 -33.95 29.38
C GLU H 94 68.64 -32.82 28.47
N MET H 95 67.83 -33.12 27.47
CA MET H 95 67.33 -32.06 26.59
C MET H 95 65.87 -32.26 26.17
N PRO H 96 64.94 -31.81 27.03
CA PRO H 96 63.51 -31.98 26.76
C PRO H 96 62.99 -31.11 25.62
N MET H 97 63.56 -29.92 25.46
CA MET H 97 63.12 -29.01 24.41
C MET H 97 64.20 -28.91 23.34
N MET H 98 63.86 -29.27 22.12
CA MET H 98 64.75 -29.15 21.00
C MET H 98 63.97 -28.60 19.82
N LYS H 99 64.44 -27.49 19.30
CA LYS H 99 63.78 -26.76 18.26
C LYS H 99 64.19 -27.27 16.89
N VAL H 100 63.30 -27.16 15.92
CA VAL H 100 63.65 -27.47 14.53
C VAL H 100 64.54 -26.33 14.03
N PRO H 101 65.72 -26.66 13.47
CA PRO H 101 66.64 -25.59 13.05
C PRO H 101 65.99 -24.57 12.11
N ASN H 102 66.22 -23.29 12.41
CA ASN H 102 65.76 -22.16 11.60
C ASN H 102 64.24 -21.90 11.55
N LEU H 103 63.41 -22.86 11.98
CA LEU H 103 61.94 -22.84 11.66
C LEU H 103 60.79 -22.74 12.75
N ASP H 104 61.07 -22.21 13.94
CA ASP H 104 60.02 -22.00 15.01
C ASP H 104 58.92 -23.04 15.25
N ILE H 105 59.32 -24.28 15.07
CA ILE H 105 58.56 -25.43 15.55
C ILE H 105 59.47 -26.22 16.48
N PHE H 106 58.87 -26.94 17.42
CA PHE H 106 59.61 -27.81 18.33
C PHE H 106 59.38 -29.27 17.94
N TYR H 107 60.43 -30.08 18.06
CA TYR H 107 60.29 -31.53 18.01
C TYR H 107 59.51 -31.98 19.24
N VAL H 108 59.17 -33.25 19.30
CA VAL H 108 58.43 -33.79 20.45
C VAL H 108 59.14 -33.45 21.76
N GLN H 109 58.38 -32.93 22.72
CA GLN H 109 58.91 -32.62 24.05
C GLN H 109 59.47 -33.88 24.71
N GLY H 110 60.53 -33.71 25.48
CA GLY H 110 61.24 -34.81 26.12
C GLY H 110 60.34 -35.76 26.89
N ASN H 111 59.38 -35.19 27.61
CA ASN H 111 58.46 -35.99 28.42
C ASN H 111 57.51 -36.89 27.62
N ASP H 112 57.36 -36.61 26.32
CA ASP H 112 56.50 -37.40 25.43
C ASP H 112 57.29 -38.32 24.50
N ILE H 113 58.61 -38.35 24.60
CA ILE H 113 59.43 -39.15 23.70
C ILE H 113 59.10 -40.64 23.80
N GLN H 114 59.04 -41.14 25.02
CA GLN H 114 58.81 -42.57 25.26
C GLN H 114 57.46 -43.04 24.72
N GLU H 115 56.41 -42.26 24.96
CA GLU H 115 55.07 -42.62 24.51
C GLU H 115 55.03 -42.65 22.99
N ASN H 116 55.64 -41.65 22.35
CA ASN H 116 55.72 -41.61 20.89
C ASN H 116 56.54 -42.74 20.28
N LEU H 117 57.68 -43.06 20.88
CA LEU H 117 58.49 -44.18 20.40
C LEU H 117 57.72 -45.49 20.55
N LYS H 118 57.01 -45.63 21.67
CA LYS H 118 56.16 -46.80 21.88
C LYS H 118 55.10 -46.89 20.79
N LYS H 119 54.44 -45.76 20.49
CA LYS H 119 53.43 -45.73 19.43
C LYS H 119 54.04 -46.12 18.08
N PHE H 120 55.23 -45.59 17.81
CA PHE H 120 56.03 -45.94 16.64
C PHE H 120 56.28 -47.45 16.55
N ASP H 121 56.72 -48.04 17.66
CA ASP H 121 56.95 -49.48 17.73
C ASP H 121 55.66 -50.29 17.46
N GLN H 122 54.55 -49.84 18.04
CA GLN H 122 53.24 -50.52 17.88
C GLN H 122 52.74 -50.51 16.44
N LEU H 123 52.86 -49.36 15.78
CA LEU H 123 52.49 -49.27 14.37
C LEU H 123 53.24 -50.25 13.49
N LEU H 124 54.56 -50.30 13.66
CA LEU H 124 55.39 -51.21 12.88
C LEU H 124 55.02 -52.67 13.13
N ALA H 125 54.86 -53.01 14.40
CA ALA H 125 54.48 -54.37 14.80
C ALA H 125 53.10 -54.76 14.26
N SER H 126 52.14 -53.84 14.35
CA SER H 126 50.78 -54.06 13.86
C SER H 126 50.79 -54.25 12.35
N LYS H 127 51.67 -53.52 11.67
CA LYS H 127 51.81 -53.65 10.21
C LYS H 127 52.89 -54.65 9.79
N ASN H 128 53.34 -55.50 10.70
CA ASN H 128 54.31 -56.54 10.41
C ASN H 128 55.56 -56.02 9.69
N ASN H 129 56.13 -54.94 10.24
CA ASN H 129 57.35 -54.33 9.70
C ASN H 129 57.23 -53.94 8.23
N LEU H 130 55.99 -53.68 7.80
CA LEU H 130 55.66 -53.35 6.41
C LEU H 130 56.06 -54.41 5.40
N GLN H 131 56.03 -55.67 5.81
CA GLN H 131 56.32 -56.77 4.91
C GLN H 131 55.07 -57.17 4.14
N GLY H 132 55.27 -57.91 3.04
CA GLY H 132 54.17 -58.43 2.25
C GLY H 132 53.36 -57.34 1.56
N LEU H 133 54.04 -56.26 1.19
CA LEU H 133 53.39 -55.14 0.50
C LEU H 133 54.05 -54.92 -0.86
N SER H 134 53.32 -54.29 -1.77
CA SER H 134 53.86 -53.87 -3.04
C SER H 134 54.75 -52.64 -2.78
N ARG H 135 55.66 -52.36 -3.70
CA ARG H 135 56.58 -51.23 -3.59
C ARG H 135 55.82 -49.92 -3.36
N GLU H 136 54.68 -49.76 -4.06
CA GLU H 136 53.83 -48.56 -3.90
C GLU H 136 53.25 -48.46 -2.50
N GLU H 137 52.71 -49.56 -2.00
CA GLU H 137 52.12 -49.60 -0.65
C GLU H 137 53.19 -49.38 0.43
N PHE H 138 54.35 -50.01 0.24
CA PHE H 138 55.47 -49.82 1.14
C PHE H 138 55.88 -48.34 1.19
N VAL H 139 56.08 -47.75 0.02
CA VAL H 139 56.44 -46.33 -0.08
C VAL H 139 55.45 -45.45 0.69
N ASP H 140 54.16 -45.69 0.50
CA ASP H 140 53.12 -44.93 1.17
C ASP H 140 53.24 -45.06 2.69
N GLU H 141 53.27 -46.30 3.18
CA GLU H 141 53.30 -46.56 4.62
C GLU H 141 54.62 -46.10 5.25
N ALA H 142 55.72 -46.36 4.55
CA ALA H 142 57.04 -46.00 5.06
C ALA H 142 57.19 -44.49 5.21
N ALA H 143 56.72 -43.74 4.21
CA ALA H 143 56.82 -42.28 4.24
C ALA H 143 56.12 -41.68 5.45
N LYS H 144 54.95 -42.21 5.78
CA LYS H 144 54.17 -41.75 6.93
C LYS H 144 54.90 -41.99 8.25
N LEU H 145 55.49 -43.18 8.38
CA LEU H 145 56.28 -43.50 9.58
C LEU H 145 57.53 -42.68 9.68
N PHE H 146 58.15 -42.37 8.55
CA PHE H 146 59.38 -41.59 8.53
C PHE H 146 59.11 -40.20 9.04
N VAL H 147 58.02 -39.61 8.56
CA VAL H 147 57.60 -38.28 9.00
C VAL H 147 57.37 -38.28 10.51
N PHE H 148 56.68 -39.31 10.99
CA PHE H 148 56.38 -39.42 12.40
C PHE H 148 57.67 -39.47 13.23
N LEU H 149 58.56 -40.39 12.88
CA LEU H 149 59.79 -40.58 13.62
C LEU H 149 60.65 -39.33 13.58
N ASN H 150 60.70 -38.71 12.41
CA ASN H 150 61.47 -37.49 12.25
C ASN H 150 61.04 -36.41 13.25
N SER H 151 59.72 -36.31 13.48
CA SER H 151 59.19 -35.28 14.38
C SER H 151 59.50 -35.56 15.86
N ILE H 152 59.83 -36.82 16.16
CA ILE H 152 60.20 -37.22 17.51
C ILE H 152 61.61 -36.75 17.84
N ALA H 153 62.53 -36.99 16.91
CA ALA H 153 63.94 -36.64 17.07
C ALA H 153 64.45 -37.06 18.44
N PRO H 154 64.43 -38.37 18.72
CA PRO H 154 64.65 -38.88 20.07
C PRO H 154 66.05 -38.65 20.63
N PHE H 155 67.05 -38.43 19.77
CA PHE H 155 68.43 -38.23 20.22
C PHE H 155 68.83 -36.76 20.25
N ARG H 156 69.81 -36.44 21.08
CA ARG H 156 70.36 -35.08 21.18
C ARG H 156 70.93 -34.61 19.84
N ALA H 157 71.56 -35.53 19.12
CA ALA H 157 72.05 -35.28 17.78
C ALA H 157 72.25 -36.62 17.08
N GLY H 158 72.44 -36.56 15.77
CA GLY H 158 72.60 -37.77 14.95
C GLY H 158 71.31 -38.48 14.60
N ASN H 159 70.18 -37.77 14.71
CA ASN H 159 68.88 -38.36 14.38
C ASN H 159 68.81 -38.76 12.90
N GLU H 160 69.24 -37.86 12.02
CA GLU H 160 69.06 -38.05 10.57
C GLU H 160 69.74 -39.33 10.07
N PRO H 161 71.08 -39.46 10.20
CA PRO H 161 71.72 -40.68 9.72
C PRO H 161 71.21 -41.95 10.40
N THR H 162 70.82 -41.86 11.67
CA THR H 162 70.28 -43.01 12.39
C THR H 162 68.96 -43.49 11.79
N GLN H 163 68.02 -42.57 11.59
CA GLN H 163 66.72 -42.93 11.00
C GLN H 163 66.86 -43.41 9.55
N ARG H 164 67.80 -42.86 8.79
CA ARG H 164 67.99 -43.33 7.42
C ARG H 164 68.47 -44.78 7.39
N VAL H 165 69.44 -45.12 8.23
CA VAL H 165 69.93 -46.50 8.27
C VAL H 165 68.79 -47.43 8.67
N PHE H 166 67.99 -46.99 9.63
CA PHE H 166 66.85 -47.78 10.11
C PHE H 166 65.90 -48.07 8.98
N PHE H 167 65.53 -47.04 8.21
CA PHE H 167 64.57 -47.23 7.12
C PHE H 167 65.15 -48.00 5.94
N GLU H 168 66.43 -47.83 5.65
CA GLU H 168 67.07 -48.64 4.62
C GLU H 168 67.02 -50.11 5.00
N LYS H 169 67.29 -50.41 6.27
CA LYS H 169 67.21 -51.78 6.78
C LYS H 169 65.79 -52.33 6.79
N LEU H 170 64.84 -51.46 7.11
CA LEU H 170 63.42 -51.82 7.10
C LEU H 170 62.95 -52.19 5.69
N ALA H 171 63.35 -51.37 4.70
CA ALA H 171 63.04 -51.60 3.30
C ALA H 171 63.59 -52.94 2.82
N GLU H 172 64.85 -53.18 3.11
CA GLU H 172 65.50 -54.44 2.77
C GLU H 172 64.73 -55.63 3.34
N ALA H 173 64.41 -55.59 4.63
CA ALA H 173 63.67 -56.68 5.28
C ALA H 173 62.25 -56.83 4.73
N ALA H 174 61.70 -55.74 4.22
CA ALA H 174 60.37 -55.75 3.61
C ALA H 174 60.38 -56.20 2.15
N GLY H 175 61.54 -56.58 1.63
CA GLY H 175 61.66 -57.04 0.25
C GLY H 175 61.83 -55.92 -0.77
N HIS H 176 62.09 -54.71 -0.30
CA HIS H 176 62.30 -53.57 -1.21
C HIS H 176 63.66 -52.94 -0.93
N GLN H 177 63.83 -51.69 -1.36
CA GLN H 177 65.09 -50.99 -1.21
C GLN H 177 64.83 -49.51 -0.98
N LEU H 178 65.71 -48.89 -0.18
CA LEU H 178 65.76 -47.45 -0.03
C LEU H 178 67.22 -47.01 -0.01
N ASP H 179 67.58 -46.05 -0.84
CA ASP H 179 68.90 -45.47 -0.78
C ASP H 179 68.81 -43.96 -0.73
N PHE H 180 68.91 -43.40 0.47
CA PHE H 180 68.79 -41.96 0.67
C PHE H 180 69.88 -41.17 -0.07
N SER H 181 71.04 -41.80 -0.29
CA SER H 181 72.15 -41.13 -0.96
C SER H 181 71.85 -40.85 -2.44
N VAL H 182 70.79 -41.46 -2.99
CA VAL H 182 70.42 -41.15 -4.39
C VAL H 182 69.69 -39.79 -4.48
N ALA H 183 69.27 -39.23 -3.35
CA ALA H 183 68.56 -37.95 -3.33
C ALA H 183 69.35 -36.88 -2.60
N THR H 184 69.15 -35.64 -3.02
CA THR H 184 69.87 -34.51 -2.46
C THR H 184 69.44 -34.18 -1.01
N GLU H 185 70.36 -33.60 -0.25
CA GLU H 185 70.10 -33.25 1.14
C GLU H 185 69.00 -32.20 1.23
N LYS H 186 69.04 -31.24 0.32
CA LYS H 186 68.03 -30.19 0.25
C LYS H 186 66.61 -30.75 0.11
N ARG H 187 66.47 -31.81 -0.70
CA ARG H 187 65.15 -32.42 -0.97
C ARG H 187 64.66 -33.18 0.24
N ILE H 188 65.54 -33.95 0.86
CA ILE H 188 65.20 -34.73 2.04
C ILE H 188 64.71 -33.79 3.15
N MET H 189 65.43 -32.69 3.35
CA MET H 189 65.06 -31.69 4.34
C MET H 189 63.69 -31.09 4.01
N ARG H 190 63.49 -30.69 2.75
CA ARG H 190 62.22 -30.12 2.29
C ARG H 190 61.05 -31.05 2.62
N ALA H 191 61.23 -32.35 2.40
CA ALA H 191 60.21 -33.34 2.71
C ALA H 191 59.96 -33.43 4.22
N CYS H 192 61.02 -33.41 5.02
CA CYS H 192 60.87 -33.44 6.47
C CYS H 192 60.11 -32.22 6.96
N ILE H 193 60.45 -31.05 6.43
CA ILE H 193 59.80 -29.81 6.82
C ILE H 193 58.30 -29.84 6.46
N ASP H 194 57.99 -30.25 5.23
CA ASP H 194 56.59 -30.40 4.82
C ASP H 194 55.86 -31.32 5.78
N GLY H 195 56.50 -32.42 6.14
CA GLY H 195 55.95 -33.37 7.09
C GLY H 195 55.56 -32.78 8.43
N MET H 196 56.26 -31.73 8.86
CA MET H 196 56.01 -31.09 10.15
C MET H 196 55.18 -29.81 10.07
N THR H 197 54.99 -29.28 8.85
CA THR H 197 54.26 -28.02 8.69
C THR H 197 52.89 -28.14 8.02
N LEU H 198 52.76 -29.00 7.01
CA LEU H 198 51.54 -29.03 6.21
C LEU H 198 50.38 -29.77 6.88
N LYS H 199 49.15 -29.39 6.53
CA LYS H 199 47.94 -30.03 7.04
C LYS H 199 47.87 -31.52 6.71
N ASP H 200 47.07 -32.23 7.50
CA ASP H 200 46.97 -33.69 7.48
C ASP H 200 47.40 -34.40 6.19
N ASN H 201 46.65 -34.20 5.10
CA ASN H 201 46.87 -34.94 3.87
C ASN H 201 48.20 -34.62 3.20
N MET H 202 48.47 -33.33 3.06
CA MET H 202 49.61 -32.84 2.27
C MET H 202 50.97 -33.10 2.91
N ALA H 203 51.00 -33.26 4.23
CA ALA H 203 52.26 -33.43 4.97
C ALA H 203 53.15 -34.52 4.41
N TYR H 204 52.53 -35.63 4.02
CA TYR H 204 53.26 -36.82 3.60
C TYR H 204 53.64 -36.82 2.12
N LYS H 205 53.10 -35.89 1.33
CA LYS H 205 53.22 -35.97 -0.12
C LYS H 205 54.65 -35.96 -0.61
N GLU H 206 55.37 -34.91 -0.24
CA GLU H 206 56.77 -34.76 -0.59
C GLU H 206 57.64 -35.94 -0.15
N MET H 207 57.30 -36.51 0.99
CA MET H 207 58.03 -37.69 1.49
C MET H 207 57.72 -38.92 0.64
N LYS H 208 56.44 -39.10 0.29
CA LYS H 208 56.01 -40.16 -0.64
C LYS H 208 56.77 -40.05 -1.96
N SER H 209 56.77 -38.85 -2.51
CA SER H 209 57.49 -38.56 -3.76
C SER H 209 58.98 -38.91 -3.66
N LEU H 210 59.62 -38.50 -2.57
CA LEU H 210 61.03 -38.83 -2.32
C LEU H 210 61.23 -40.35 -2.27
N PHE H 211 60.39 -41.03 -1.49
CA PHE H 211 60.50 -42.48 -1.31
C PHE H 211 60.27 -43.24 -2.61
N GLU H 212 59.33 -42.80 -3.42
CA GLU H 212 59.15 -43.37 -4.76
C GLU H 212 60.47 -43.37 -5.50
N ASP H 213 61.14 -42.22 -5.51
CA ASP H 213 62.40 -42.06 -6.24
C ASP H 213 63.53 -42.91 -5.66
N ILE H 214 63.73 -42.86 -4.35
CA ILE H 214 64.88 -43.55 -3.73
C ILE H 214 64.64 -45.06 -3.52
N SER H 215 63.42 -45.52 -3.77
CA SER H 215 63.12 -46.96 -3.77
C SER H 215 63.12 -47.57 -5.17
N ASP H 216 63.37 -46.75 -6.19
CA ASP H 216 63.34 -47.19 -7.60
C ASP H 216 64.69 -47.78 -8.06
N PRO H 217 64.75 -49.11 -8.26
CA PRO H 217 66.00 -49.78 -8.63
C PRO H 217 66.74 -49.18 -9.83
N LYS H 218 65.99 -48.61 -10.77
CA LYS H 218 66.57 -47.91 -11.92
C LYS H 218 67.33 -46.68 -11.43
N LYS H 219 66.60 -45.72 -10.87
CA LYS H 219 67.16 -44.48 -10.32
C LYS H 219 68.38 -44.72 -9.42
N ILE H 220 68.37 -45.80 -8.65
CA ILE H 220 69.54 -46.16 -7.81
C ILE H 220 70.75 -46.57 -8.66
N ALA H 221 70.49 -47.10 -9.85
CA ALA H 221 71.55 -47.37 -10.83
C ALA H 221 72.03 -46.12 -11.55
N ALA H 222 71.16 -45.13 -11.70
CA ALA H 222 71.49 -43.94 -12.50
C ALA H 222 72.26 -42.91 -11.68
N LEU H 223 71.60 -42.23 -10.74
CA LEU H 223 72.20 -41.21 -9.89
C LEU H 223 73.34 -41.80 -9.06
N HIS I 8 18.09 20.38 -10.03
CA HIS I 8 19.17 20.23 -11.08
C HIS I 8 19.53 18.76 -11.31
N MET I 9 19.78 18.03 -10.22
CA MET I 9 20.31 16.67 -10.30
C MET I 9 19.31 15.63 -10.82
N ALA I 10 18.02 15.95 -10.84
CA ALA I 10 17.00 15.00 -11.32
C ALA I 10 17.14 14.65 -12.80
N ARG I 11 17.45 15.66 -13.61
CA ARG I 11 17.68 15.44 -15.06
C ARG I 11 18.82 14.41 -15.35
N ASN I 12 19.72 14.18 -14.40
CA ASN I 12 20.80 13.22 -14.58
C ASN I 12 20.43 11.75 -14.58
N TYR I 13 19.20 11.40 -14.15
CA TYR I 13 18.68 10.05 -14.39
C TYR I 13 18.39 9.80 -15.87
N ALA I 14 18.06 10.85 -16.61
CA ALA I 14 17.73 10.71 -18.02
C ALA I 14 18.92 11.15 -18.90
N TYR I 15 18.91 10.82 -20.19
CA TYR I 15 20.01 11.22 -21.10
C TYR I 15 20.05 12.74 -21.30
N PRO I 16 21.23 13.33 -21.54
CA PRO I 16 21.26 14.78 -21.73
C PRO I 16 20.52 15.27 -22.96
N HIS I 17 20.40 14.39 -23.95
CA HIS I 17 19.80 14.74 -25.24
C HIS I 17 18.45 14.05 -25.48
N MET I 18 18.06 13.09 -24.64
CA MET I 18 16.71 12.45 -24.70
C MET I 18 16.06 12.24 -23.32
N ASN I 19 14.73 12.29 -23.27
CA ASN I 19 13.98 12.13 -22.01
C ASN I 19 13.99 10.69 -21.47
N THR I 20 14.47 9.74 -22.26
CA THR I 20 14.58 8.36 -21.85
C THR I 20 15.54 8.17 -20.68
N LEU I 21 15.21 7.24 -19.79
CA LEU I 21 16.04 6.96 -18.63
C LEU I 21 17.34 6.27 -19.05
N LYS I 22 18.44 6.69 -18.44
CA LYS I 22 19.74 6.09 -18.76
C LYS I 22 19.65 4.62 -18.41
N ASN I 23 20.21 3.77 -19.27
CA ASN I 23 20.18 2.34 -19.02
C ASN I 23 21.38 1.62 -19.59
N LYS I 24 21.67 0.45 -19.02
CA LYS I 24 22.86 -0.32 -19.37
C LYS I 24 22.80 -0.91 -20.77
N HIS I 25 21.61 -0.93 -21.39
CA HIS I 25 21.46 -1.43 -22.74
C HIS I 25 21.75 -0.35 -23.78
N ASN I 26 21.93 0.91 -23.35
CA ASN I 26 22.09 2.04 -24.28
C ASN I 26 20.91 2.17 -25.23
N ILE I 27 19.71 1.87 -24.74
CA ILE I 27 18.49 2.00 -25.51
C ILE I 27 17.89 3.38 -25.34
N MET I 28 17.55 4.02 -26.46
CA MET I 28 17.11 5.41 -26.47
C MET I 28 15.60 5.55 -26.59
N SER I 29 14.93 4.50 -27.02
CA SER I 29 13.47 4.52 -27.12
C SER I 29 12.87 4.10 -25.78
N THR I 30 12.01 4.94 -25.24
CA THR I 30 11.33 4.64 -23.98
C THR I 30 10.45 3.39 -24.12
N LYS I 31 9.79 3.26 -25.28
CA LYS I 31 8.95 2.09 -25.55
C LYS I 31 9.75 0.79 -25.55
N LYS I 32 10.86 0.76 -26.29
CA LYS I 32 11.70 -0.43 -26.35
C LYS I 32 12.31 -0.73 -24.98
N LEU I 33 12.71 0.32 -24.26
CA LEU I 33 13.29 0.15 -22.92
C LEU I 33 12.31 -0.55 -22.00
N ALA I 34 11.07 -0.11 -22.01
CA ALA I 34 10.01 -0.76 -21.23
C ALA I 34 9.95 -2.25 -21.49
N HIS I 35 9.97 -2.63 -22.76
CA HIS I 35 9.90 -4.04 -23.15
C HIS I 35 11.07 -4.87 -22.63
N VAL I 36 12.28 -4.38 -22.88
CA VAL I 36 13.51 -5.07 -22.46
C VAL I 36 13.51 -5.19 -20.95
N CYS I 37 12.99 -4.15 -20.31
CA CYS I 37 12.92 -4.06 -18.87
C CYS I 37 12.02 -5.15 -18.31
N GLU I 38 10.83 -5.28 -18.87
CA GLU I 38 9.92 -6.34 -18.47
C GLU I 38 10.55 -7.71 -18.68
N HIS I 39 11.31 -7.87 -19.76
CA HIS I 39 11.98 -9.14 -20.06
C HIS I 39 12.92 -9.57 -18.92
N TYR I 40 13.83 -8.69 -18.53
CA TYR I 40 14.81 -9.00 -17.47
C TYR I 40 14.18 -9.18 -16.10
N ALA I 41 13.18 -8.35 -15.82
CA ALA I 41 12.45 -8.45 -14.57
C ALA I 41 11.86 -9.85 -14.41
N LYS I 42 11.25 -10.36 -15.47
CA LYS I 42 10.65 -11.70 -15.45
C LYS I 42 11.72 -12.78 -15.20
N LYS I 43 12.88 -12.63 -15.82
CA LYS I 43 13.97 -13.58 -15.59
C LYS I 43 14.46 -13.57 -14.18
N ALA I 44 14.53 -12.38 -13.59
CA ALA I 44 15.03 -12.22 -12.25
C ALA I 44 14.05 -12.81 -11.23
N ILE I 45 12.75 -12.66 -11.51
CA ILE I 45 11.71 -13.21 -10.66
C ILE I 45 11.85 -14.73 -10.56
N ILE I 46 12.29 -15.37 -11.63
CA ILE I 46 12.46 -16.81 -11.62
C ILE I 46 13.49 -17.24 -10.58
N ASN I 47 14.62 -16.55 -10.55
CA ASN I 47 15.65 -16.86 -9.54
C ASN I 47 15.24 -16.41 -8.16
N LEU I 48 14.62 -15.25 -8.09
CA LEU I 48 14.07 -14.76 -6.83
C LEU I 48 13.06 -15.72 -6.19
N ASN I 49 12.21 -16.35 -7.00
CA ASN I 49 11.20 -17.29 -6.48
C ASN I 49 11.80 -18.57 -5.92
N LYS I 50 13.06 -18.85 -6.24
CA LYS I 50 13.75 -19.97 -5.61
C LYS I 50 14.23 -19.65 -4.19
N GLU I 51 14.16 -18.40 -3.78
CA GLU I 51 14.75 -18.02 -2.50
C GLU I 51 13.73 -18.16 -1.39
N PRO I 52 14.18 -18.52 -0.18
CA PRO I 52 13.28 -18.48 0.94
C PRO I 52 12.76 -17.08 1.20
N LEU I 53 11.57 -17.02 1.77
CA LEU I 53 10.98 -15.77 2.16
C LEU I 53 11.75 -15.23 3.36
N PRO I 54 12.00 -13.92 3.40
CA PRO I 54 12.82 -13.37 4.47
C PRO I 54 12.08 -13.38 5.78
N GLN I 55 12.84 -13.41 6.87
CA GLN I 55 12.24 -13.30 8.21
C GLN I 55 11.68 -11.90 8.48
N LYS I 56 12.39 -10.87 8.02
CA LYS I 56 11.91 -9.48 8.18
C LYS I 56 11.50 -8.93 6.85
N PHE I 57 10.26 -8.46 6.78
CA PHE I 57 9.77 -7.75 5.61
C PHE I 57 9.97 -6.27 5.88
N ASP I 58 10.92 -5.69 5.16
CA ASP I 58 11.35 -4.32 5.44
C ASP I 58 11.88 -3.68 4.18
N SER I 59 12.32 -2.44 4.30
CA SER I 59 12.77 -1.64 3.14
C SER I 59 14.01 -2.24 2.53
N SER I 60 14.86 -2.85 3.35
CA SER I 60 16.00 -3.59 2.81
C SER I 60 15.57 -4.67 1.82
N TYR I 61 14.56 -5.45 2.19
CA TYR I 61 14.05 -6.48 1.27
C TYR I 61 13.42 -5.86 0.03
N LEU I 62 12.67 -4.77 0.21
CA LEU I 62 12.14 -4.02 -0.91
C LEU I 62 13.24 -3.58 -1.89
N LYS I 63 14.33 -3.04 -1.35
CA LYS I 63 15.45 -2.56 -2.17
C LYS I 63 16.12 -3.72 -2.87
N TYR I 64 16.22 -4.85 -2.19
CA TYR I 64 16.81 -6.05 -2.79
C TYR I 64 15.96 -6.53 -3.98
N ILE I 65 14.64 -6.46 -3.86
CA ILE I 65 13.77 -6.85 -4.94
C ILE I 65 13.96 -5.95 -6.15
N HIS I 66 13.97 -4.65 -5.89
CA HIS I 66 14.20 -3.67 -6.94
C HIS I 66 15.57 -3.88 -7.57
N GLN I 67 16.57 -4.15 -6.74
CA GLN I 67 17.91 -4.46 -7.24
C GLN I 67 17.87 -5.64 -8.21
N ARG I 68 17.25 -6.73 -7.78
CA ARG I 68 17.16 -7.90 -8.64
C ARG I 68 16.36 -7.67 -9.93
N LEU I 69 15.28 -6.92 -9.81
CA LEU I 69 14.42 -6.67 -10.96
C LEU I 69 15.07 -5.81 -12.00
N PHE I 70 15.91 -4.87 -11.58
CA PHE I 70 16.42 -3.84 -12.48
C PHE I 70 17.93 -3.75 -12.66
N GLU I 71 18.69 -4.63 -12.03
CA GLU I 71 20.18 -4.52 -12.07
C GLU I 71 20.79 -4.73 -13.45
N SER I 72 20.05 -5.37 -14.36
CA SER I 72 20.52 -5.54 -15.74
C SER I 72 20.27 -4.31 -16.61
N THR I 73 19.44 -3.41 -16.12
CA THR I 73 18.94 -2.27 -16.86
C THR I 73 19.37 -0.92 -16.27
N PHE I 74 19.25 -0.74 -14.96
CA PHE I 74 19.55 0.53 -14.33
C PHE I 74 20.71 0.42 -13.35
N GLU I 75 21.67 1.32 -13.51
CA GLU I 75 22.88 1.36 -12.70
C GLU I 75 22.53 1.59 -11.24
N TRP I 76 21.49 2.37 -11.01
CA TRP I 76 21.02 2.71 -9.65
C TRP I 76 20.02 1.70 -9.05
N ALA I 77 19.84 0.54 -9.70
CA ALA I 77 18.88 -0.45 -9.19
C ALA I 77 19.14 -0.72 -7.72
N GLY I 78 18.08 -0.69 -6.92
CA GLY I 78 18.18 -0.95 -5.48
C GLY I 78 18.41 0.30 -4.64
N TYR I 79 18.86 1.39 -5.28
CA TYR I 79 19.06 2.67 -4.62
C TYR I 79 17.82 3.55 -4.76
N THR I 80 17.44 4.20 -3.66
CA THR I 80 16.27 5.04 -3.62
C THR I 80 16.60 6.41 -4.15
N ARG I 81 15.57 7.22 -4.42
CA ARG I 81 15.79 8.49 -5.11
C ARG I 81 16.34 9.63 -4.22
N ASP I 82 16.50 9.35 -2.92
CA ASP I 82 17.19 10.24 -1.99
C ASP I 82 18.66 9.88 -1.93
N PHE I 83 19.05 8.76 -2.53
CA PHE I 83 20.44 8.39 -2.63
C PHE I 83 21.11 9.13 -3.74
N SER I 84 22.18 9.82 -3.40
CA SER I 84 22.92 10.58 -4.38
C SER I 84 23.78 9.61 -5.18
N PHE I 85 23.32 9.28 -6.39
CA PHE I 85 23.91 8.21 -7.18
C PHE I 85 24.89 8.73 -8.24
N THR I 86 26.10 8.17 -8.27
CA THR I 86 27.10 8.50 -9.31
C THR I 86 27.05 7.50 -10.45
N PHE I 87 26.63 7.98 -11.60
CA PHE I 87 26.60 7.18 -12.80
C PHE I 87 28.01 6.91 -13.34
N ASP I 88 28.11 5.91 -14.19
CA ASP I 88 29.34 5.53 -14.84
C ASP I 88 29.90 6.70 -15.68
N ASP I 89 29.01 7.56 -16.17
CA ASP I 89 29.38 8.69 -17.01
C ASP I 89 29.87 9.91 -16.19
N GLY I 90 29.89 9.82 -14.87
CA GLY I 90 30.42 10.88 -14.00
C GLY I 90 29.37 11.79 -13.39
N THR I 91 28.14 11.74 -13.91
CA THR I 91 27.05 12.56 -13.38
C THR I 91 26.42 12.00 -12.12
N VAL I 92 25.81 12.87 -11.33
CA VAL I 92 25.27 12.53 -10.02
C VAL I 92 23.77 12.80 -10.02
N ALA I 93 22.98 11.77 -9.72
CA ALA I 93 21.52 11.88 -9.82
C ALA I 93 20.80 11.69 -8.49
N GLU I 94 19.74 12.48 -8.33
CA GLU I 94 18.95 12.49 -7.14
C GLU I 94 17.60 13.08 -7.54
N MET I 95 16.51 12.60 -6.92
CA MET I 95 15.19 13.13 -7.25
C MET I 95 14.27 13.28 -6.04
N PRO I 96 14.41 14.41 -5.32
CA PRO I 96 13.61 14.64 -4.13
C PRO I 96 12.15 14.91 -4.41
N MET I 97 11.85 15.53 -5.54
CA MET I 97 10.49 15.86 -5.88
C MET I 97 10.05 15.00 -7.06
N MET I 98 9.01 14.20 -6.83
CA MET I 98 8.42 13.40 -7.88
C MET I 98 6.91 13.51 -7.78
N LYS I 99 6.30 13.96 -8.86
CA LYS I 99 4.87 14.24 -8.92
C LYS I 99 4.12 12.99 -9.32
N VAL I 100 2.88 12.90 -8.85
CA VAL I 100 2.00 11.82 -9.27
C VAL I 100 1.60 12.15 -10.70
N PRO I 101 1.76 11.20 -11.63
CA PRO I 101 1.46 11.49 -13.03
C PRO I 101 0.04 12.00 -13.25
N ASN I 102 -0.06 13.08 -14.03
CA ASN I 102 -1.35 13.69 -14.41
C ASN I 102 -2.15 14.41 -13.30
N LEU I 103 -1.75 14.24 -12.04
CA LEU I 103 -2.40 14.93 -10.92
C LEU I 103 -1.47 15.96 -10.27
N ASP I 104 -2.06 16.87 -9.50
CA ASP I 104 -1.32 17.94 -8.84
C ASP I 104 -0.95 17.59 -7.41
N ILE I 105 -0.48 16.37 -7.19
CA ILE I 105 -0.01 15.91 -5.89
C ILE I 105 1.39 15.34 -6.01
N PHE I 106 2.14 15.41 -4.93
CA PHE I 106 3.49 14.88 -4.90
C PHE I 106 3.55 13.60 -4.07
N TYR I 107 4.38 12.66 -4.49
CA TYR I 107 4.81 11.59 -3.61
C TYR I 107 5.64 12.19 -2.48
N VAL I 108 5.98 11.37 -1.49
CA VAL I 108 6.79 11.82 -0.37
C VAL I 108 8.09 12.53 -0.86
N GLN I 109 8.36 13.71 -0.30
CA GLN I 109 9.58 14.45 -0.60
C GLN I 109 10.79 13.60 -0.26
N GLY I 110 11.83 13.74 -1.06
CA GLY I 110 13.05 12.99 -0.89
C GLY I 110 13.59 12.99 0.53
N ASN I 111 13.54 14.13 1.19
CA ASN I 111 14.09 14.27 2.54
C ASN I 111 13.34 13.50 3.61
N ASP I 112 12.11 13.07 3.30
CA ASP I 112 11.28 12.31 4.22
C ASP I 112 11.22 10.83 3.87
N ILE I 113 11.90 10.41 2.80
CA ILE I 113 11.79 9.02 2.35
C ILE I 113 12.24 8.06 3.44
N GLN I 114 13.39 8.34 4.04
CA GLN I 114 13.95 7.43 5.03
C GLN I 114 13.04 7.25 6.26
N GLU I 115 12.51 8.36 6.76
CA GLU I 115 11.70 8.35 7.95
C GLU I 115 10.41 7.53 7.68
N ASN I 116 9.82 7.74 6.51
CA ASN I 116 8.67 7.00 6.09
C ASN I 116 8.94 5.52 5.90
N LEU I 117 10.06 5.16 5.27
CA LEU I 117 10.41 3.76 5.11
C LEU I 117 10.64 3.10 6.44
N LYS I 118 11.28 3.83 7.35
CA LYS I 118 11.47 3.35 8.70
C LYS I 118 10.12 3.10 9.36
N LYS I 119 9.20 4.04 9.24
CA LYS I 119 7.87 3.88 9.83
C LYS I 119 7.14 2.66 9.24
N PHE I 120 7.28 2.49 7.92
CA PHE I 120 6.81 1.32 7.20
C PHE I 120 7.37 0.02 7.75
N ASP I 121 8.70 -0.02 7.94
CA ASP I 121 9.34 -1.17 8.58
C ASP I 121 8.79 -1.47 10.02
N GLN I 122 8.60 -0.42 10.81
CA GLN I 122 8.13 -0.54 12.18
C GLN I 122 6.71 -1.10 12.27
N LEU I 123 5.82 -0.61 11.41
CA LEU I 123 4.45 -1.11 11.31
C LEU I 123 4.40 -2.61 11.05
N LEU I 124 5.17 -3.04 10.06
CA LEU I 124 5.23 -4.46 9.71
C LEU I 124 5.78 -5.32 10.85
N ALA I 125 6.86 -4.86 11.45
CA ALA I 125 7.49 -5.56 12.57
C ALA I 125 6.56 -5.66 13.78
N SER I 126 5.88 -4.56 14.09
CA SER I 126 4.94 -4.48 15.21
C SER I 126 3.76 -5.42 14.97
N LYS I 127 3.35 -5.56 13.71
CA LYS I 127 2.26 -6.47 13.35
C LYS I 127 2.76 -7.85 12.88
N ASN I 128 4.01 -8.18 13.19
CA ASN I 128 4.58 -9.50 12.88
C ASN I 128 4.37 -9.91 11.42
N ASN I 129 4.69 -9.00 10.50
CA ASN I 129 4.59 -9.24 9.06
C ASN I 129 3.19 -9.68 8.63
N LEU I 130 2.19 -9.27 9.41
CA LEU I 130 0.79 -9.61 9.19
C LEU I 130 0.50 -11.10 9.19
N GLN I 131 1.28 -11.84 9.97
CA GLN I 131 1.03 -13.27 10.14
C GLN I 131 -0.04 -13.52 11.20
N GLY I 132 -0.58 -14.73 11.20
CA GLY I 132 -1.55 -15.16 12.20
C GLY I 132 -2.87 -14.41 12.11
N LEU I 133 -3.26 -14.05 10.89
CA LEU I 133 -4.49 -13.32 10.66
C LEU I 133 -5.37 -14.09 9.68
N SER I 134 -6.67 -13.81 9.76
CA SER I 134 -7.62 -14.34 8.81
C SER I 134 -7.39 -13.57 7.49
N ARG I 135 -7.84 -14.16 6.39
CA ARG I 135 -7.74 -13.54 5.09
C ARG I 135 -8.34 -12.14 5.08
N GLU I 136 -9.48 -11.98 5.74
CA GLU I 136 -10.17 -10.70 5.83
C GLU I 136 -9.28 -9.66 6.55
N GLU I 137 -8.71 -10.06 7.70
CA GLU I 137 -7.87 -9.19 8.52
C GLU I 137 -6.59 -8.81 7.77
N PHE I 138 -6.00 -9.81 7.11
CA PHE I 138 -4.84 -9.59 6.29
C PHE I 138 -5.12 -8.58 5.19
N VAL I 139 -6.20 -8.80 4.45
CA VAL I 139 -6.62 -7.89 3.38
C VAL I 139 -6.70 -6.44 3.90
N ASP I 140 -7.38 -6.27 5.02
CA ASP I 140 -7.55 -4.95 5.61
C ASP I 140 -6.20 -4.30 5.90
N GLU I 141 -5.36 -5.02 6.64
CA GLU I 141 -4.07 -4.47 7.08
C GLU I 141 -3.11 -4.27 5.91
N ALA I 142 -3.09 -5.22 5.00
CA ALA I 142 -2.24 -5.15 3.85
C ALA I 142 -2.58 -3.97 2.96
N ALA I 143 -3.88 -3.75 2.73
CA ALA I 143 -4.29 -2.64 1.87
C ALA I 143 -3.78 -1.28 2.39
N LYS I 144 -3.86 -1.09 3.71
CA LYS I 144 -3.46 0.16 4.35
C LYS I 144 -1.96 0.41 4.19
N LEU I 145 -1.18 -0.65 4.36
CA LEU I 145 0.23 -0.62 4.18
C LEU I 145 0.64 -0.41 2.71
N PHE I 146 -0.15 -0.96 1.79
CA PHE I 146 0.12 -0.79 0.36
C PHE I 146 -0.06 0.66 -0.03
N VAL I 147 -1.14 1.26 0.45
CA VAL I 147 -1.41 2.67 0.17
C VAL I 147 -0.27 3.54 0.67
N PHE I 148 0.18 3.24 1.89
CA PHE I 148 1.22 4.00 2.52
C PHE I 148 2.52 3.93 1.69
N LEU I 149 2.96 2.72 1.38
CA LEU I 149 4.15 2.51 0.61
C LEU I 149 4.07 3.13 -0.76
N ASN I 150 2.92 2.98 -1.39
CA ASN I 150 2.71 3.58 -2.71
C ASN I 150 2.97 5.10 -2.70
N SER I 151 2.54 5.78 -1.63
CA SER I 151 2.65 7.21 -1.54
C SER I 151 4.13 7.66 -1.31
N ILE I 152 4.97 6.73 -0.85
CA ILE I 152 6.38 7.01 -0.65
C ILE I 152 7.12 7.01 -1.97
N ALA I 153 6.86 6.00 -2.80
CA ALA I 153 7.49 5.85 -4.10
C ALA I 153 9.01 6.09 -3.97
N PRO I 154 9.69 5.24 -3.20
CA PRO I 154 11.05 5.44 -2.82
C PRO I 154 12.06 5.39 -3.98
N PHE I 155 11.72 4.74 -5.09
CA PHE I 155 12.64 4.65 -6.22
C PHE I 155 12.33 5.64 -7.33
N ARG I 156 13.36 5.98 -8.13
CA ARG I 156 13.18 6.87 -9.28
C ARG I 156 12.15 6.31 -10.27
N ALA I 157 12.16 4.99 -10.43
CA ALA I 157 11.20 4.28 -11.27
C ALA I 157 11.19 2.83 -10.86
N GLY I 158 10.19 2.11 -11.35
CA GLY I 158 10.05 0.70 -11.04
C GLY I 158 9.42 0.44 -9.68
N ASN I 159 8.77 1.46 -9.10
CA ASN I 159 8.10 1.30 -7.82
C ASN I 159 7.00 0.26 -7.89
N GLU I 160 6.17 0.33 -8.91
CA GLU I 160 4.94 -0.51 -8.99
C GLU I 160 5.24 -2.00 -8.98
N PRO I 161 5.98 -2.52 -9.99
CA PRO I 161 6.33 -3.95 -9.93
C PRO I 161 7.11 -4.38 -8.69
N THR I 162 7.96 -3.51 -8.15
CA THR I 162 8.70 -3.83 -6.93
C THR I 162 7.79 -4.03 -5.73
N GLN I 163 6.88 -3.11 -5.51
CA GLN I 163 5.90 -3.17 -4.43
C GLN I 163 4.97 -4.38 -4.56
N ARG I 164 4.57 -4.69 -5.77
CA ARG I 164 3.69 -5.85 -6.00
C ARG I 164 4.39 -7.14 -5.63
N VAL I 165 5.65 -7.30 -6.05
CA VAL I 165 6.39 -8.52 -5.70
C VAL I 165 6.54 -8.61 -4.19
N PHE I 166 6.80 -7.47 -3.55
CA PHE I 166 6.97 -7.41 -2.10
C PHE I 166 5.66 -7.92 -1.41
N PHE I 167 4.52 -7.38 -1.83
CA PHE I 167 3.25 -7.74 -1.19
C PHE I 167 2.80 -9.15 -1.52
N GLU I 168 3.09 -9.63 -2.72
CA GLU I 168 2.81 -11.04 -3.03
C GLU I 168 3.62 -11.97 -2.12
N LYS I 169 4.90 -11.62 -1.89
CA LYS I 169 5.75 -12.40 -0.98
C LYS I 169 5.30 -12.28 0.47
N LEU I 170 4.84 -11.11 0.86
CA LEU I 170 4.32 -10.87 2.20
C LEU I 170 3.06 -11.74 2.45
N ALA I 171 2.15 -11.76 1.48
CA ALA I 171 0.94 -12.56 1.55
C ALA I 171 1.25 -14.04 1.71
N GLU I 172 2.16 -14.53 0.86
CA GLU I 172 2.60 -15.91 0.94
C GLU I 172 3.13 -16.24 2.33
N ALA I 173 4.05 -15.42 2.85
CA ALA I 173 4.61 -15.67 4.18
C ALA I 173 3.57 -15.57 5.29
N ALA I 174 2.52 -14.79 5.05
CA ALA I 174 1.43 -14.61 6.01
C ALA I 174 0.39 -15.73 5.91
N GLY I 175 0.62 -16.71 5.05
CA GLY I 175 -0.31 -17.84 4.88
C GLY I 175 -1.46 -17.57 3.92
N HIS I 176 -1.38 -16.48 3.15
CA HIS I 176 -2.41 -16.16 2.18
C HIS I 176 -1.78 -16.00 0.80
N GLN I 177 -2.48 -15.32 -0.09
CA GLN I 177 -2.03 -15.16 -1.47
C GLN I 177 -2.48 -13.80 -1.97
N LEU I 178 -1.65 -13.21 -2.83
CA LEU I 178 -2.01 -12.04 -3.62
C LEU I 178 -1.49 -12.24 -5.03
N ASP I 179 -2.35 -12.06 -6.04
CA ASP I 179 -1.90 -12.07 -7.42
C ASP I 179 -2.42 -10.84 -8.14
N PHE I 180 -1.58 -9.81 -8.24
CA PHE I 180 -1.98 -8.55 -8.85
C PHE I 180 -2.37 -8.72 -10.32
N SER I 181 -1.80 -9.73 -10.98
CA SER I 181 -2.07 -9.95 -12.40
C SER I 181 -3.54 -10.41 -12.65
N VAL I 182 -4.26 -10.77 -11.58
CA VAL I 182 -5.69 -11.12 -11.76
C VAL I 182 -6.56 -9.87 -11.90
N ALA I 183 -6.01 -8.69 -11.62
CA ALA I 183 -6.75 -7.44 -11.72
C ALA I 183 -6.16 -6.52 -12.78
N THR I 184 -7.01 -5.69 -13.36
CA THR I 184 -6.62 -4.79 -14.42
C THR I 184 -5.73 -3.62 -13.92
N GLU I 185 -4.89 -3.11 -14.81
CA GLU I 185 -3.98 -2.02 -14.46
C GLU I 185 -4.76 -0.75 -14.10
N LYS I 186 -5.84 -0.49 -14.85
CA LYS I 186 -6.72 0.65 -14.61
C LYS I 186 -7.25 0.65 -13.18
N ARG I 187 -7.61 -0.54 -12.68
CA ARG I 187 -8.22 -0.67 -11.36
C ARG I 187 -7.20 -0.47 -10.25
N ILE I 188 -6.03 -1.07 -10.42
CA ILE I 188 -4.93 -0.92 -9.47
C ILE I 188 -4.54 0.55 -9.32
N MET I 189 -4.45 1.24 -10.45
CA MET I 189 -4.15 2.67 -10.45
C MET I 189 -5.26 3.48 -9.75
N ARG I 190 -6.52 3.19 -10.08
CA ARG I 190 -7.62 3.91 -9.40
C ARG I 190 -7.56 3.75 -7.89
N ALA I 191 -7.22 2.55 -7.43
CA ALA I 191 -7.12 2.31 -6.00
C ALA I 191 -5.97 3.11 -5.39
N CYS I 192 -4.85 3.15 -6.08
CA CYS I 192 -3.69 3.95 -5.63
C CYS I 192 -4.07 5.43 -5.54
N ILE I 193 -4.76 5.92 -6.56
CA ILE I 193 -5.18 7.33 -6.59
C ILE I 193 -6.13 7.64 -5.42
N ASP I 194 -7.15 6.81 -5.23
CA ASP I 194 -8.05 6.97 -4.09
C ASP I 194 -7.29 7.02 -2.77
N GLY I 195 -6.32 6.10 -2.64
CA GLY I 195 -5.46 6.06 -1.49
C GLY I 195 -4.73 7.37 -1.19
N MET I 196 -4.43 8.16 -2.22
CA MET I 196 -3.71 9.43 -2.06
C MET I 196 -4.60 10.67 -2.06
N THR I 197 -5.86 10.52 -2.45
CA THR I 197 -6.76 11.67 -2.56
C THR I 197 -7.89 11.71 -1.53
N LEU I 198 -8.48 10.56 -1.20
CA LEU I 198 -9.68 10.55 -0.35
C LEU I 198 -9.38 10.72 1.15
N LYS I 199 -10.34 11.28 1.88
CA LYS I 199 -10.21 11.50 3.32
C LYS I 199 -9.98 10.19 4.07
N ASP I 200 -9.44 10.32 5.29
CA ASP I 200 -9.00 9.22 6.14
C ASP I 200 -9.64 7.85 5.88
N ASN I 201 -10.93 7.71 6.16
CA ASN I 201 -11.55 6.38 6.08
C ASN I 201 -11.65 5.82 4.66
N MET I 202 -12.12 6.64 3.73
CA MET I 202 -12.42 6.19 2.37
C MET I 202 -11.20 5.84 1.53
N ALA I 203 -10.03 6.40 1.88
CA ALA I 203 -8.81 6.23 1.09
C ALA I 203 -8.46 4.78 0.82
N TYR I 204 -8.66 3.95 1.83
CA TYR I 204 -8.29 2.54 1.75
C TYR I 204 -9.34 1.63 1.08
N LYS I 205 -10.55 2.14 0.87
CA LYS I 205 -11.72 1.29 0.52
C LYS I 205 -11.50 0.53 -0.79
N GLU I 206 -11.21 1.27 -1.85
CA GLU I 206 -10.91 0.69 -3.16
C GLU I 206 -9.73 -0.29 -3.14
N MET I 207 -8.75 -0.03 -2.30
CA MET I 207 -7.60 -0.94 -2.17
C MET I 207 -8.00 -2.23 -1.45
N LYS I 208 -8.79 -2.09 -0.38
CA LYS I 208 -9.40 -3.24 0.31
C LYS I 208 -10.20 -4.13 -0.65
N SER I 209 -11.06 -3.49 -1.42
CA SER I 209 -11.86 -4.16 -2.43
C SER I 209 -10.98 -4.92 -3.45
N LEU I 210 -9.93 -4.26 -3.94
CA LEU I 210 -9.00 -4.89 -4.86
C LEU I 210 -8.34 -6.11 -4.22
N PHE I 211 -7.84 -5.93 -3.01
CA PHE I 211 -7.15 -6.99 -2.30
C PHE I 211 -8.06 -8.19 -2.01
N GLU I 212 -9.31 -7.91 -1.65
CA GLU I 212 -10.33 -8.97 -1.49
C GLU I 212 -10.33 -9.86 -2.74
N ASP I 213 -10.42 -9.21 -3.90
CA ASP I 213 -10.48 -9.92 -5.18
C ASP I 213 -9.21 -10.69 -5.52
N ILE I 214 -8.08 -10.05 -5.38
CA ILE I 214 -6.83 -10.63 -5.79
C ILE I 214 -6.21 -11.63 -4.78
N SER I 215 -6.80 -11.68 -3.59
CA SER I 215 -6.48 -12.66 -2.54
C SER I 215 -7.39 -13.89 -2.58
N ASP I 216 -8.38 -13.87 -3.47
CA ASP I 216 -9.39 -14.94 -3.53
C ASP I 216 -8.87 -16.14 -4.34
N PRO I 217 -8.59 -17.27 -3.65
CA PRO I 217 -7.99 -18.44 -4.31
C PRO I 217 -8.70 -18.89 -5.59
N LYS I 218 -10.01 -18.71 -5.64
CA LYS I 218 -10.77 -19.05 -6.84
C LYS I 218 -10.26 -18.23 -8.01
N LYS I 219 -10.41 -16.92 -7.88
CA LYS I 219 -9.99 -15.98 -8.92
C LYS I 219 -8.53 -16.11 -9.36
N ILE I 220 -7.62 -16.31 -8.40
CA ILE I 220 -6.22 -16.69 -8.74
C ILE I 220 -6.18 -17.89 -9.69
N HIS J 8 27.97 -31.90 -13.75
CA HIS J 8 27.34 -31.51 -15.05
C HIS J 8 27.00 -30.02 -15.09
N MET J 9 26.35 -29.53 -14.04
CA MET J 9 25.83 -28.15 -14.02
C MET J 9 26.91 -27.06 -13.90
N ALA J 10 28.13 -27.42 -13.51
CA ALA J 10 29.21 -26.43 -13.35
C ALA J 10 29.62 -25.79 -14.68
N ARG J 11 29.67 -26.60 -15.74
CA ARG J 11 29.98 -26.10 -17.08
C ARG J 11 29.04 -24.99 -17.55
N ASN J 12 27.83 -24.92 -16.99
CA ASN J 12 26.85 -23.90 -17.36
C ASN J 12 27.14 -22.46 -16.93
N TYR J 13 28.10 -22.26 -16.02
CA TYR J 13 28.61 -20.92 -15.75
C TYR J 13 29.45 -20.37 -16.92
N ALA J 14 30.06 -21.27 -17.69
CA ALA J 14 30.92 -20.86 -18.79
C ALA J 14 30.20 -21.09 -20.13
N TYR J 15 30.70 -20.49 -21.20
CA TYR J 15 30.09 -20.67 -22.53
C TYR J 15 30.31 -22.10 -23.04
N PRO J 16 29.46 -22.58 -23.93
CA PRO J 16 29.51 -24.06 -24.12
C PRO J 16 30.81 -24.75 -24.67
N HIS J 17 31.73 -24.05 -25.31
CA HIS J 17 33.04 -24.72 -25.60
C HIS J 17 34.33 -23.95 -25.40
N MET J 18 34.20 -22.90 -24.63
CA MET J 18 35.35 -22.23 -24.03
C MET J 18 35.16 -22.04 -22.54
N ASN J 19 36.28 -21.85 -21.86
CA ASN J 19 36.31 -21.67 -20.42
C ASN J 19 35.84 -20.28 -19.96
N THR J 20 35.69 -19.31 -20.88
CA THR J 20 35.26 -17.95 -20.47
C THR J 20 33.89 -17.96 -19.79
N LEU J 21 33.78 -17.21 -18.70
CA LEU J 21 32.55 -17.13 -17.93
C LEU J 21 31.49 -16.32 -18.68
N LYS J 22 30.25 -16.81 -18.64
CA LYS J 22 29.14 -16.13 -19.28
C LYS J 22 29.01 -14.77 -18.64
N ASN J 23 28.76 -13.75 -19.45
CA ASN J 23 28.67 -12.40 -18.93
C ASN J 23 27.74 -11.55 -19.74
N LYS J 24 27.21 -10.50 -19.10
CA LYS J 24 26.22 -9.62 -19.72
C LYS J 24 26.79 -8.78 -20.86
N HIS J 25 28.11 -8.71 -20.97
CA HIS J 25 28.74 -7.95 -22.04
C HIS J 25 28.92 -8.79 -23.31
N ASN J 26 28.65 -10.09 -23.25
CA ASN J 26 28.89 -11.01 -24.35
C ASN J 26 30.35 -11.01 -24.78
N ILE J 27 31.26 -10.86 -23.81
CA ILE J 27 32.69 -10.85 -24.07
C ILE J 27 33.23 -12.26 -23.98
N MET J 28 34.00 -12.66 -24.99
CA MET J 28 34.49 -14.03 -25.10
C MET J 28 35.95 -14.20 -24.65
N SER J 29 36.68 -13.10 -24.57
CA SER J 29 38.06 -13.15 -24.12
C SER J 29 38.09 -13.03 -22.60
N THR J 30 38.72 -14.01 -21.94
CA THR J 30 38.86 -13.98 -20.48
C THR J 30 39.68 -12.77 -20.02
N LYS J 31 40.70 -12.43 -20.78
CA LYS J 31 41.52 -11.27 -20.50
C LYS J 31 40.72 -9.97 -20.55
N LYS J 32 39.98 -9.76 -21.63
CA LYS J 32 39.18 -8.56 -21.78
C LYS J 32 38.08 -8.49 -20.71
N LEU J 33 37.48 -9.65 -20.42
CA LEU J 33 36.44 -9.73 -19.40
C LEU J 33 36.97 -9.25 -18.05
N ALA J 34 38.15 -9.73 -17.68
CA ALA J 34 38.82 -9.29 -16.45
C ALA J 34 38.91 -7.76 -16.36
N HIS J 35 39.36 -7.12 -17.44
CA HIS J 35 39.51 -5.66 -17.48
C HIS J 35 38.18 -4.92 -17.32
N VAL J 36 37.18 -5.31 -18.11
CA VAL J 36 35.85 -4.71 -18.04
C VAL J 36 35.26 -4.90 -16.65
N CYS J 37 35.53 -6.06 -16.10
CA CYS J 37 35.09 -6.41 -14.77
C CYS J 37 35.68 -5.48 -13.72
N GLU J 38 36.98 -5.29 -13.75
CA GLU J 38 37.65 -4.35 -12.84
C GLU J 38 37.08 -2.94 -12.98
N HIS J 39 36.76 -2.55 -14.21
CA HIS J 39 36.17 -1.23 -14.47
C HIS J 39 34.86 -1.02 -13.69
N TYR J 40 33.91 -1.92 -13.86
CA TYR J 40 32.59 -1.79 -13.21
C TYR J 40 32.66 -1.94 -11.71
N ALA J 41 33.52 -2.83 -11.24
CA ALA J 41 33.74 -2.99 -9.83
C ALA J 41 34.17 -1.68 -9.17
N LYS J 42 35.12 -0.98 -9.79
CA LYS J 42 35.58 0.31 -9.31
C LYS J 42 34.46 1.35 -9.27
N LYS J 43 33.64 1.39 -10.31
CA LYS J 43 32.49 2.31 -10.32
C LYS J 43 31.49 2.00 -9.20
N ALA J 44 31.26 0.73 -8.94
CA ALA J 44 30.29 0.31 -7.91
C ALA J 44 30.79 0.63 -6.50
N ILE J 45 32.12 0.54 -6.32
CA ILE J 45 32.74 0.86 -5.04
C ILE J 45 32.49 2.32 -4.70
N ILE J 46 32.46 3.18 -5.71
CA ILE J 46 32.26 4.60 -5.47
C ILE J 46 30.90 4.85 -4.82
N ASN J 47 29.85 4.22 -5.35
CA ASN J 47 28.54 4.35 -4.75
C ASN J 47 28.43 3.62 -3.43
N LEU J 48 29.02 2.44 -3.36
CA LEU J 48 29.09 1.70 -2.13
C LEU J 48 29.74 2.47 -0.99
N ASN J 49 30.81 3.21 -1.27
CA ASN J 49 31.53 3.99 -0.23
C ASN J 49 30.72 5.14 0.32
N LYS J 50 29.66 5.53 -0.37
CA LYS J 50 28.73 6.52 0.16
C LYS J 50 27.77 5.94 1.19
N GLU J 51 27.73 4.62 1.33
CA GLU J 51 26.72 4.01 2.19
C GLU J 51 27.24 3.84 3.61
N PRO J 52 26.34 3.95 4.61
CA PRO J 52 26.76 3.68 5.97
C PRO J 52 27.21 2.24 6.13
N LEU J 53 28.11 2.02 7.08
CA LEU J 53 28.57 0.69 7.38
C LEU J 53 27.42 -0.04 8.07
N PRO J 54 27.22 -1.32 7.75
CA PRO J 54 26.10 -2.05 8.30
C PRO J 54 26.32 -2.33 9.78
N GLN J 55 25.23 -2.50 10.52
CA GLN J 55 25.31 -2.92 11.92
C GLN J 55 25.78 -4.36 12.07
N LYS J 56 25.34 -5.24 11.18
CA LYS J 56 25.77 -6.65 11.22
C LYS J 56 26.66 -6.93 10.05
N PHE J 57 27.87 -7.40 10.34
CA PHE J 57 28.76 -7.89 9.30
C PHE J 57 28.53 -9.40 9.17
N ASP J 58 27.92 -9.80 8.07
CA ASP J 58 27.50 -11.18 7.88
C ASP J 58 27.50 -11.52 6.39
N SER J 59 27.12 -12.75 6.07
CA SER J 59 27.15 -13.28 4.71
C SER J 59 26.18 -12.53 3.83
N SER J 60 25.06 -12.11 4.37
CA SER J 60 24.17 -11.23 3.63
C SER J 60 24.87 -9.92 3.11
N TYR J 61 25.64 -9.26 3.96
CA TYR J 61 26.43 -8.09 3.53
C TYR J 61 27.51 -8.44 2.52
N LEU J 62 28.18 -9.57 2.74
CA LEU J 62 29.11 -10.11 1.76
C LEU J 62 28.47 -10.31 0.38
N LYS J 63 27.29 -10.93 0.35
CA LYS J 63 26.59 -11.14 -0.90
C LYS J 63 26.19 -9.83 -1.57
N TYR J 64 25.74 -8.86 -0.78
CA TYR J 64 25.35 -7.56 -1.29
C TYR J 64 26.59 -6.86 -1.94
N ILE J 65 27.76 -7.01 -1.33
CA ILE J 65 28.99 -6.44 -1.92
C ILE J 65 29.27 -7.07 -3.26
N HIS J 66 29.18 -8.40 -3.29
CA HIS J 66 29.42 -9.13 -4.52
C HIS J 66 28.40 -8.72 -5.57
N GLN J 67 27.16 -8.58 -5.13
CA GLN J 67 26.08 -8.16 -6.04
C GLN J 67 26.44 -6.82 -6.66
N ARG J 68 26.80 -5.86 -5.82
CA ARG J 68 27.16 -4.54 -6.32
C ARG J 68 28.38 -4.53 -7.21
N LEU J 69 29.38 -5.32 -6.87
CA LEU J 69 30.61 -5.36 -7.64
C LEU J 69 30.42 -5.98 -9.02
N PHE J 70 29.51 -6.94 -9.14
CA PHE J 70 29.43 -7.76 -10.35
C PHE J 70 28.10 -7.77 -11.11
N GLU J 71 27.12 -7.00 -10.65
CA GLU J 71 25.77 -7.03 -11.25
C GLU J 71 25.71 -6.52 -12.70
N SER J 72 26.72 -5.76 -13.12
CA SER J 72 26.81 -5.30 -14.51
C SER J 72 27.43 -6.33 -15.46
N THR J 73 28.06 -7.35 -14.87
CA THR J 73 28.84 -8.35 -15.59
C THR J 73 28.27 -9.77 -15.48
N PHE J 74 27.89 -10.20 -14.28
CA PHE J 74 27.42 -11.56 -14.09
C PHE J 74 25.97 -11.59 -13.63
N GLU J 75 25.19 -12.40 -14.33
CA GLU J 75 23.77 -12.57 -14.03
C GLU J 75 23.56 -13.09 -12.62
N TRP J 76 24.48 -13.92 -12.15
CA TRP J 76 24.40 -14.57 -10.82
C TRP J 76 25.05 -13.74 -9.71
N ALA J 77 25.41 -12.48 -9.99
CA ALA J 77 26.06 -11.67 -8.98
C ALA J 77 25.26 -11.71 -7.71
N GLY J 78 25.94 -11.95 -6.59
CA GLY J 78 25.29 -11.96 -5.27
C GLY J 78 24.81 -13.34 -4.84
N TYR J 79 24.71 -14.26 -5.80
CA TYR J 79 24.35 -15.62 -5.54
C TYR J 79 25.58 -16.49 -5.35
N THR J 80 25.56 -17.35 -4.35
CA THR J 80 26.65 -18.26 -4.05
C THR J 80 26.57 -19.51 -4.95
N ARG J 81 27.64 -20.30 -4.97
CA ARG J 81 27.76 -21.38 -5.96
C ARG J 81 27.00 -22.65 -5.58
N ASP J 82 26.38 -22.64 -4.40
CA ASP J 82 25.45 -23.66 -4.00
C ASP J 82 24.03 -23.27 -4.44
N PHE J 83 23.85 -22.04 -4.90
CA PHE J 83 22.57 -21.59 -5.41
C PHE J 83 22.38 -22.08 -6.82
N SER J 84 21.27 -22.77 -7.06
CA SER J 84 20.98 -23.29 -8.39
C SER J 84 20.44 -22.15 -9.24
N PHE J 85 21.30 -21.60 -10.09
CA PHE J 85 21.01 -20.36 -10.79
C PHE J 85 20.53 -20.60 -12.21
N THR J 86 19.41 -19.98 -12.56
CA THR J 86 18.89 -20.08 -13.93
C THR J 86 19.33 -18.86 -14.75
N PHE J 87 20.17 -19.12 -15.74
CA PHE J 87 20.60 -18.08 -16.67
C PHE J 87 19.48 -17.67 -17.59
N ASP J 88 19.65 -16.51 -18.20
CA ASP J 88 18.74 -15.95 -19.20
C ASP J 88 18.57 -16.92 -20.41
N ASP J 89 19.62 -17.69 -20.69
CA ASP J 89 19.63 -18.62 -21.81
C ASP J 89 18.90 -19.94 -21.51
N GLY J 90 18.39 -20.10 -20.29
CA GLY J 90 17.62 -21.30 -19.91
C GLY J 90 18.41 -22.34 -19.13
N THR J 91 19.75 -22.26 -19.14
CA THR J 91 20.57 -23.24 -18.45
C THR J 91 20.62 -22.97 -16.96
N VAL J 92 20.97 -24.02 -16.20
CA VAL J 92 20.97 -23.95 -14.74
C VAL J 92 22.37 -24.28 -14.24
N ALA J 93 22.95 -23.40 -13.44
CA ALA J 93 24.34 -23.55 -13.02
C ALA J 93 24.49 -23.69 -11.50
N GLU J 94 25.40 -24.57 -11.08
CA GLU J 94 25.76 -24.79 -9.66
C GLU J 94 27.20 -25.31 -9.72
N MET J 95 27.96 -25.00 -8.70
CA MET J 95 29.33 -25.50 -8.64
C MET J 95 29.75 -25.93 -7.23
N PRO J 96 29.41 -27.17 -6.87
CA PRO J 96 29.73 -27.69 -5.55
C PRO J 96 31.22 -27.92 -5.31
N MET J 97 31.95 -28.31 -6.36
CA MET J 97 33.37 -28.60 -6.24
C MET J 97 34.15 -27.53 -6.96
N MET J 98 35.00 -26.83 -6.22
CA MET J 98 35.88 -25.82 -6.80
C MET J 98 37.27 -25.96 -6.22
N LYS J 99 38.24 -26.16 -7.10
CA LYS J 99 39.62 -26.41 -6.71
C LYS J 99 40.36 -25.10 -6.54
N VAL J 100 41.36 -25.12 -5.66
CA VAL J 100 42.24 -23.98 -5.53
C VAL J 100 43.14 -23.96 -6.76
N PRO J 101 43.24 -22.80 -7.45
CA PRO J 101 44.00 -22.75 -8.70
C PRO J 101 45.44 -23.23 -8.54
N ASN J 102 45.88 -24.09 -9.46
CA ASN J 102 47.26 -24.60 -9.50
C ASN J 102 47.66 -25.60 -8.39
N LEU J 103 46.85 -25.75 -7.34
CA LEU J 103 47.12 -26.70 -6.26
C LEU J 103 46.10 -27.82 -6.23
N ASP J 104 46.44 -28.93 -5.57
CA ASP J 104 45.56 -30.09 -5.48
C ASP J 104 44.72 -30.10 -4.20
N ILE J 105 44.17 -28.94 -3.84
CA ILE J 105 43.29 -28.80 -2.69
C ILE J 105 41.97 -28.18 -3.12
N PHE J 106 40.90 -28.50 -2.41
CA PHE J 106 39.56 -27.99 -2.73
C PHE J 106 39.09 -26.95 -1.71
N TYR J 107 38.37 -25.93 -2.17
CA TYR J 107 37.60 -25.06 -1.28
C TYR J 107 36.45 -25.86 -0.66
N VAL J 108 35.75 -25.26 0.28
CA VAL J 108 34.60 -25.90 0.92
C VAL J 108 33.61 -26.44 -0.13
N GLN J 109 33.20 -27.69 0.04
CA GLN J 109 32.19 -28.30 -0.82
C GLN J 109 30.90 -27.53 -0.78
N GLY J 110 30.22 -27.48 -1.93
CA GLY J 110 28.99 -26.72 -2.07
C GLY J 110 27.96 -27.00 -0.99
N ASN J 111 27.81 -28.26 -0.64
CA ASN J 111 26.84 -28.67 0.37
C ASN J 111 27.11 -28.15 1.79
N ASP J 112 28.34 -27.71 2.03
CA ASP J 112 28.76 -27.19 3.34
C ASP J 112 28.90 -25.67 3.36
N ILE J 113 28.63 -25.01 2.24
CA ILE J 113 28.81 -23.58 2.18
C ILE J 113 27.95 -22.84 3.20
N GLN J 114 26.67 -23.18 3.26
CA GLN J 114 25.72 -22.49 4.13
C GLN J 114 26.08 -22.64 5.60
N GLU J 115 26.44 -23.84 6.01
CA GLU J 115 26.81 -24.10 7.39
C GLU J 115 28.07 -23.30 7.79
N ASN J 116 29.06 -23.29 6.91
CA ASN J 116 30.27 -22.48 7.13
C ASN J 116 30.04 -20.98 7.16
N LEU J 117 29.22 -20.47 6.25
CA LEU J 117 28.86 -19.05 6.25
C LEU J 117 28.13 -18.69 7.53
N LYS J 118 27.23 -19.57 7.97
CA LYS J 118 26.55 -19.38 9.22
C LYS J 118 27.56 -19.31 10.38
N LYS J 119 28.51 -20.26 10.42
CA LYS J 119 29.55 -20.28 11.47
C LYS J 119 30.37 -18.97 11.43
N PHE J 120 30.70 -18.53 10.22
CA PHE J 120 31.34 -17.24 9.99
C PHE J 120 30.54 -16.06 10.57
N ASP J 121 29.25 -16.02 10.29
CA ASP J 121 28.36 -14.99 10.83
C ASP J 121 28.30 -15.01 12.37
N GLN J 122 28.24 -16.21 12.94
CA GLN J 122 28.19 -16.39 14.40
C GLN J 122 29.46 -15.91 15.10
N LEU J 123 30.62 -16.26 14.55
CA LEU J 123 31.91 -15.78 15.08
C LEU J 123 31.98 -14.27 15.16
N LEU J 124 31.60 -13.60 14.07
CA LEU J 124 31.62 -12.15 14.02
C LEU J 124 30.68 -11.52 15.03
N ALA J 125 29.46 -12.06 15.09
CA ALA J 125 28.43 -11.57 16.01
C ALA J 125 28.86 -11.75 17.46
N SER J 126 29.42 -12.91 17.75
CA SER J 126 29.85 -13.25 19.10
C SER J 126 31.04 -12.37 19.53
N LYS J 127 31.88 -12.00 18.56
CA LYS J 127 32.98 -11.06 18.81
C LYS J 127 32.64 -9.59 18.52
N ASN J 128 31.35 -9.28 18.40
CA ASN J 128 30.90 -7.91 18.19
C ASN J 128 31.60 -7.22 17.03
N ASN J 129 31.67 -7.90 15.89
CA ASN J 129 32.28 -7.37 14.66
C ASN J 129 33.72 -6.91 14.85
N LEU J 130 34.39 -7.52 15.83
CA LEU J 130 35.74 -7.18 16.22
C LEU J 130 35.96 -5.73 16.65
N GLN J 131 34.92 -5.14 17.24
CA GLN J 131 35.01 -3.78 17.78
C GLN J 131 35.60 -3.80 19.17
N GLY J 132 36.07 -2.64 19.62
CA GLY J 132 36.59 -2.46 20.97
C GLY J 132 37.88 -3.23 21.22
N LEU J 133 38.69 -3.34 20.19
CA LEU J 133 39.97 -4.05 20.28
C LEU J 133 41.11 -3.14 19.91
N SER J 134 42.30 -3.49 20.38
CA SER J 134 43.52 -2.81 19.96
C SER J 134 43.83 -3.28 18.54
N ARG J 135 44.63 -2.48 17.83
CA ARG J 135 45.02 -2.81 16.47
C ARG J 135 45.66 -4.19 16.38
N GLU J 136 46.47 -4.54 17.36
CA GLU J 136 47.11 -5.86 17.40
C GLU J 136 46.09 -6.98 17.53
N GLU J 137 45.14 -6.82 18.46
CA GLU J 137 44.10 -7.82 18.69
C GLU J 137 43.18 -7.95 17.49
N PHE J 138 42.84 -6.82 16.88
CA PHE J 138 42.05 -6.82 15.66
C PHE J 138 42.76 -7.59 14.56
N VAL J 139 44.03 -7.26 14.33
CA VAL J 139 44.83 -7.94 13.31
C VAL J 139 44.81 -9.44 13.50
N ASP J 140 45.02 -9.88 14.74
CA ASP J 140 45.03 -11.31 15.05
C ASP J 140 43.70 -11.94 14.70
N GLU J 141 42.62 -11.38 15.22
CA GLU J 141 41.28 -11.96 15.03
C GLU J 141 40.84 -11.88 13.58
N ALA J 142 41.12 -10.74 12.94
CA ALA J 142 40.72 -10.52 11.56
C ALA J 142 41.40 -11.51 10.61
N ALA J 143 42.69 -11.73 10.81
CA ALA J 143 43.44 -12.64 9.97
C ALA J 143 42.87 -14.06 9.99
N LYS J 144 42.48 -14.53 11.18
CA LYS J 144 41.91 -15.88 11.34
C LYS J 144 40.59 -16.01 10.58
N LEU J 145 39.77 -14.98 10.70
CA LEU J 145 38.48 -14.94 10.01
C LEU J 145 38.64 -14.82 8.51
N PHE J 146 39.67 -14.12 8.06
CA PHE J 146 39.93 -13.97 6.62
C PHE J 146 40.30 -15.30 6.01
N VAL J 147 41.18 -16.03 6.70
CA VAL J 147 41.61 -17.34 6.26
C VAL J 147 40.42 -18.28 6.15
N PHE J 148 39.57 -18.23 7.16
CA PHE J 148 38.36 -19.06 7.19
C PHE J 148 37.47 -18.77 6.00
N LEU J 149 37.11 -17.51 5.82
CA LEU J 149 36.23 -17.10 4.72
C LEU J 149 36.85 -17.42 3.36
N ASN J 150 38.14 -17.18 3.23
CA ASN J 150 38.82 -17.48 1.99
C ASN J 150 38.68 -18.94 1.59
N SER J 151 38.74 -19.84 2.57
CA SER J 151 38.64 -21.28 2.31
C SER J 151 37.23 -21.72 1.90
N ILE J 152 36.25 -20.89 2.21
CA ILE J 152 34.87 -21.15 1.84
C ILE J 152 34.65 -20.86 0.35
N ALA J 153 35.15 -19.71 -0.09
CA ALA J 153 35.01 -19.27 -1.46
C ALA J 153 33.57 -19.46 -1.95
N PRO J 154 32.63 -18.74 -1.32
CA PRO J 154 31.20 -19.01 -1.51
C PRO J 154 30.68 -18.68 -2.92
N PHE J 155 31.39 -17.82 -3.67
CA PHE J 155 30.95 -17.47 -5.02
C PHE J 155 31.71 -18.21 -6.12
N ARG J 156 31.08 -18.33 -7.28
CA ARG J 156 31.68 -19.00 -8.44
C ARG J 156 32.96 -18.30 -8.86
N ALA J 157 32.96 -16.97 -8.75
CA ALA J 157 34.13 -16.15 -8.98
C ALA J 157 33.94 -14.81 -8.31
N GLY J 158 35.01 -14.04 -8.23
CA GLY J 158 34.97 -12.74 -7.61
C GLY J 158 35.04 -12.79 -6.09
N ASN J 159 35.53 -13.90 -5.55
CA ASN J 159 35.65 -14.05 -4.10
C ASN J 159 36.64 -13.05 -3.54
N GLU J 160 37.80 -12.94 -4.17
CA GLU J 160 38.90 -12.15 -3.62
C GLU J 160 38.50 -10.69 -3.41
N PRO J 161 38.10 -9.98 -4.50
CA PRO J 161 37.77 -8.55 -4.30
C PRO J 161 36.60 -8.34 -3.36
N THR J 162 35.66 -9.28 -3.35
CA THR J 162 34.51 -9.19 -2.46
C THR J 162 34.91 -9.27 -1.00
N GLN J 163 35.69 -10.28 -0.66
CA GLN J 163 36.17 -10.45 0.71
C GLN J 163 37.06 -9.26 1.17
N ARG J 164 37.88 -8.73 0.27
CA ARG J 164 38.72 -7.58 0.64
C ARG J 164 37.88 -6.38 1.00
N VAL J 165 36.86 -6.08 0.19
CA VAL J 165 36.03 -4.93 0.48
C VAL J 165 35.34 -5.16 1.83
N PHE J 166 34.91 -6.38 2.07
CA PHE J 166 34.21 -6.73 3.30
C PHE J 166 35.11 -6.46 4.50
N PHE J 167 36.34 -6.94 4.43
CA PHE J 167 37.29 -6.74 5.54
C PHE J 167 37.76 -5.31 5.70
N GLU J 168 37.90 -4.56 4.60
CA GLU J 168 38.23 -3.15 4.72
C GLU J 168 37.11 -2.40 5.45
N LYS J 169 35.86 -2.74 5.11
CA LYS J 169 34.70 -2.15 5.78
C LYS J 169 34.61 -2.57 7.24
N LEU J 170 34.95 -3.82 7.51
CA LEU J 170 34.96 -4.34 8.87
C LEU J 170 35.99 -3.60 9.75
N ALA J 171 37.18 -3.41 9.19
CA ALA J 171 38.24 -2.69 9.88
C ALA J 171 37.82 -1.27 10.22
N GLU J 172 37.27 -0.57 9.22
CA GLU J 172 36.78 0.79 9.40
C GLU J 172 35.76 0.85 10.54
N ALA J 173 34.78 -0.02 10.51
CA ALA J 173 33.75 -0.05 11.57
C ALA J 173 34.33 -0.41 12.93
N ALA J 174 35.42 -1.17 12.93
CA ALA J 174 36.09 -1.57 14.17
C ALA J 174 37.06 -0.51 14.70
N GLY J 175 37.12 0.65 14.04
CA GLY J 175 37.98 1.73 14.45
C GLY J 175 39.42 1.62 13.96
N HIS J 176 39.67 0.72 13.01
CA HIS J 176 40.99 0.57 12.44
C HIS J 176 40.92 0.75 10.91
N GLN J 177 41.94 0.26 10.21
CA GLN J 177 42.09 0.46 8.76
C GLN J 177 42.71 -0.80 8.17
N LEU J 178 42.25 -1.16 6.97
CA LEU J 178 42.91 -2.17 6.15
C LEU J 178 42.92 -1.68 4.72
N ASP J 179 44.09 -1.69 4.10
CA ASP J 179 44.18 -1.35 2.68
C ASP J 179 44.98 -2.41 1.95
N PHE J 180 44.27 -3.35 1.33
CA PHE J 180 44.91 -4.47 0.63
C PHE J 180 45.80 -3.98 -0.52
N SER J 181 45.49 -2.83 -1.11
CA SER J 181 46.26 -2.31 -2.23
C SER J 181 47.69 -1.88 -1.80
N VAL J 182 47.93 -1.81 -0.50
CA VAL J 182 49.25 -1.51 0.06
C VAL J 182 50.22 -2.69 -0.12
N ALA J 183 49.67 -3.89 -0.35
CA ALA J 183 50.46 -5.10 -0.46
C ALA J 183 50.33 -5.75 -1.83
N THR J 184 51.39 -6.46 -2.23
CA THR J 184 51.43 -7.15 -3.52
C THR J 184 50.43 -8.29 -3.62
N GLU J 185 50.00 -8.57 -4.86
CA GLU J 185 49.10 -9.69 -5.11
C GLU J 185 49.75 -11.02 -4.77
N LYS J 186 51.04 -11.15 -5.12
CA LYS J 186 51.82 -12.35 -4.82
C LYS J 186 51.82 -12.68 -3.32
N ARG J 187 51.94 -11.65 -2.49
CA ARG J 187 51.99 -11.83 -1.04
C ARG J 187 50.64 -12.23 -0.47
N ILE J 188 49.60 -11.56 -0.91
CA ILE J 188 48.24 -11.86 -0.46
C ILE J 188 47.89 -13.31 -0.79
N MET J 189 48.23 -13.74 -2.00
CA MET J 189 48.02 -15.11 -2.41
C MET J 189 48.82 -16.09 -1.55
N ARG J 190 50.10 -15.79 -1.32
CA ARG J 190 50.98 -16.61 -0.47
C ARG J 190 50.34 -16.83 0.92
N ALA J 191 49.79 -15.76 1.48
CA ALA J 191 49.14 -15.83 2.79
C ALA J 191 47.88 -16.71 2.75
N CYS J 192 47.09 -16.56 1.69
CA CYS J 192 45.89 -17.38 1.52
C CYS J 192 46.27 -18.86 1.41
N ILE J 193 47.30 -19.14 0.63
CA ILE J 193 47.76 -20.51 0.43
C ILE J 193 48.23 -21.12 1.76
N ASP J 194 49.07 -20.38 2.48
CA ASP J 194 49.52 -20.84 3.80
C ASP J 194 48.33 -21.15 4.68
N GLY J 195 47.34 -20.26 4.65
CA GLY J 195 46.11 -20.44 5.42
C GLY J 195 45.38 -21.75 5.15
N MET J 196 45.51 -22.26 3.93
CA MET J 196 44.86 -23.52 3.55
C MET J 196 45.74 -24.77 3.58
N THR J 197 47.06 -24.58 3.70
CA THR J 197 47.99 -25.70 3.65
C THR J 197 48.66 -26.01 4.98
N LEU J 198 49.03 -24.99 5.76
CA LEU J 198 49.84 -25.22 6.96
C LEU J 198 49.03 -25.70 8.17
N LYS J 199 49.70 -26.47 9.04
CA LYS J 199 49.08 -26.99 10.26
C LYS J 199 48.54 -25.88 11.15
N ASP J 200 47.60 -26.26 12.02
CA ASP J 200 46.82 -25.35 12.88
C ASP J 200 47.45 -23.99 13.17
N ASN J 201 48.55 -23.97 13.92
CA ASN J 201 49.14 -22.73 14.40
C ASN J 201 49.68 -21.85 13.27
N MET J 202 50.48 -22.45 12.40
CA MET J 202 51.23 -21.72 11.38
C MET J 202 50.39 -21.13 10.25
N ALA J 203 49.20 -21.71 10.04
CA ALA J 203 48.34 -21.31 8.93
C ALA J 203 48.05 -19.80 8.90
N TYR J 204 47.83 -19.22 10.07
CA TYR J 204 47.44 -17.82 10.21
C TYR J 204 48.63 -16.83 10.18
N LYS J 205 49.85 -17.33 10.30
CA LYS J 205 51.00 -16.45 10.54
C LYS J 205 51.20 -15.42 9.45
N GLU J 206 51.37 -15.90 8.23
CA GLU J 206 51.56 -15.04 7.07
C GLU J 206 50.43 -14.04 6.87
N MET J 207 49.21 -14.44 7.21
CA MET J 207 48.06 -13.55 7.12
C MET J 207 48.10 -12.46 8.20
N LYS J 208 48.46 -12.86 9.41
CA LYS J 208 48.70 -11.89 10.46
C LYS J 208 49.77 -10.87 10.07
N SER J 209 50.89 -11.36 9.58
CA SER J 209 51.99 -10.50 9.12
C SER J 209 51.51 -9.52 8.04
N LEU J 210 50.74 -10.02 7.08
CA LEU J 210 50.17 -9.17 6.04
C LEU J 210 49.26 -8.09 6.65
N PHE J 211 48.37 -8.50 7.54
CA PHE J 211 47.42 -7.59 8.17
C PHE J 211 48.12 -6.53 9.02
N GLU J 212 49.16 -6.92 9.74
CA GLU J 212 50.01 -5.96 10.46
C GLU J 212 50.42 -4.83 9.54
N ASP J 213 50.96 -5.21 8.38
CA ASP J 213 51.44 -4.25 7.40
C ASP J 213 50.34 -3.38 6.78
N ILE J 214 49.26 -4.00 6.32
CA ILE J 214 48.20 -3.25 5.61
C ILE J 214 47.24 -2.51 6.55
N SER J 215 47.36 -2.73 7.85
CA SER J 215 46.63 -1.95 8.86
C SER J 215 47.46 -0.82 9.46
N ASP J 216 48.71 -0.68 9.04
CA ASP J 216 49.64 0.32 9.60
C ASP J 216 49.47 1.68 8.93
N PRO J 217 48.92 2.68 9.67
CA PRO J 217 48.62 4.01 9.10
C PRO J 217 49.79 4.66 8.38
N LYS J 218 51.02 4.38 8.81
CA LYS J 218 52.19 4.90 8.10
C LYS J 218 52.15 4.43 6.63
N LYS J 219 52.04 3.12 6.42
CA LYS J 219 52.02 2.55 5.07
C LYS J 219 50.61 2.63 4.42
#